data_2NV1
#
_entry.id   2NV1
#
_cell.length_a   101.055
_cell.length_b   106.202
_cell.length_c   182.332
_cell.angle_alpha   90.00
_cell.angle_beta   90.00
_cell.angle_gamma   90.00
#
_symmetry.space_group_name_H-M   'P 21 21 2'
#
loop_
_entity.id
_entity.type
_entity.pdbx_description
1 polymer 'Pyridoxal biosynthesis lyase pdxS'
2 non-polymer 'CHLORIDE ION'
3 non-polymer 'MAGNESIUM ION'
4 non-polymer 1,2-ETHANEDIOL
5 water water
#
_entity_poly.entity_id   1
_entity_poly.type   'polypeptide(L)'
_entity_poly.pdbx_seq_one_letter_code
;MASMAQTGTERVKRGMAEMQKGGVIMDVINAEQAKIAEEAGAVAVMALERVPADIRAAGGVARMADPTIVEEVMNAVSIP
VMAKARIGHIVEARVLEAMGVDYIDESEVLTPADEEFHLNKNEYTVPFVCGCRDLGEATRRIAEGASMLRTKGEPGTGNI
VEAVRHMRKVNAQVRKVVAMSEDELMTEAKNLGAPYELLLQIKKDGKLPVVNFAAGGVATPADAALMMQLGADGVFVGSG
IFKSDNPAKFAKAIVEATTHFTDYKLIAELSKELGTAMKGIEISNLLPEQRMQERGWLEHHHHHH
;
_entity_poly.pdbx_strand_id   A,B,C,D,E,F
#
# COMPACT_ATOMS: atom_id res chain seq x y z
N THR A 9 11.21 34.93 -40.90
CA THR A 9 11.92 33.96 -41.79
C THR A 9 12.67 32.87 -41.02
N GLU A 10 12.38 31.64 -41.43
CA GLU A 10 12.99 30.43 -40.90
C GLU A 10 14.52 30.52 -40.87
N ARG A 11 15.09 30.88 -42.03
CA ARG A 11 16.55 30.93 -42.22
C ARG A 11 17.23 31.86 -41.24
N VAL A 12 16.59 33.00 -40.97
CA VAL A 12 17.09 33.96 -39.99
C VAL A 12 17.09 33.35 -38.58
N LYS A 13 15.90 32.95 -38.13
CA LYS A 13 15.69 32.34 -36.82
C LYS A 13 16.70 31.20 -36.54
N ARG A 14 16.82 30.26 -37.49
CA ARG A 14 17.77 29.16 -37.36
C ARG A 14 19.24 29.66 -37.35
N GLY A 15 19.59 30.53 -38.29
CA GLY A 15 20.93 31.10 -38.38
C GLY A 15 21.37 31.73 -37.07
N MET A 16 20.43 32.48 -36.45
CA MET A 16 20.61 33.05 -35.11
C MET A 16 20.89 31.95 -34.07
N ALA A 17 20.03 30.92 -34.07
CA ALA A 17 20.17 29.80 -33.14
C ALA A 17 21.52 29.10 -33.33
N GLU A 18 21.88 28.93 -34.60
CA GLU A 18 23.11 28.24 -35.00
C GLU A 18 24.35 28.96 -34.53
N MET A 19 24.26 30.28 -34.34
CA MET A 19 25.38 31.10 -33.83
C MET A 19 25.91 30.58 -32.50
N GLN A 20 25.05 30.00 -31.67
CA GLN A 20 25.43 29.59 -30.30
C GLN A 20 26.22 28.28 -30.26
N LYS A 21 26.32 27.63 -31.42
CA LYS A 21 26.94 26.32 -31.58
C LYS A 21 28.37 26.21 -31.03
N GLY A 22 28.60 25.15 -30.25
CA GLY A 22 29.86 24.90 -29.55
C GLY A 22 29.92 25.55 -28.17
N GLY A 23 28.87 26.27 -27.77
CA GLY A 23 28.89 26.98 -26.52
C GLY A 23 28.04 26.49 -25.37
N VAL A 24 28.13 27.25 -24.28
CA VAL A 24 27.44 26.96 -23.02
C VAL A 24 26.42 28.04 -22.76
N ILE A 25 25.18 27.64 -22.47
CA ILE A 25 24.13 28.57 -22.06
C ILE A 25 23.89 28.30 -20.58
N MET A 26 23.79 29.35 -19.76
CA MET A 26 23.67 29.23 -18.31
C MET A 26 22.38 29.84 -17.74
N ASP A 27 21.75 29.13 -16.81
CA ASP A 27 20.61 29.68 -16.05
C ASP A 27 21.08 30.73 -15.07
N VAL A 28 20.43 31.88 -15.12
CA VAL A 28 20.79 33.02 -14.27
C VAL A 28 19.50 33.63 -13.71
N ILE A 29 19.54 34.03 -12.45
CA ILE A 29 18.34 34.58 -11.80
C ILE A 29 18.36 36.10 -11.58
N ASN A 30 19.48 36.75 -11.88
CA ASN A 30 19.63 38.18 -11.67
C ASN A 30 20.82 38.71 -12.48
N ALA A 31 21.00 40.02 -12.46
CA ALA A 31 22.05 40.73 -13.20
C ALA A 31 23.45 40.28 -12.79
N GLU A 32 23.64 40.03 -11.50
CA GLU A 32 24.93 39.63 -11.01
C GLU A 32 25.34 38.29 -11.66
N GLN A 33 24.43 37.31 -11.64
CA GLN A 33 24.72 35.99 -12.19
C GLN A 33 24.88 36.10 -13.70
N ALA A 34 24.04 36.92 -14.32
CA ALA A 34 24.11 37.20 -15.74
C ALA A 34 25.51 37.63 -16.10
N LYS A 35 26.00 38.64 -15.40
CA LYS A 35 27.35 39.17 -15.70
C LYS A 35 28.46 38.12 -15.55
N ILE A 36 28.40 37.34 -14.48
CA ILE A 36 29.33 36.25 -14.26
C ILE A 36 29.36 35.26 -15.42
N ALA A 37 28.18 34.93 -15.96
CA ALA A 37 28.09 33.95 -17.06
C ALA A 37 28.76 34.48 -18.32
N GLU A 38 28.44 35.74 -18.65
CA GLU A 38 28.97 36.39 -19.81
C GLU A 38 30.48 36.42 -19.74
N GLU A 39 30.93 36.81 -18.55
CA GLU A 39 32.34 36.98 -18.28
C GLU A 39 33.07 35.64 -18.37
N ALA A 40 32.40 34.55 -17.98
CA ALA A 40 32.99 33.20 -18.05
C ALA A 40 33.04 32.61 -19.47
N GLY A 41 32.45 33.31 -20.45
CA GLY A 41 32.39 32.86 -21.84
C GLY A 41 31.10 32.17 -22.32
N ALA A 42 30.02 32.26 -21.54
CA ALA A 42 28.71 31.75 -21.98
C ALA A 42 28.30 32.44 -23.27
N VAL A 43 27.74 31.67 -24.21
CA VAL A 43 27.19 32.25 -25.47
C VAL A 43 25.81 32.86 -25.30
N ALA A 44 25.13 32.50 -24.22
CA ALA A 44 23.84 33.10 -23.85
C ALA A 44 23.52 32.75 -22.41
N VAL A 45 22.47 33.40 -21.90
CA VAL A 45 21.94 33.12 -20.62
C VAL A 45 20.44 32.85 -20.72
N MET A 46 19.95 32.06 -19.77
CA MET A 46 18.55 31.74 -19.66
C MET A 46 18.10 32.45 -18.42
N ALA A 47 17.19 33.41 -18.57
CA ALA A 47 16.71 34.16 -17.40
C ALA A 47 15.62 33.36 -16.71
N LEU A 48 15.75 33.24 -15.40
CA LEU A 48 14.92 32.36 -14.61
C LEU A 48 14.43 33.07 -13.36
N GLU A 49 13.26 32.65 -12.88
CA GLU A 49 12.78 33.03 -11.53
C GLU A 49 13.01 31.83 -10.61
N ARG A 50 12.74 30.64 -11.16
CA ARG A 50 13.24 29.37 -10.65
C ARG A 50 14.35 29.56 -9.65
N ALA A 58 7.88 22.24 -4.50
CA ALA A 58 6.89 22.62 -3.49
C ALA A 58 5.44 22.42 -3.92
N GLY A 59 5.20 21.55 -4.91
CA GLY A 59 3.83 21.28 -5.44
C GLY A 59 3.16 22.45 -6.19
N GLY A 60 3.92 23.51 -6.41
CA GLY A 60 3.39 24.74 -6.94
C GLY A 60 3.43 24.70 -8.44
N VAL A 61 2.81 25.71 -9.04
CA VAL A 61 2.74 25.85 -10.47
C VAL A 61 3.95 26.70 -10.86
N ALA A 62 4.76 26.24 -11.80
CA ALA A 62 5.89 27.02 -12.28
C ALA A 62 5.47 27.69 -13.61
N ARG A 63 5.55 29.02 -13.65
CA ARG A 63 5.07 29.83 -14.78
C ARG A 63 6.20 30.66 -15.37
N MET A 64 5.86 31.47 -16.36
CA MET A 64 6.77 32.50 -16.89
C MET A 64 7.34 33.34 -15.74
N ALA A 65 8.60 33.75 -15.88
CA ALA A 65 9.24 34.61 -14.91
C ALA A 65 8.59 36.02 -14.89
N ASP A 66 8.56 36.63 -13.71
CA ASP A 66 8.29 38.06 -13.58
C ASP A 66 9.09 38.78 -14.66
N PRO A 67 8.40 39.52 -15.54
CA PRO A 67 9.14 40.27 -16.58
C PRO A 67 10.23 41.23 -16.10
N THR A 68 10.16 41.66 -14.85
CA THR A 68 11.18 42.50 -14.21
C THR A 68 12.53 41.78 -14.15
N ILE A 69 12.48 40.48 -13.88
CA ILE A 69 13.69 39.67 -13.81
C ILE A 69 14.32 39.50 -15.20
N VAL A 70 13.48 39.25 -16.19
CA VAL A 70 13.93 39.08 -17.56
C VAL A 70 14.56 40.39 -18.06
N GLU A 71 13.88 41.50 -17.77
CA GLU A 71 14.37 42.85 -18.07
C GLU A 71 15.72 43.13 -17.41
N GLU A 72 15.84 42.84 -16.12
CA GLU A 72 17.14 42.98 -15.43
C GLU A 72 18.25 42.23 -16.16
N VAL A 73 17.98 40.98 -16.51
CA VAL A 73 18.96 40.18 -17.20
C VAL A 73 19.29 40.76 -18.58
N MET A 74 18.28 41.14 -19.35
CA MET A 74 18.53 41.71 -20.68
C MET A 74 19.41 42.97 -20.57
N ASN A 75 19.25 43.74 -19.50
CA ASN A 75 19.98 44.98 -19.30
C ASN A 75 21.40 44.75 -18.82
N ALA A 76 21.62 43.58 -18.21
CA ALA A 76 22.89 43.25 -17.58
C ALA A 76 23.98 42.78 -18.55
N VAL A 77 23.61 42.24 -19.71
CA VAL A 77 24.58 41.58 -20.54
C VAL A 77 24.36 41.98 -21.98
N SER A 78 25.37 41.73 -22.80
CA SER A 78 25.27 41.93 -24.22
C SER A 78 25.11 40.62 -25.00
N ILE A 79 25.16 39.46 -24.35
CA ILE A 79 24.99 38.18 -25.07
C ILE A 79 23.48 37.88 -25.15
N PRO A 80 23.04 36.98 -26.06
CA PRO A 80 21.58 36.73 -26.11
C PRO A 80 20.95 36.29 -24.80
N VAL A 81 19.71 36.72 -24.58
CA VAL A 81 18.97 36.32 -23.42
C VAL A 81 17.73 35.48 -23.82
N MET A 82 17.62 34.34 -23.16
CA MET A 82 16.50 33.45 -23.32
C MET A 82 15.60 33.49 -22.08
N ALA A 83 14.34 33.11 -22.30
CA ALA A 83 13.44 32.88 -21.18
C ALA A 83 12.39 31.81 -21.51
N LYS A 84 11.78 31.26 -20.47
CA LYS A 84 10.86 30.15 -20.56
C LYS A 84 9.39 30.55 -20.54
N ALA A 85 8.60 29.88 -21.39
CA ALA A 85 7.17 29.93 -21.33
C ALA A 85 6.63 28.50 -21.12
N ARG A 86 5.51 28.40 -20.40
CA ARG A 86 4.85 27.13 -20.23
C ARG A 86 4.41 26.57 -21.56
N ILE A 87 4.45 25.24 -21.69
CA ILE A 87 4.04 24.59 -22.94
C ILE A 87 2.62 25.02 -23.29
N GLY A 88 2.40 25.47 -24.51
CA GLY A 88 1.07 25.89 -24.92
C GLY A 88 0.60 27.27 -24.50
N HIS A 89 1.40 28.02 -23.75
CA HIS A 89 0.90 29.28 -23.19
C HIS A 89 1.16 30.42 -24.14
N ILE A 90 0.18 30.62 -25.04
CA ILE A 90 0.26 31.53 -26.18
C ILE A 90 0.64 32.92 -25.71
N VAL A 91 0.04 33.30 -24.61
CA VAL A 91 0.20 34.66 -24.14
C VAL A 91 1.50 34.86 -23.39
N GLU A 92 1.96 33.90 -22.61
CA GLU A 92 3.28 34.04 -22.00
C GLU A 92 4.33 34.24 -23.10
N ALA A 93 4.19 33.44 -24.14
CA ALA A 93 5.07 33.48 -25.30
C ALA A 93 4.98 34.80 -26.07
N ARG A 94 3.76 35.30 -26.30
CA ARG A 94 3.61 36.60 -26.96
C ARG A 94 4.17 37.75 -26.12
N VAL A 95 4.05 37.61 -24.80
CA VAL A 95 4.56 38.61 -23.89
C VAL A 95 6.11 38.65 -24.00
N LEU A 96 6.77 37.52 -23.77
CA LEU A 96 8.25 37.45 -23.95
C LEU A 96 8.71 37.97 -25.31
N GLU A 97 7.97 37.63 -26.37
CA GLU A 97 8.25 38.13 -27.70
C GLU A 97 8.19 39.66 -27.74
N ALA A 98 7.11 40.23 -27.22
CA ALA A 98 6.92 41.68 -27.16
C ALA A 98 8.01 42.33 -26.29
N MET A 99 8.45 41.63 -25.26
CA MET A 99 9.52 42.13 -24.42
C MET A 99 10.87 42.18 -25.11
N GLY A 100 11.02 41.51 -26.24
CA GLY A 100 12.29 41.52 -26.95
C GLY A 100 13.33 40.50 -26.49
N VAL A 101 12.92 39.40 -25.83
CA VAL A 101 13.88 38.31 -25.51
C VAL A 101 14.42 37.77 -26.82
N ASP A 102 15.60 37.20 -26.80
CA ASP A 102 16.21 36.66 -28.04
C ASP A 102 15.67 35.28 -28.43
N TYR A 103 15.31 34.48 -27.44
CA TYR A 103 14.74 33.14 -27.64
C TYR A 103 13.76 32.83 -26.54
N ILE A 104 12.75 32.03 -26.90
CA ILE A 104 11.86 31.46 -25.93
C ILE A 104 12.08 29.96 -25.86
N ASP A 105 12.24 29.45 -24.65
CA ASP A 105 12.24 28.02 -24.40
C ASP A 105 10.83 27.59 -23.96
N GLU A 106 10.13 26.87 -24.85
CA GLU A 106 8.84 26.34 -24.52
C GLU A 106 9.10 25.13 -23.66
N SER A 107 9.04 25.28 -22.34
CA SER A 107 9.68 24.33 -21.45
C SER A 107 8.81 23.47 -20.54
N GLU A 108 9.05 22.15 -20.66
CA GLU A 108 8.42 21.11 -19.84
C GLU A 108 8.82 21.16 -18.36
N VAL A 109 9.82 21.99 -18.03
CA VAL A 109 10.23 22.23 -16.68
C VAL A 109 9.27 23.20 -16.01
N LEU A 110 8.65 24.08 -16.77
CA LEU A 110 7.51 24.83 -16.19
C LEU A 110 6.28 23.94 -16.25
N THR A 111 5.25 24.28 -15.51
CA THR A 111 4.04 23.49 -15.48
C THR A 111 3.27 23.68 -16.79
N PRO A 112 3.08 22.61 -17.59
CA PRO A 112 2.41 22.79 -18.87
C PRO A 112 1.05 23.47 -18.78
N ALA A 113 0.82 24.45 -19.65
CA ALA A 113 -0.48 25.15 -19.71
C ALA A 113 -1.45 24.40 -20.59
N ASP A 114 -0.92 23.66 -21.56
CA ASP A 114 -1.72 22.86 -22.47
C ASP A 114 -1.03 21.49 -22.54
N GLU A 115 -1.74 20.47 -22.05
CA GLU A 115 -1.27 19.09 -22.11
C GLU A 115 -1.59 18.35 -23.41
N GLU A 116 -2.21 19.04 -24.37
CA GLU A 116 -2.48 18.44 -25.68
C GLU A 116 -1.79 19.09 -26.88
N PHE A 117 -1.57 20.42 -26.82
CA PHE A 117 -1.08 21.13 -27.99
C PHE A 117 0.06 22.01 -27.59
N HIS A 118 1.18 21.86 -28.30
CA HIS A 118 2.29 22.83 -28.16
C HIS A 118 1.96 24.11 -28.89
N LEU A 119 2.78 25.13 -28.66
CA LEU A 119 2.64 26.39 -29.37
C LEU A 119 2.88 26.26 -30.88
N ASN A 120 2.08 27.01 -31.66
CA ASN A 120 2.34 27.15 -33.09
C ASN A 120 3.45 28.19 -33.27
N LYS A 121 4.68 27.73 -33.13
CA LYS A 121 5.84 28.57 -33.08
C LYS A 121 6.14 29.25 -34.41
N ASN A 122 5.64 28.65 -35.49
CA ASN A 122 5.64 29.23 -36.86
C ASN A 122 5.03 30.62 -36.97
N GLU A 123 4.05 30.91 -36.10
CA GLU A 123 3.35 32.19 -36.07
C GLU A 123 4.09 33.26 -35.28
N TYR A 124 5.27 32.96 -34.76
CA TYR A 124 6.04 33.95 -34.01
C TYR A 124 7.23 34.44 -34.78
N THR A 125 7.68 35.62 -34.38
CA THR A 125 8.90 36.18 -34.93
C THR A 125 10.11 35.76 -34.09
N VAL A 126 9.97 35.69 -32.76
CA VAL A 126 11.08 35.22 -31.91
C VAL A 126 11.36 33.69 -32.12
N PRO A 127 12.63 33.27 -32.26
CA PRO A 127 12.95 31.82 -32.31
C PRO A 127 12.67 31.07 -30.99
N PHE A 128 12.25 29.82 -31.12
CA PHE A 128 12.02 28.96 -29.98
C PHE A 128 13.04 27.87 -29.86
N VAL A 129 13.31 27.49 -28.62
CA VAL A 129 13.94 26.20 -28.32
C VAL A 129 12.90 25.28 -27.68
N CYS A 130 12.92 24.02 -28.10
CA CYS A 130 12.13 22.97 -27.49
C CYS A 130 12.95 21.75 -27.14
N GLY A 131 12.41 21.01 -26.17
CA GLY A 131 12.98 19.74 -25.80
C GLY A 131 12.55 18.55 -26.65
N CYS A 132 13.38 17.52 -26.66
CA CYS A 132 13.05 16.29 -27.38
C CYS A 132 13.85 15.10 -26.82
N ARG A 133 13.29 13.89 -27.03
CA ARG A 133 13.90 12.69 -26.52
C ARG A 133 14.21 11.69 -27.59
N ASP A 134 13.73 11.94 -28.81
CA ASP A 134 13.88 11.04 -29.92
C ASP A 134 13.58 11.87 -31.16
N LEU A 135 13.79 11.24 -32.33
CA LEU A 135 13.66 11.95 -33.59
C LEU A 135 12.23 12.32 -33.97
N GLY A 136 11.26 11.51 -33.56
CA GLY A 136 9.87 11.85 -33.77
C GLY A 136 9.55 13.13 -33.02
N GLU A 137 9.93 13.21 -31.73
CA GLU A 137 9.66 14.45 -30.99
C GLU A 137 10.40 15.59 -31.61
N ALA A 138 11.68 15.38 -31.97
CA ALA A 138 12.49 16.46 -32.58
C ALA A 138 11.82 17.05 -33.82
N THR A 139 11.42 16.17 -34.73
CA THR A 139 10.83 16.63 -35.98
C THR A 139 9.44 17.26 -35.83
N ARG A 140 8.63 16.77 -34.89
CA ARG A 140 7.35 17.41 -34.59
C ARG A 140 7.58 18.83 -34.01
N ARG A 141 8.50 18.97 -33.06
CA ARG A 141 8.86 20.31 -32.56
C ARG A 141 9.35 21.26 -33.69
N ILE A 142 10.22 20.76 -34.58
CA ILE A 142 10.69 21.55 -35.72
C ILE A 142 9.52 21.95 -36.61
N ALA A 143 8.65 20.98 -36.94
CA ALA A 143 7.51 21.27 -37.81
C ALA A 143 6.53 22.32 -37.23
N GLU A 144 6.37 22.31 -35.92
CA GLU A 144 5.61 23.37 -35.22
C GLU A 144 6.32 24.70 -35.21
N GLY A 145 7.59 24.71 -35.61
CA GLY A 145 8.38 25.91 -35.79
C GLY A 145 9.58 26.13 -34.86
N ALA A 146 9.96 25.13 -34.08
CA ALA A 146 11.16 25.23 -33.24
C ALA A 146 12.38 25.54 -34.10
N SER A 147 13.19 26.51 -33.68
CA SER A 147 14.43 26.90 -34.36
C SER A 147 15.67 26.27 -33.71
N MET A 148 15.46 25.61 -32.57
CA MET A 148 16.56 25.06 -31.81
C MET A 148 15.98 23.97 -30.96
N LEU A 149 16.80 22.95 -30.72
CA LEU A 149 16.41 21.84 -29.89
C LEU A 149 17.37 21.57 -28.75
N ARG A 150 16.87 20.86 -27.76
CA ARG A 150 17.68 20.35 -26.65
C ARG A 150 17.13 19.06 -26.10
N THR A 151 17.98 18.33 -25.37
CA THR A 151 17.51 17.13 -24.72
C THR A 151 16.55 17.55 -23.61
N LYS A 152 15.63 16.68 -23.26
CA LYS A 152 14.83 16.96 -22.11
C LYS A 152 15.68 16.62 -20.89
N GLY A 153 16.58 15.67 -21.00
CA GLY A 153 17.40 15.29 -19.86
C GLY A 153 16.55 14.98 -18.63
N GLU A 154 17.10 15.33 -17.48
CA GLU A 154 16.53 15.11 -16.15
C GLU A 154 16.93 16.31 -15.27
N PRO A 155 16.14 17.38 -15.29
CA PRO A 155 16.54 18.61 -14.61
C PRO A 155 16.62 18.49 -13.11
N GLY A 156 17.53 19.25 -12.51
CA GLY A 156 17.68 19.27 -11.06
C GLY A 156 18.09 18.00 -10.32
N THR A 157 18.55 16.98 -11.04
CA THR A 157 19.01 15.74 -10.42
C THR A 157 20.53 15.67 -10.47
N GLY A 158 21.16 16.40 -11.39
CA GLY A 158 22.60 16.28 -11.58
C GLY A 158 23.05 14.95 -12.20
N ASN A 159 22.10 14.15 -12.65
CA ASN A 159 22.36 12.88 -13.35
C ASN A 159 22.30 13.07 -14.86
N ILE A 160 23.42 12.82 -15.52
CA ILE A 160 23.58 13.04 -16.96
C ILE A 160 22.89 11.95 -17.81
N VAL A 161 22.41 10.88 -17.16
CA VAL A 161 21.93 9.67 -17.85
C VAL A 161 20.82 9.87 -18.88
N GLU A 162 19.87 10.79 -18.63
CA GLU A 162 18.76 11.02 -19.56
C GLU A 162 19.15 11.90 -20.75
N ALA A 163 19.99 12.89 -20.51
CA ALA A 163 20.57 13.69 -21.56
C ALA A 163 21.41 12.81 -22.51
N VAL A 164 22.21 11.94 -21.94
CA VAL A 164 22.88 10.87 -22.72
C VAL A 164 21.89 10.06 -23.55
N ARG A 165 20.84 9.59 -22.92
CA ARG A 165 19.87 8.71 -23.61
C ARG A 165 19.26 9.48 -24.74
N HIS A 166 18.85 10.72 -24.48
CA HIS A 166 18.15 11.52 -25.54
C HIS A 166 19.03 11.93 -26.69
N MET A 167 20.26 12.36 -26.39
CA MET A 167 21.20 12.75 -27.41
C MET A 167 21.58 11.54 -28.23
N ARG A 168 21.88 10.43 -27.56
CA ARG A 168 22.13 9.19 -28.31
C ARG A 168 20.97 8.73 -29.16
N LYS A 169 19.76 8.86 -28.65
CA LYS A 169 18.59 8.38 -29.41
C LYS A 169 18.41 9.22 -30.66
N VAL A 170 18.31 10.52 -30.47
CA VAL A 170 18.19 11.41 -31.62
C VAL A 170 19.31 11.17 -32.63
N ASN A 171 20.54 11.07 -32.16
CA ASN A 171 21.64 10.93 -33.09
C ASN A 171 21.66 9.56 -33.79
N ALA A 172 21.36 8.51 -33.05
CA ALA A 172 21.29 7.16 -33.65
C ALA A 172 20.20 7.06 -34.73
N GLN A 173 19.06 7.64 -34.44
CA GLN A 173 17.94 7.69 -35.38
C GLN A 173 18.22 8.50 -36.62
N VAL A 174 18.94 9.61 -36.45
CA VAL A 174 19.42 10.41 -37.60
C VAL A 174 20.37 9.61 -38.50
N ARG A 175 21.37 8.98 -37.90
CA ARG A 175 22.32 8.14 -38.68
C ARG A 175 21.59 7.06 -39.48
N LYS A 176 20.57 6.46 -38.88
CA LYS A 176 19.84 5.44 -39.55
C LYS A 176 19.04 5.99 -40.73
N VAL A 177 18.38 7.11 -40.49
CA VAL A 177 17.60 7.79 -41.53
C VAL A 177 18.52 8.19 -42.70
N VAL A 178 19.71 8.70 -42.42
CA VAL A 178 20.65 9.14 -43.44
C VAL A 178 21.10 7.97 -44.28
N ALA A 179 21.31 6.82 -43.64
CA ALA A 179 21.79 5.62 -44.35
C ALA A 179 20.72 4.73 -45.03
N MET A 180 19.45 4.84 -44.63
CA MET A 180 18.47 3.84 -45.05
C MET A 180 17.97 4.04 -46.48
N SER A 181 17.42 3.00 -47.04
CA SER A 181 16.87 3.09 -48.37
C SER A 181 15.77 4.15 -48.34
N GLU A 182 15.78 5.03 -49.35
CA GLU A 182 14.82 6.12 -49.37
C GLU A 182 13.38 5.59 -49.40
N ASP A 183 13.16 4.46 -50.05
CA ASP A 183 11.82 3.93 -50.13
C ASP A 183 11.23 3.29 -48.86
N GLU A 184 12.05 3.22 -47.79
CA GLU A 184 11.63 2.75 -46.47
C GLU A 184 11.32 3.91 -45.49
N LEU A 185 11.47 5.13 -45.95
CA LEU A 185 11.42 6.26 -45.05
C LEU A 185 9.97 6.63 -44.60
N MET A 186 8.98 6.34 -45.43
CA MET A 186 7.58 6.58 -45.02
C MET A 186 7.18 5.66 -43.85
N THR A 187 7.54 4.39 -43.94
CA THR A 187 7.36 3.44 -42.85
C THR A 187 8.11 3.89 -41.62
N GLU A 188 9.35 4.36 -41.81
CA GLU A 188 10.08 4.94 -40.74
C GLU A 188 9.38 6.20 -40.18
N ALA A 189 8.93 7.12 -41.04
CA ALA A 189 8.20 8.31 -40.57
C ALA A 189 6.94 7.94 -39.72
N LYS A 190 6.15 7.01 -40.25
CA LYS A 190 4.98 6.48 -39.57
C LYS A 190 5.34 5.88 -38.20
N ASN A 191 6.36 5.03 -38.13
CA ASN A 191 6.81 4.48 -36.87
C ASN A 191 7.31 5.54 -35.88
N LEU A 192 8.02 6.55 -36.36
CA LEU A 192 8.53 7.61 -35.51
C LEU A 192 7.47 8.68 -35.15
N GLY A 193 6.39 8.78 -35.94
CA GLY A 193 5.51 9.94 -35.84
C GLY A 193 6.23 11.19 -36.28
N ALA A 194 7.10 11.03 -37.28
CA ALA A 194 7.88 12.13 -37.82
C ALA A 194 7.18 12.67 -39.08
N PRO A 195 7.05 13.99 -39.21
CA PRO A 195 6.64 14.55 -40.48
C PRO A 195 7.53 14.08 -41.64
N TYR A 196 6.95 13.47 -42.66
CA TYR A 196 7.75 12.84 -43.70
C TYR A 196 8.74 13.78 -44.39
N GLU A 197 8.31 15.00 -44.74
CA GLU A 197 9.17 15.91 -45.51
C GLU A 197 10.41 16.32 -44.75
N LEU A 198 10.30 16.40 -43.43
CA LEU A 198 11.44 16.67 -42.59
C LEU A 198 12.41 15.51 -42.53
N LEU A 199 11.91 14.28 -42.51
CA LEU A 199 12.84 13.17 -42.54
C LEU A 199 13.56 13.11 -43.84
N LEU A 200 12.85 13.38 -44.94
CA LEU A 200 13.45 13.32 -46.26
C LEU A 200 14.58 14.35 -46.32
N GLN A 201 14.31 15.54 -45.81
CA GLN A 201 15.30 16.61 -45.86
C GLN A 201 16.50 16.29 -44.93
N ILE A 202 16.22 15.67 -43.78
CA ILE A 202 17.31 15.14 -42.93
C ILE A 202 18.19 14.13 -43.70
N LYS A 203 17.55 13.17 -44.35
CA LYS A 203 18.31 12.25 -45.18
C LYS A 203 19.20 13.00 -46.22
N LYS A 204 18.62 13.99 -46.88
CA LYS A 204 19.32 14.74 -47.90
C LYS A 204 20.46 15.59 -47.33
N ASP A 205 20.23 16.25 -46.20
CA ASP A 205 21.22 17.12 -45.62
C ASP A 205 22.28 16.35 -44.84
N GLY A 206 21.98 15.09 -44.48
CA GLY A 206 22.82 14.30 -43.61
C GLY A 206 22.85 14.71 -42.15
N LYS A 207 21.88 15.54 -41.75
CA LYS A 207 21.85 16.08 -40.41
C LYS A 207 20.51 16.76 -40.09
N LEU A 208 20.27 17.01 -38.82
CA LEU A 208 19.12 17.80 -38.40
C LEU A 208 19.24 19.21 -38.96
N PRO A 209 18.10 19.86 -39.23
CA PRO A 209 18.15 21.22 -39.75
C PRO A 209 18.34 22.32 -38.72
N VAL A 210 18.41 21.97 -37.42
CA VAL A 210 18.59 22.92 -36.36
C VAL A 210 19.61 22.33 -35.40
N VAL A 211 20.24 23.18 -34.61
CA VAL A 211 21.12 22.70 -33.53
C VAL A 211 20.35 22.01 -32.40
N ASN A 212 21.03 21.10 -31.71
CA ASN A 212 20.47 20.31 -30.61
C ASN A 212 21.49 20.31 -29.48
N PHE A 213 21.14 20.96 -28.38
CA PHE A 213 22.00 21.13 -27.23
C PHE A 213 21.67 20.08 -26.22
N ALA A 214 22.67 19.72 -25.42
CA ALA A 214 22.40 18.93 -24.23
C ALA A 214 21.86 19.82 -23.14
N ALA A 215 20.98 19.25 -22.33
CA ALA A 215 20.33 19.95 -21.21
C ALA A 215 19.69 18.99 -20.24
N GLY A 216 19.84 19.29 -18.95
CA GLY A 216 19.19 18.56 -17.90
C GLY A 216 20.15 17.51 -17.35
N GLY A 217 20.88 17.86 -16.31
CA GLY A 217 21.76 16.93 -15.62
C GLY A 217 23.26 17.10 -15.86
N VAL A 218 23.66 18.10 -16.62
CA VAL A 218 25.06 18.36 -16.79
C VAL A 218 25.58 18.99 -15.49
N ALA A 219 26.32 18.21 -14.71
CA ALA A 219 26.81 18.61 -13.40
C ALA A 219 28.32 18.90 -13.39
N THR A 220 29.11 18.26 -14.23
CA THR A 220 30.57 18.39 -14.15
C THR A 220 31.19 18.73 -15.50
N PRO A 221 32.45 19.21 -15.47
CA PRO A 221 33.24 19.43 -16.70
C PRO A 221 33.29 18.20 -17.58
N ALA A 222 33.52 17.04 -16.99
CA ALA A 222 33.50 15.81 -17.77
C ALA A 222 32.14 15.57 -18.39
N ASP A 223 31.02 15.89 -17.69
CA ASP A 223 29.67 15.74 -18.26
C ASP A 223 29.48 16.60 -19.51
N ALA A 224 29.91 17.84 -19.42
CA ALA A 224 29.75 18.79 -20.51
C ALA A 224 30.53 18.29 -21.75
N ALA A 225 31.76 17.86 -21.53
CA ALA A 225 32.61 17.38 -22.63
C ALA A 225 32.00 16.09 -23.22
N LEU A 226 31.45 15.26 -22.35
CA LEU A 226 30.79 14.02 -22.79
C LEU A 226 29.65 14.29 -23.79
N MET A 227 28.80 15.27 -23.48
CA MET A 227 27.64 15.55 -24.33
C MET A 227 28.12 15.98 -25.73
N MET A 228 29.23 16.74 -25.77
CA MET A 228 29.85 17.20 -27.03
C MET A 228 30.41 16.04 -27.81
N GLN A 229 31.07 15.14 -27.10
CA GLN A 229 31.57 13.90 -27.68
C GLN A 229 30.45 13.03 -28.23
N LEU A 230 29.29 13.05 -27.57
CA LEU A 230 28.11 12.34 -28.09
C LEU A 230 27.38 13.04 -29.25
N GLY A 231 27.86 14.20 -29.67
CA GLY A 231 27.27 14.88 -30.81
C GLY A 231 26.40 16.07 -30.51
N ALA A 232 26.34 16.48 -29.25
CA ALA A 232 25.54 17.67 -28.90
C ALA A 232 26.14 18.89 -29.61
N ASP A 233 25.31 19.89 -29.91
CA ASP A 233 25.82 21.13 -30.52
C ASP A 233 26.24 22.18 -29.54
N GLY A 234 26.06 21.89 -28.25
CA GLY A 234 26.36 22.80 -27.17
C GLY A 234 25.65 22.27 -25.92
N VAL A 235 25.76 23.03 -24.85
CA VAL A 235 25.32 22.62 -23.53
C VAL A 235 24.53 23.75 -22.81
N PHE A 236 23.36 23.42 -22.24
CA PHE A 236 22.67 24.21 -21.21
C PHE A 236 23.06 23.69 -19.82
N VAL A 237 23.43 24.60 -18.92
CA VAL A 237 23.68 24.25 -17.52
C VAL A 237 22.80 25.09 -16.60
N GLY A 238 22.56 24.54 -15.40
CA GLY A 238 21.63 25.11 -14.45
C GLY A 238 22.30 25.87 -13.34
N SER A 239 21.53 26.11 -12.29
CA SER A 239 21.89 27.02 -11.21
C SER A 239 22.98 26.49 -10.29
N GLY A 240 23.24 25.19 -10.36
CA GLY A 240 24.34 24.59 -9.63
C GLY A 240 25.66 25.34 -9.77
N ILE A 241 25.84 26.03 -10.88
CA ILE A 241 27.01 26.89 -11.06
C ILE A 241 27.22 27.85 -9.87
N PHE A 242 26.12 28.47 -9.44
CA PHE A 242 26.13 29.51 -8.43
C PHE A 242 25.93 28.95 -7.01
N LYS A 243 25.87 27.62 -6.89
CA LYS A 243 25.94 26.92 -5.62
C LYS A 243 27.40 26.62 -5.24
N SER A 244 28.33 26.87 -6.14
CA SER A 244 29.74 26.64 -5.84
C SER A 244 30.31 27.78 -4.99
N ASP A 245 31.43 27.50 -4.32
CA ASP A 245 32.17 28.53 -3.58
C ASP A 245 32.77 29.63 -4.48
N ASN A 246 32.88 29.32 -5.77
CA ASN A 246 33.49 30.21 -6.74
C ASN A 246 32.80 30.03 -8.11
N PRO A 247 31.59 30.58 -8.25
CA PRO A 247 30.83 30.47 -9.49
C PRO A 247 31.58 30.88 -10.76
N ALA A 248 32.37 31.95 -10.69
CA ALA A 248 33.13 32.41 -11.86
C ALA A 248 34.11 31.32 -12.37
N LYS A 249 34.77 30.64 -11.45
CA LYS A 249 35.70 29.56 -11.78
C LYS A 249 34.96 28.34 -12.34
N PHE A 250 33.88 27.97 -11.67
CA PHE A 250 33.07 26.84 -12.08
C PHE A 250 32.43 27.09 -13.45
N ALA A 251 31.89 28.30 -13.65
CA ALA A 251 31.30 28.65 -14.93
C ALA A 251 32.35 28.58 -16.05
N LYS A 252 33.56 29.08 -15.76
CA LYS A 252 34.63 29.07 -16.75
C LYS A 252 35.14 27.66 -17.02
N ALA A 253 35.15 26.82 -16.00
CA ALA A 253 35.47 25.39 -16.16
C ALA A 253 34.48 24.65 -17.09
N ILE A 254 33.21 24.95 -16.98
CA ILE A 254 32.20 24.34 -17.84
C ILE A 254 32.38 24.85 -19.28
N VAL A 255 32.65 26.13 -19.44
CA VAL A 255 32.90 26.68 -20.78
C VAL A 255 34.11 26.03 -21.42
N GLU A 256 35.22 25.93 -20.69
CA GLU A 256 36.44 25.38 -21.27
C GLU A 256 36.36 23.89 -21.57
N ALA A 257 35.66 23.13 -20.73
CA ALA A 257 35.43 21.70 -21.00
C ALA A 257 34.56 21.49 -22.24
N THR A 258 33.58 22.36 -22.44
CA THR A 258 32.63 22.20 -23.57
C THR A 258 33.36 22.50 -24.88
N THR A 259 34.18 23.54 -24.84
CA THR A 259 35.01 23.86 -25.98
C THR A 259 36.11 22.83 -26.22
N HIS A 260 36.91 22.55 -25.19
CA HIS A 260 38.08 21.69 -25.34
C HIS A 260 37.75 20.29 -24.90
N PHE A 261 36.75 19.72 -25.56
CA PHE A 261 36.09 18.54 -25.04
C PHE A 261 36.84 17.24 -25.23
N THR A 262 38.03 17.31 -25.85
CA THR A 262 38.94 16.19 -25.98
C THR A 262 40.25 16.42 -25.23
N ASP A 263 40.34 17.51 -24.47
CA ASP A 263 41.59 17.77 -23.76
C ASP A 263 41.46 17.20 -22.36
N TYR A 264 41.84 15.94 -22.19
CA TYR A 264 41.57 15.19 -20.95
C TYR A 264 42.46 15.64 -19.77
N LYS A 265 43.69 16.03 -20.05
CA LYS A 265 44.52 16.69 -19.01
C LYS A 265 43.90 17.98 -18.45
N LEU A 266 43.43 18.85 -19.34
CA LEU A 266 42.71 20.03 -18.91
C LEU A 266 41.48 19.65 -18.07
N ILE A 267 40.69 18.73 -18.60
CA ILE A 267 39.44 18.36 -17.93
C ILE A 267 39.71 17.75 -16.54
N ALA A 268 40.76 16.96 -16.42
CA ALA A 268 41.24 16.54 -15.07
C ALA A 268 41.45 17.73 -14.13
N GLU A 269 42.21 18.73 -14.60
CA GLU A 269 42.47 19.91 -13.81
C GLU A 269 41.20 20.62 -13.46
N LEU A 270 40.34 20.83 -14.44
CA LEU A 270 39.09 21.51 -14.20
C LEU A 270 38.20 20.76 -13.22
N SER A 271 38.33 19.43 -13.16
CA SER A 271 37.45 18.63 -12.31
C SER A 271 37.85 18.70 -10.83
N LYS A 272 39.02 19.28 -10.53
CA LYS A 272 39.51 19.40 -9.15
C LYS A 272 38.78 20.48 -8.33
N GLU A 273 38.63 20.17 -7.04
CA GLU A 273 37.89 21.02 -6.09
C GLU A 273 36.50 21.34 -6.62
N LEU A 274 35.67 20.32 -6.77
CA LEU A 274 34.26 20.54 -7.08
C LEU A 274 33.38 20.07 -5.91
N LYS B 13 47.63 -5.50 -22.09
CA LYS B 13 46.62 -5.10 -21.06
C LYS B 13 46.24 -6.27 -20.14
N ARG B 14 46.13 -7.46 -20.72
CA ARG B 14 45.66 -8.64 -19.99
C ARG B 14 46.73 -9.25 -19.08
N GLY B 15 47.95 -9.36 -19.59
CA GLY B 15 49.09 -9.86 -18.80
C GLY B 15 49.30 -9.03 -17.54
N MET B 16 49.09 -7.72 -17.65
CA MET B 16 49.22 -6.81 -16.51
C MET B 16 48.16 -7.08 -15.45
N ALA B 17 46.92 -7.30 -15.90
CA ALA B 17 45.79 -7.66 -15.00
C ALA B 17 46.10 -8.97 -14.26
N GLU B 18 46.68 -9.91 -15.01
CA GLU B 18 46.97 -11.27 -14.54
C GLU B 18 48.04 -11.29 -13.43
N MET B 19 48.88 -10.24 -13.38
CA MET B 19 49.95 -10.14 -12.38
C MET B 19 49.36 -9.94 -10.97
N GLN B 20 48.15 -9.36 -10.90
CA GLN B 20 47.40 -9.28 -9.63
C GLN B 20 46.90 -10.63 -9.09
N LYS B 21 47.11 -11.70 -9.85
CA LYS B 21 46.42 -12.96 -9.60
C LYS B 21 46.73 -13.54 -8.22
N GLY B 22 45.66 -13.76 -7.45
CA GLY B 22 45.71 -14.42 -6.13
C GLY B 22 45.67 -13.40 -4.99
N GLY B 23 45.68 -12.11 -5.33
CA GLY B 23 45.69 -11.07 -4.33
C GLY B 23 44.41 -10.35 -3.99
N VAL B 24 44.58 -9.36 -3.11
CA VAL B 24 43.52 -8.50 -2.59
C VAL B 24 43.70 -7.05 -3.05
N ILE B 25 42.61 -6.50 -3.56
CA ILE B 25 42.53 -5.12 -3.92
C ILE B 25 41.60 -4.40 -2.93
N MET B 26 42.09 -3.29 -2.37
CA MET B 26 41.40 -2.55 -1.33
C MET B 26 40.97 -1.15 -1.77
N ASP B 27 39.72 -0.82 -1.43
CA ASP B 27 39.19 0.53 -1.55
C ASP B 27 39.83 1.46 -0.52
N VAL B 28 40.30 2.60 -1.00
CA VAL B 28 41.04 3.52 -0.14
C VAL B 28 40.65 4.93 -0.57
N ILE B 29 40.48 5.82 0.40
CA ILE B 29 40.02 7.18 0.11
C ILE B 29 41.11 8.24 0.30
N ASN B 30 42.29 7.85 0.77
CA ASN B 30 43.38 8.79 1.00
C ASN B 30 44.73 8.08 1.09
N ALA B 31 45.79 8.86 1.19
CA ALA B 31 47.16 8.36 1.15
C ALA B 31 47.45 7.47 2.36
N GLU B 32 46.82 7.78 3.48
CA GLU B 32 47.01 6.98 4.70
C GLU B 32 46.43 5.59 4.53
N GLN B 33 45.16 5.53 4.10
CA GLN B 33 44.51 4.26 3.84
C GLN B 33 45.29 3.47 2.79
N ALA B 34 45.69 4.16 1.73
CA ALA B 34 46.51 3.59 0.68
C ALA B 34 47.78 2.95 1.24
N LYS B 35 48.50 3.67 2.11
CA LYS B 35 49.74 3.11 2.65
C LYS B 35 49.50 1.87 3.53
N ILE B 36 48.43 1.90 4.30
CA ILE B 36 48.01 0.76 5.10
C ILE B 36 47.76 -0.48 4.23
N ALA B 37 47.01 -0.29 3.14
CA ALA B 37 46.72 -1.38 2.20
C ALA B 37 47.99 -2.01 1.61
N GLU B 38 48.89 -1.17 1.12
CA GLU B 38 50.16 -1.65 0.53
C GLU B 38 50.98 -2.42 1.55
N GLU B 39 51.05 -1.83 2.73
CA GLU B 39 51.77 -2.40 3.85
C GLU B 39 51.15 -3.71 4.31
N ALA B 40 49.83 -3.85 4.19
CA ALA B 40 49.15 -5.10 4.54
C ALA B 40 49.35 -6.24 3.51
N GLY B 41 49.84 -5.89 2.33
CA GLY B 41 50.09 -6.84 1.25
C GLY B 41 49.08 -6.79 0.11
N ALA B 42 48.24 -5.74 0.05
CA ALA B 42 47.34 -5.59 -1.10
C ALA B 42 48.14 -5.58 -2.40
N VAL B 43 47.59 -6.17 -3.46
CA VAL B 43 48.25 -6.15 -4.79
C VAL B 43 47.97 -4.87 -5.58
N ALA B 44 46.92 -4.17 -5.18
CA ALA B 44 46.55 -2.89 -5.81
C ALA B 44 45.56 -2.24 -4.87
N VAL B 45 45.29 -0.96 -5.14
CA VAL B 45 44.28 -0.20 -4.42
C VAL B 45 43.31 0.43 -5.42
N MET B 46 42.08 0.62 -4.94
CA MET B 46 41.01 1.30 -5.68
C MET B 46 40.74 2.65 -5.03
N ALA B 47 41.15 3.71 -5.73
CA ALA B 47 40.95 5.09 -5.26
C ALA B 47 39.48 5.45 -5.39
N LEU B 48 38.93 5.91 -4.28
CA LEU B 48 37.51 6.28 -4.15
C LEU B 48 37.35 7.61 -3.47
N GLU B 49 36.23 8.25 -3.76
CA GLU B 49 35.77 9.40 -2.99
C GLU B 49 34.76 8.94 -1.95
N ARG B 50 33.77 8.16 -2.37
CA ARG B 50 32.69 7.64 -1.48
C ARG B 50 32.15 8.61 -0.41
N GLY B 60 21.39 11.05 -4.48
CA GLY B 60 22.81 11.30 -4.71
C GLY B 60 23.34 10.64 -5.99
N VAL B 61 24.05 11.41 -6.82
CA VAL B 61 24.70 10.87 -7.99
C VAL B 61 26.14 10.61 -7.63
N ALA B 62 26.58 9.37 -7.82
CA ALA B 62 27.97 8.99 -7.58
C ALA B 62 28.74 9.03 -8.91
N ARG B 63 29.80 9.83 -8.96
CA ARG B 63 30.57 10.14 -10.16
C ARG B 63 32.02 9.74 -9.98
N MET B 64 32.83 9.97 -11.02
CA MET B 64 34.27 9.82 -10.91
C MET B 64 34.82 10.61 -9.69
N ALA B 65 35.78 10.03 -8.98
CA ALA B 65 36.38 10.73 -7.82
C ALA B 65 37.09 12.05 -8.24
N ASP B 66 37.09 13.02 -7.34
CA ASP B 66 37.94 14.19 -7.48
C ASP B 66 39.36 13.74 -7.88
N PRO B 67 39.85 14.18 -9.04
CA PRO B 67 41.21 13.78 -9.42
C PRO B 67 42.30 14.03 -8.36
N THR B 68 42.05 15.00 -7.47
CA THR B 68 42.98 15.27 -6.35
C THR B 68 43.19 14.03 -5.50
N ILE B 69 42.10 13.34 -5.19
CA ILE B 69 42.12 12.14 -4.38
C ILE B 69 42.91 11.04 -5.10
N VAL B 70 42.60 10.87 -6.38
CA VAL B 70 43.27 9.85 -7.19
C VAL B 70 44.78 10.08 -7.25
N GLU B 71 45.16 11.34 -7.49
CA GLU B 71 46.57 11.75 -7.45
C GLU B 71 47.20 11.53 -6.07
N GLU B 72 46.47 11.84 -5.02
CA GLU B 72 47.01 11.60 -3.68
C GLU B 72 47.34 10.10 -3.51
N VAL B 73 46.45 9.22 -3.99
CA VAL B 73 46.64 7.80 -3.86
C VAL B 73 47.82 7.32 -4.70
N MET B 74 47.89 7.79 -5.93
CA MET B 74 48.93 7.40 -6.84
C MET B 74 50.29 7.79 -6.29
N ASN B 75 50.34 8.95 -5.64
CA ASN B 75 51.58 9.44 -5.04
C ASN B 75 51.98 8.70 -3.75
N ALA B 76 51.02 7.99 -3.14
CA ALA B 76 51.20 7.44 -1.81
C ALA B 76 51.79 6.02 -1.82
N VAL B 77 51.69 5.30 -2.93
CA VAL B 77 52.01 3.88 -2.96
C VAL B 77 52.75 3.53 -4.22
N SER B 78 53.35 2.34 -4.23
CA SER B 78 54.08 1.85 -5.38
C SER B 78 53.33 0.71 -6.05
N ILE B 79 52.28 0.21 -5.45
CA ILE B 79 51.43 -0.78 -6.13
C ILE B 79 50.43 -0.14 -7.11
N PRO B 80 49.87 -0.94 -8.02
CA PRO B 80 48.94 -0.35 -8.99
C PRO B 80 47.74 0.36 -8.36
N VAL B 81 47.30 1.44 -8.99
CA VAL B 81 46.18 2.22 -8.53
C VAL B 81 45.05 2.19 -9.56
N MET B 82 43.87 1.83 -9.09
CA MET B 82 42.69 1.76 -9.91
C MET B 82 41.77 2.89 -9.51
N ALA B 83 40.90 3.29 -10.43
CA ALA B 83 39.84 4.23 -10.10
C ALA B 83 38.58 3.88 -10.91
N LYS B 84 37.45 4.44 -10.52
CA LYS B 84 36.17 4.12 -11.13
C LYS B 84 35.65 5.19 -12.06
N ALA B 85 34.95 4.76 -13.11
CA ALA B 85 34.25 5.67 -14.03
C ALA B 85 32.82 5.17 -14.14
N ARG B 86 31.87 6.09 -14.27
CA ARG B 86 30.48 5.69 -14.46
C ARG B 86 30.34 4.92 -15.78
N ILE B 87 29.36 4.01 -15.83
CA ILE B 87 29.15 3.19 -17.01
C ILE B 87 28.86 4.15 -18.15
N GLY B 88 29.55 3.95 -19.27
CA GLY B 88 29.39 4.76 -20.45
C GLY B 88 29.95 6.17 -20.44
N HIS B 89 30.62 6.59 -19.36
CA HIS B 89 31.09 7.95 -19.28
C HIS B 89 32.46 8.09 -19.93
N ILE B 90 32.44 8.37 -21.22
CA ILE B 90 33.61 8.33 -22.08
C ILE B 90 34.69 9.24 -21.51
N VAL B 91 34.29 10.46 -21.15
CA VAL B 91 35.25 11.47 -20.78
C VAL B 91 35.77 11.20 -19.37
N GLU B 92 34.94 10.77 -18.44
CA GLU B 92 35.52 10.33 -17.15
C GLU B 92 36.64 9.28 -17.35
N ALA B 93 36.39 8.33 -18.23
CA ALA B 93 37.34 7.25 -18.45
C ALA B 93 38.60 7.82 -19.14
N ARG B 94 38.41 8.66 -20.17
CA ARG B 94 39.53 9.30 -20.85
C ARG B 94 40.37 10.14 -19.89
N VAL B 95 39.71 10.79 -18.92
CA VAL B 95 40.39 11.62 -17.94
C VAL B 95 41.24 10.73 -16.99
N LEU B 96 40.66 9.65 -16.52
CA LEU B 96 41.42 8.75 -15.65
C LEU B 96 42.61 8.18 -16.39
N GLU B 97 42.39 7.82 -17.65
CA GLU B 97 43.45 7.31 -18.51
C GLU B 97 44.61 8.30 -18.60
N ALA B 98 44.27 9.54 -18.95
CA ALA B 98 45.23 10.63 -19.03
C ALA B 98 45.96 10.90 -17.71
N MET B 99 45.30 10.73 -16.57
CA MET B 99 45.98 10.92 -15.29
C MET B 99 46.99 9.82 -14.96
N GLY B 100 47.00 8.73 -15.72
CA GLY B 100 47.95 7.64 -15.50
C GLY B 100 47.50 6.55 -14.52
N VAL B 101 46.19 6.38 -14.30
CA VAL B 101 45.78 5.29 -13.39
C VAL B 101 46.19 3.98 -14.06
N ASP B 102 46.42 2.94 -13.27
CA ASP B 102 46.80 1.63 -13.83
C ASP B 102 45.64 0.86 -14.43
N TYR B 103 44.44 1.08 -13.91
CA TYR B 103 43.20 0.39 -14.34
C TYR B 103 42.00 1.27 -14.07
N ILE B 104 41.01 1.17 -14.94
CA ILE B 104 39.73 1.80 -14.70
C ILE B 104 38.69 0.68 -14.48
N ASP B 105 37.88 0.87 -13.45
CA ASP B 105 36.75 0.01 -13.20
C ASP B 105 35.53 0.76 -13.74
N GLU B 106 34.94 0.23 -14.81
CA GLU B 106 33.72 0.80 -15.35
C GLU B 106 32.63 0.22 -14.45
N SER B 107 32.14 1.02 -13.50
CA SER B 107 31.48 0.46 -12.33
C SER B 107 30.02 0.81 -12.17
N GLU B 108 29.22 -0.23 -12.04
CA GLU B 108 27.81 -0.11 -11.71
C GLU B 108 27.53 0.42 -10.30
N VAL B 109 28.56 0.50 -9.44
CA VAL B 109 28.38 1.09 -8.10
C VAL B 109 28.35 2.61 -8.19
N LEU B 110 28.93 3.17 -9.25
CA LEU B 110 28.69 4.57 -9.55
C LEU B 110 27.34 4.67 -10.27
N THR B 111 26.80 5.87 -10.36
CA THR B 111 25.57 6.11 -11.07
C THR B 111 25.78 6.02 -12.60
N PRO B 112 25.17 5.03 -13.27
CA PRO B 112 25.43 4.90 -14.72
C PRO B 112 25.18 6.19 -15.51
N ALA B 113 26.12 6.53 -16.38
CA ALA B 113 25.97 7.72 -17.23
C ALA B 113 25.25 7.38 -18.51
N ASP B 114 25.31 6.10 -18.89
CA ASP B 114 24.64 5.57 -20.06
C ASP B 114 23.95 4.28 -19.66
N GLU B 115 22.63 4.23 -19.70
CA GLU B 115 21.93 3.01 -19.33
C GLU B 115 21.73 2.03 -20.50
N GLU B 116 22.27 2.37 -21.67
CA GLU B 116 22.08 1.50 -22.84
C GLU B 116 23.39 0.96 -23.37
N PHE B 117 24.47 1.72 -23.23
CA PHE B 117 25.70 1.35 -23.87
C PHE B 117 26.85 1.48 -22.88
N HIS B 118 27.66 0.44 -22.81
CA HIS B 118 28.92 0.50 -22.08
C HIS B 118 30.01 1.14 -22.95
N LEU B 119 31.12 1.48 -22.30
CA LEU B 119 32.29 2.02 -22.99
C LEU B 119 32.90 1.03 -23.99
N ASN B 120 33.34 1.55 -25.13
CA ASN B 120 34.09 0.81 -26.12
C ASN B 120 35.54 0.82 -25.61
N LYS B 121 35.80 -0.14 -24.74
CA LYS B 121 37.04 -0.22 -23.98
C LYS B 121 38.19 -0.61 -24.90
N ASN B 122 37.85 -1.21 -26.04
CA ASN B 122 38.80 -1.51 -27.12
C ASN B 122 39.56 -0.30 -27.62
N GLU B 123 38.95 0.87 -27.53
CA GLU B 123 39.54 2.11 -28.04
C GLU B 123 40.46 2.83 -27.05
N TYR B 124 40.69 2.22 -25.87
CA TYR B 124 41.53 2.81 -24.83
C TYR B 124 42.83 2.07 -24.67
N THR B 125 43.83 2.77 -24.12
CA THR B 125 45.09 2.16 -23.79
C THR B 125 45.07 1.57 -22.39
N VAL B 126 44.41 2.23 -21.45
CA VAL B 126 44.39 1.74 -20.08
C VAL B 126 43.48 0.49 -20.00
N PRO B 127 43.89 -0.54 -19.24
CA PRO B 127 43.01 -1.68 -19.05
C PRO B 127 41.78 -1.39 -18.15
N PHE B 128 40.68 -2.05 -18.47
CA PHE B 128 39.45 -1.95 -17.68
C PHE B 128 39.10 -3.25 -16.96
N VAL B 129 38.56 -3.09 -15.76
CA VAL B 129 37.80 -4.15 -15.12
C VAL B 129 36.30 -3.83 -15.25
N CYS B 130 35.53 -4.87 -15.58
CA CYS B 130 34.07 -4.78 -15.50
C CYS B 130 33.43 -5.84 -14.63
N GLY B 131 32.27 -5.51 -14.07
CA GLY B 131 31.44 -6.49 -13.38
C GLY B 131 30.69 -7.45 -14.30
N CYS B 132 30.39 -8.64 -13.79
CA CYS B 132 29.54 -9.61 -14.49
C CYS B 132 28.86 -10.55 -13.51
N ARG B 133 27.68 -11.01 -13.91
CA ARG B 133 26.91 -11.97 -13.13
C ARG B 133 26.77 -13.34 -13.76
N ASP B 134 27.12 -13.45 -15.04
CA ASP B 134 27.02 -14.69 -15.80
C ASP B 134 27.98 -14.66 -16.97
N LEU B 135 28.12 -15.80 -17.64
CA LEU B 135 29.06 -15.89 -18.75
C LEU B 135 28.65 -15.02 -19.95
N GLY B 136 27.35 -14.76 -20.10
CA GLY B 136 26.86 -13.86 -21.19
C GLY B 136 27.38 -12.45 -20.95
N GLU B 137 27.18 -11.95 -19.74
CA GLU B 137 27.71 -10.64 -19.38
C GLU B 137 29.23 -10.60 -19.48
N ALA B 138 29.87 -11.60 -18.90
CA ALA B 138 31.31 -11.72 -18.93
C ALA B 138 31.87 -11.54 -20.36
N THR B 139 31.34 -12.29 -21.30
CA THR B 139 31.88 -12.32 -22.66
C THR B 139 31.54 -11.04 -23.41
N ARG B 140 30.39 -10.46 -23.10
CA ARG B 140 30.03 -9.17 -23.70
C ARG B 140 30.99 -8.08 -23.24
N ARG B 141 31.32 -8.09 -21.93
CA ARG B 141 32.23 -7.10 -21.40
C ARG B 141 33.62 -7.27 -21.98
N ILE B 142 34.08 -8.52 -22.07
CA ILE B 142 35.35 -8.84 -22.69
C ILE B 142 35.39 -8.36 -24.17
N ALA B 143 34.34 -8.69 -24.92
CA ALA B 143 34.25 -8.24 -26.33
C ALA B 143 34.28 -6.72 -26.49
N GLU B 144 33.69 -5.99 -25.55
CA GLU B 144 33.78 -4.52 -25.53
C GLU B 144 35.19 -4.02 -25.19
N GLY B 145 36.04 -4.92 -24.68
CA GLY B 145 37.43 -4.64 -24.39
C GLY B 145 37.88 -4.80 -22.95
N ALA B 146 37.01 -5.32 -22.07
CA ALA B 146 37.43 -5.47 -20.65
C ALA B 146 38.67 -6.38 -20.62
N SER B 147 39.65 -6.01 -19.78
CA SER B 147 40.89 -6.78 -19.58
C SER B 147 40.85 -7.61 -18.29
N MET B 148 39.85 -7.37 -17.48
CA MET B 148 39.66 -8.03 -16.19
C MET B 148 38.17 -8.01 -15.85
N LEU B 149 37.72 -9.03 -15.16
CA LEU B 149 36.35 -9.08 -14.68
C LEU B 149 36.28 -9.22 -13.19
N ARG B 150 35.10 -8.93 -12.64
CA ARG B 150 34.80 -9.23 -11.24
C ARG B 150 33.33 -9.52 -11.12
N THR B 151 32.92 -10.09 -10.00
CA THR B 151 31.52 -10.27 -9.74
C THR B 151 30.91 -8.90 -9.49
N LYS B 152 29.62 -8.78 -9.74
CA LYS B 152 28.92 -7.61 -9.32
C LYS B 152 28.67 -7.70 -7.80
N GLY B 153 28.46 -8.90 -7.31
CA GLY B 153 28.16 -9.10 -5.91
C GLY B 153 27.03 -8.21 -5.50
N GLU B 154 27.12 -7.72 -4.28
CA GLU B 154 26.12 -6.92 -3.62
C GLU B 154 26.89 -5.94 -2.70
N PRO B 155 27.36 -4.83 -3.26
CA PRO B 155 28.13 -3.79 -2.54
C PRO B 155 27.50 -3.17 -1.30
N GLY B 156 28.29 -2.97 -0.25
CA GLY B 156 27.77 -2.39 1.00
C GLY B 156 26.62 -3.12 1.70
N THR B 157 26.59 -4.45 1.63
CA THR B 157 25.67 -5.18 2.49
C THR B 157 26.46 -6.03 3.46
N GLY B 158 27.72 -6.32 3.13
CA GLY B 158 28.48 -7.33 3.83
C GLY B 158 27.96 -8.76 3.65
N ASN B 159 27.07 -8.96 2.68
CA ASN B 159 26.50 -10.26 2.41
C ASN B 159 27.20 -10.85 1.19
N ILE B 160 27.95 -11.91 1.40
CA ILE B 160 28.70 -12.62 0.33
C ILE B 160 27.84 -13.36 -0.72
N VAL B 161 26.54 -13.45 -0.48
CA VAL B 161 25.69 -14.36 -1.24
C VAL B 161 25.66 -14.09 -2.75
N GLU B 162 25.71 -12.82 -3.16
CA GLU B 162 25.59 -12.54 -4.56
C GLU B 162 26.92 -12.71 -5.25
N ALA B 163 28.03 -12.44 -4.56
CA ALA B 163 29.36 -12.79 -5.12
C ALA B 163 29.48 -14.29 -5.32
N VAL B 164 28.98 -15.06 -4.36
CA VAL B 164 28.94 -16.52 -4.50
C VAL B 164 28.13 -16.93 -5.73
N ARG B 165 26.94 -16.35 -5.87
CA ARG B 165 26.05 -16.62 -6.99
C ARG B 165 26.76 -16.34 -8.30
N HIS B 166 27.39 -15.18 -8.40
CA HIS B 166 27.99 -14.74 -9.68
C HIS B 166 29.22 -15.55 -10.03
N MET B 167 30.09 -15.80 -9.05
CA MET B 167 31.26 -16.60 -9.29
C MET B 167 30.86 -18.03 -9.66
N ARG B 168 29.87 -18.59 -8.95
CA ARG B 168 29.41 -19.92 -9.27
C ARG B 168 28.80 -19.98 -10.65
N LYS B 169 28.05 -18.95 -11.01
CA LYS B 169 27.33 -18.97 -12.29
C LYS B 169 28.33 -18.94 -13.42
N VAL B 170 29.23 -17.96 -13.38
CA VAL B 170 30.20 -17.87 -14.42
C VAL B 170 30.98 -19.14 -14.55
N ASN B 171 31.48 -19.67 -13.42
CA ASN B 171 32.38 -20.84 -13.47
C ASN B 171 31.62 -22.09 -13.94
N ALA B 172 30.38 -22.24 -13.52
CA ALA B 172 29.57 -23.39 -13.96
C ALA B 172 29.32 -23.34 -15.46
N GLN B 173 29.04 -22.14 -15.98
CA GLN B 173 28.79 -21.98 -17.41
C GLN B 173 30.03 -22.22 -18.22
N VAL B 174 31.21 -21.86 -17.68
CA VAL B 174 32.46 -22.20 -18.37
C VAL B 174 32.73 -23.68 -18.38
N ARG B 175 32.49 -24.35 -17.25
CA ARG B 175 32.73 -25.79 -17.21
C ARG B 175 31.86 -26.47 -18.26
N LYS B 176 30.64 -26.00 -18.44
CA LYS B 176 29.73 -26.62 -19.38
C LYS B 176 30.14 -26.37 -20.84
N VAL B 177 30.44 -25.12 -21.16
CA VAL B 177 30.99 -24.73 -22.43
C VAL B 177 32.22 -25.54 -22.80
N VAL B 178 33.15 -25.70 -21.87
CA VAL B 178 34.38 -26.44 -22.14
C VAL B 178 34.10 -27.90 -22.43
N ALA B 179 33.13 -28.48 -21.73
CA ALA B 179 32.80 -29.91 -21.90
C ALA B 179 31.83 -30.24 -23.03
N MET B 180 31.02 -29.28 -23.46
CA MET B 180 29.92 -29.60 -24.38
C MET B 180 30.36 -29.86 -25.80
N SER B 181 29.50 -30.54 -26.53
CA SER B 181 29.71 -30.74 -27.97
C SER B 181 29.84 -29.40 -28.72
N GLU B 182 30.87 -29.31 -29.57
CA GLU B 182 31.16 -28.05 -30.23
C GLU B 182 30.02 -27.64 -31.16
N ASP B 183 29.30 -28.62 -31.71
CA ASP B 183 28.22 -28.30 -32.63
C ASP B 183 26.98 -27.75 -31.91
N GLU B 184 27.05 -27.72 -30.57
CA GLU B 184 25.98 -27.20 -29.74
C GLU B 184 26.26 -25.80 -29.20
N LEU B 185 27.41 -25.27 -29.57
CA LEU B 185 27.86 -24.02 -29.03
C LEU B 185 27.14 -22.78 -29.54
N MET B 186 26.65 -22.78 -30.76
CA MET B 186 25.93 -21.62 -31.26
C MET B 186 24.62 -21.47 -30.52
N THR B 187 23.93 -22.58 -30.30
CA THR B 187 22.68 -22.52 -29.53
C THR B 187 22.99 -22.00 -28.11
N GLU B 188 24.09 -22.47 -27.52
CA GLU B 188 24.51 -21.96 -26.24
C GLU B 188 24.80 -20.46 -26.30
N ALA B 189 25.54 -20.01 -27.31
CA ALA B 189 25.88 -18.59 -27.43
C ALA B 189 24.62 -17.75 -27.55
N LYS B 190 23.68 -18.20 -28.38
CA LYS B 190 22.44 -17.48 -28.55
C LYS B 190 21.70 -17.40 -27.22
N ASN B 191 21.64 -18.51 -26.51
CA ASN B 191 20.98 -18.54 -25.21
C ASN B 191 21.65 -17.59 -24.20
N LEU B 192 22.97 -17.53 -24.18
CA LEU B 192 23.71 -16.71 -23.19
C LEU B 192 23.76 -15.25 -23.62
N GLY B 193 23.52 -15.01 -24.89
CA GLY B 193 23.88 -13.73 -25.51
C GLY B 193 25.39 -13.50 -25.51
N ALA B 194 26.14 -14.58 -25.69
CA ALA B 194 27.60 -14.56 -25.74
C ALA B 194 28.09 -14.43 -27.19
N PRO B 195 29.10 -13.56 -27.46
CA PRO B 195 29.71 -13.53 -28.78
C PRO B 195 30.33 -14.92 -29.07
N TYR B 196 29.95 -15.51 -30.21
CA TYR B 196 30.27 -16.89 -30.48
C TYR B 196 31.79 -17.19 -30.47
N GLU B 197 32.57 -16.32 -31.07
CA GLU B 197 34.02 -16.60 -31.17
C GLU B 197 34.70 -16.64 -29.81
N LEU B 198 34.22 -15.83 -28.88
CA LEU B 198 34.70 -15.86 -27.51
C LEU B 198 34.37 -17.16 -26.85
N LEU B 199 33.14 -17.64 -26.99
CA LEU B 199 32.80 -18.92 -26.42
C LEU B 199 33.63 -20.04 -26.98
N LEU B 200 33.84 -20.00 -28.28
CA LEU B 200 34.64 -21.00 -28.94
C LEU B 200 36.09 -21.01 -28.36
N GLN B 201 36.67 -19.82 -28.18
CA GLN B 201 38.02 -19.71 -27.60
C GLN B 201 38.07 -20.14 -26.13
N ILE B 202 36.98 -19.88 -25.39
CA ILE B 202 36.89 -20.36 -24.00
C ILE B 202 36.92 -21.90 -24.00
N LYS B 203 36.18 -22.51 -24.93
CA LYS B 203 36.17 -23.95 -25.04
C LYS B 203 37.56 -24.47 -25.37
N LYS B 204 38.20 -23.82 -26.33
CA LYS B 204 39.53 -24.21 -26.74
C LYS B 204 40.56 -24.06 -25.62
N ASP B 205 40.51 -22.93 -24.93
CA ASP B 205 41.48 -22.61 -23.88
C ASP B 205 41.19 -23.36 -22.59
N GLY B 206 39.95 -23.81 -22.40
CA GLY B 206 39.54 -24.41 -21.12
C GLY B 206 39.33 -23.40 -20.00
N LYS B 207 39.24 -22.14 -20.33
CA LYS B 207 39.15 -21.10 -19.32
C LYS B 207 38.78 -19.76 -19.93
N LEU B 208 38.39 -18.85 -19.05
CA LEU B 208 38.25 -17.46 -19.42
C LEU B 208 39.59 -16.87 -19.81
N PRO B 209 39.56 -15.90 -20.74
CA PRO B 209 40.78 -15.28 -21.18
C PRO B 209 41.28 -14.15 -20.30
N VAL B 210 40.57 -13.80 -19.24
CA VAL B 210 40.97 -12.76 -18.31
C VAL B 210 40.70 -13.27 -16.91
N VAL B 211 41.34 -12.67 -15.94
CA VAL B 211 41.10 -13.05 -14.55
C VAL B 211 39.78 -12.47 -14.12
N ASN B 212 39.20 -13.12 -13.12
CA ASN B 212 37.88 -12.80 -12.59
C ASN B 212 37.91 -12.81 -11.06
N PHE B 213 37.81 -11.62 -10.47
CA PHE B 213 37.91 -11.43 -9.02
C PHE B 213 36.53 -11.44 -8.38
N ALA B 214 36.47 -11.76 -7.11
CA ALA B 214 35.27 -11.58 -6.33
C ALA B 214 35.23 -10.14 -5.83
N ALA B 215 34.01 -9.61 -5.77
CA ALA B 215 33.79 -8.23 -5.40
C ALA B 215 32.35 -8.07 -4.99
N GLY B 216 32.17 -7.37 -3.88
CA GLY B 216 30.85 -6.98 -3.40
C GLY B 216 30.35 -7.92 -2.33
N GLY B 217 30.62 -7.56 -1.07
CA GLY B 217 30.13 -8.28 0.10
C GLY B 217 31.13 -9.15 0.85
N VAL B 218 32.41 -9.11 0.52
CA VAL B 218 33.43 -9.86 1.28
C VAL B 218 33.58 -9.13 2.59
N ALA B 219 33.24 -9.75 3.71
CA ALA B 219 33.30 -9.09 5.01
C ALA B 219 34.29 -9.71 5.98
N THR B 220 34.53 -11.00 5.85
CA THR B 220 35.35 -11.66 6.81
C THR B 220 36.45 -12.39 6.08
N PRO B 221 37.50 -12.76 6.81
CA PRO B 221 38.52 -13.62 6.23
C PRO B 221 37.97 -14.90 5.64
N ALA B 222 37.01 -15.53 6.31
CA ALA B 222 36.41 -16.75 5.77
C ALA B 222 35.73 -16.50 4.44
N ASP B 223 35.13 -15.31 4.28
CA ASP B 223 34.48 -14.95 3.00
C ASP B 223 35.50 -14.86 1.85
N ALA B 224 36.65 -14.22 2.14
CA ALA B 224 37.72 -14.01 1.18
C ALA B 224 38.21 -15.35 0.66
N ALA B 225 38.51 -16.24 1.60
CA ALA B 225 38.96 -17.60 1.31
C ALA B 225 37.91 -18.42 0.55
N LEU B 226 36.65 -18.25 0.91
CA LEU B 226 35.54 -18.91 0.20
C LEU B 226 35.55 -18.56 -1.29
N MET B 227 35.71 -17.27 -1.61
CA MET B 227 35.67 -16.87 -2.99
C MET B 227 36.77 -17.50 -3.81
N MET B 228 37.93 -17.63 -3.22
CA MET B 228 39.05 -18.28 -3.85
C MET B 228 38.76 -19.77 -4.03
N GLN B 229 38.23 -20.39 -2.98
CA GLN B 229 37.79 -21.79 -3.05
C GLN B 229 36.77 -22.00 -4.16
N LEU B 230 35.96 -20.99 -4.45
CA LEU B 230 34.96 -21.12 -5.51
C LEU B 230 35.50 -20.82 -6.91
N GLY B 231 36.81 -20.57 -6.99
CA GLY B 231 37.44 -20.27 -8.26
C GLY B 231 37.73 -18.83 -8.60
N ALA B 232 37.57 -17.86 -7.69
CA ALA B 232 38.00 -16.48 -7.99
C ALA B 232 39.53 -16.41 -8.19
N ASP B 233 39.99 -15.43 -8.97
CA ASP B 233 41.40 -15.17 -9.17
C ASP B 233 41.92 -14.20 -8.16
N GLY B 234 41.03 -13.69 -7.32
CA GLY B 234 41.42 -12.66 -6.35
C GLY B 234 40.19 -12.04 -5.78
N VAL B 235 40.42 -11.05 -4.91
CA VAL B 235 39.37 -10.43 -4.14
C VAL B 235 39.52 -8.90 -4.09
N PHE B 236 38.39 -8.22 -4.31
CA PHE B 236 38.23 -6.79 -4.06
C PHE B 236 37.52 -6.66 -2.73
N VAL B 237 37.99 -5.78 -1.86
CA VAL B 237 37.29 -5.51 -0.60
C VAL B 237 37.11 -4.00 -0.39
N GLY B 238 36.08 -3.65 0.37
CA GLY B 238 35.70 -2.24 0.60
C GLY B 238 36.23 -1.56 1.86
N SER B 239 35.63 -0.41 2.13
CA SER B 239 36.07 0.50 3.19
C SER B 239 35.85 -0.01 4.64
N GLY B 240 35.10 -1.09 4.77
CA GLY B 240 34.86 -1.73 6.07
C GLY B 240 36.15 -2.04 6.80
N ILE B 241 37.20 -2.29 6.03
CA ILE B 241 38.51 -2.49 6.57
C ILE B 241 38.87 -1.30 7.47
N PHE B 242 38.62 -0.09 6.99
CA PHE B 242 38.98 1.11 7.73
C PHE B 242 37.92 1.54 8.75
N LYS B 243 36.77 0.87 8.75
CA LYS B 243 35.80 1.08 9.82
C LYS B 243 36.16 0.29 11.08
N SER B 244 37.22 -0.51 11.02
CA SER B 244 37.57 -1.40 12.12
C SER B 244 38.44 -0.72 13.17
N ASP B 245 38.52 -1.36 14.33
CA ASP B 245 39.36 -0.91 15.44
C ASP B 245 40.86 -0.92 15.10
N ASN B 246 41.26 -1.86 14.25
CA ASN B 246 42.65 -1.96 13.81
C ASN B 246 42.71 -2.28 12.31
N PRO B 247 42.58 -1.25 11.47
CA PRO B 247 42.62 -1.43 10.01
C PRO B 247 43.80 -2.28 9.50
N ALA B 248 45.01 -1.99 9.98
CA ALA B 248 46.22 -2.71 9.53
C ALA B 248 46.08 -4.22 9.71
N LYS B 249 45.53 -4.61 10.87
CA LYS B 249 45.40 -6.00 11.26
C LYS B 249 44.31 -6.68 10.44
N PHE B 250 43.22 -5.96 10.22
CA PHE B 250 42.09 -6.47 9.45
C PHE B 250 42.52 -6.68 8.02
N ALA B 251 43.21 -5.68 7.47
CA ALA B 251 43.64 -5.72 6.08
C ALA B 251 44.58 -6.90 5.88
N LYS B 252 45.46 -7.13 6.85
CA LYS B 252 46.43 -8.22 6.76
C LYS B 252 45.72 -9.56 6.88
N ALA B 253 44.66 -9.58 7.67
CA ALA B 253 43.88 -10.77 7.87
C ALA B 253 43.25 -11.18 6.54
N ILE B 254 42.69 -10.21 5.83
CA ILE B 254 42.07 -10.49 4.55
C ILE B 254 43.08 -10.94 3.51
N VAL B 255 44.23 -10.25 3.44
CA VAL B 255 45.33 -10.66 2.54
C VAL B 255 45.78 -12.09 2.83
N GLU B 256 46.00 -12.40 4.10
CA GLU B 256 46.45 -13.75 4.48
C GLU B 256 45.40 -14.83 4.18
N ALA B 257 44.15 -14.55 4.46
CA ALA B 257 43.11 -15.54 4.22
C ALA B 257 42.96 -15.79 2.72
N THR B 258 43.11 -14.74 1.92
CA THR B 258 43.02 -14.88 0.47
C THR B 258 44.16 -15.67 -0.11
N THR B 259 45.39 -15.44 0.36
CA THR B 259 46.57 -16.18 -0.08
C THR B 259 46.51 -17.60 0.47
N HIS B 260 46.26 -17.74 1.76
CA HIS B 260 46.26 -19.08 2.33
C HIS B 260 44.86 -19.65 2.45
N PHE B 261 44.16 -19.76 1.32
CA PHE B 261 42.70 -19.97 1.39
C PHE B 261 42.24 -21.38 1.74
N THR B 262 43.15 -22.34 1.83
CA THR B 262 42.87 -23.64 2.42
C THR B 262 43.53 -23.85 3.79
N ASP B 263 44.17 -22.84 4.33
CA ASP B 263 44.78 -23.00 5.67
C ASP B 263 43.77 -22.70 6.80
N TYR B 264 42.96 -23.70 7.14
CA TYR B 264 41.78 -23.44 8.01
C TYR B 264 42.13 -23.10 9.44
N LYS B 265 43.22 -23.66 9.93
CA LYS B 265 43.75 -23.25 11.23
C LYS B 265 44.16 -21.78 11.22
N LEU B 266 44.91 -21.36 10.22
CA LEU B 266 45.25 -19.95 10.11
C LEU B 266 44.02 -19.04 10.00
N ILE B 267 43.01 -19.46 9.26
CA ILE B 267 41.85 -18.58 8.99
C ILE B 267 41.04 -18.50 10.29
N ALA B 268 41.04 -19.60 11.04
CA ALA B 268 40.45 -19.64 12.35
C ALA B 268 41.04 -18.56 13.26
N GLU B 269 42.36 -18.55 13.36
CA GLU B 269 43.08 -17.52 14.13
C GLU B 269 42.83 -16.11 13.61
N LEU B 270 42.85 -15.93 12.29
CA LEU B 270 42.56 -14.63 11.69
C LEU B 270 41.12 -14.17 12.00
N SER B 271 40.21 -15.11 12.18
CA SER B 271 38.80 -14.74 12.36
C SER B 271 38.51 -14.16 13.76
N LYS B 272 39.42 -14.34 14.69
CA LYS B 272 39.22 -13.82 16.05
C LYS B 272 39.22 -12.28 16.14
N GLU B 273 38.40 -11.76 17.06
CA GLU B 273 38.31 -10.31 17.35
C GLU B 273 38.05 -9.44 16.11
N GLU C 10 30.93 -42.87 7.59
CA GLU C 10 29.49 -42.51 7.73
C GLU C 10 28.93 -43.09 9.03
N ARG C 11 29.18 -44.39 9.25
CA ARG C 11 28.81 -45.10 10.48
C ARG C 11 29.25 -44.37 11.75
N VAL C 12 30.51 -43.96 11.80
CA VAL C 12 31.02 -43.20 12.94
C VAL C 12 30.18 -41.93 13.17
N LYS C 13 30.15 -41.08 12.15
CA LYS C 13 29.43 -39.79 12.16
C LYS C 13 27.98 -39.85 12.71
N ARG C 14 27.21 -40.78 12.14
CA ARG C 14 25.79 -40.92 12.47
C ARG C 14 25.65 -41.60 13.81
N GLY C 15 26.61 -42.49 14.10
CA GLY C 15 26.73 -43.17 15.39
C GLY C 15 26.93 -42.18 16.54
N MET C 16 27.87 -41.24 16.34
CA MET C 16 28.09 -40.19 17.33
C MET C 16 26.79 -39.41 17.50
N ALA C 17 26.21 -39.00 16.37
CA ALA C 17 24.94 -38.25 16.35
C ALA C 17 23.87 -38.96 17.18
N GLU C 18 23.75 -40.25 16.93
CA GLU C 18 22.71 -41.05 17.57
C GLU C 18 22.77 -41.06 19.12
N MET C 19 23.97 -40.83 19.66
CA MET C 19 24.20 -40.82 21.13
C MET C 19 23.44 -39.71 21.87
N GLN C 20 23.04 -38.68 21.14
CA GLN C 20 22.26 -37.59 21.74
C GLN C 20 20.73 -37.88 21.76
N LYS C 21 20.33 -39.00 21.15
CA LYS C 21 18.92 -39.40 21.06
C LYS C 21 18.24 -39.42 22.44
N GLY C 22 17.11 -38.74 22.53
CA GLY C 22 16.43 -38.55 23.81
C GLY C 22 16.87 -37.29 24.53
N GLY C 23 17.89 -36.62 24.03
CA GLY C 23 18.45 -35.47 24.73
C GLY C 23 17.92 -34.09 24.37
N VAL C 24 18.40 -33.13 25.15
CA VAL C 24 18.18 -31.71 24.94
C VAL C 24 19.51 -31.04 24.63
N ILE C 25 19.49 -30.24 23.58
CA ILE C 25 20.63 -29.43 23.20
C ILE C 25 20.27 -27.97 23.45
N MET C 26 21.15 -27.27 24.12
CA MET C 26 20.87 -25.90 24.48
C MET C 26 21.80 -24.89 23.83
N ASP C 27 21.19 -23.82 23.32
CA ASP C 27 21.93 -22.63 22.83
C ASP C 27 22.58 -21.93 24.00
N VAL C 28 23.86 -21.67 23.87
CA VAL C 28 24.62 -20.99 24.91
C VAL C 28 25.58 -19.96 24.28
N ILE C 29 25.82 -18.85 24.96
CA ILE C 29 26.65 -17.76 24.39
C ILE C 29 27.98 -17.57 25.10
N ASN C 30 28.19 -18.30 26.20
CA ASN C 30 29.40 -18.19 27.00
C ASN C 30 29.54 -19.42 27.90
N ALA C 31 30.68 -19.45 28.58
CA ALA C 31 31.06 -20.55 29.48
C ALA C 31 30.06 -20.74 30.63
N GLU C 32 29.54 -19.65 31.17
CA GLU C 32 28.60 -19.73 32.27
C GLU C 32 27.32 -20.47 31.85
N GLN C 33 26.77 -20.08 30.69
CA GLN C 33 25.58 -20.69 30.15
C GLN C 33 25.88 -22.13 29.82
N ALA C 34 27.05 -22.36 29.25
CA ALA C 34 27.47 -23.70 28.91
C ALA C 34 27.44 -24.63 30.12
N LYS C 35 28.08 -24.24 31.22
CA LYS C 35 28.10 -25.07 32.42
C LYS C 35 26.69 -25.34 33.01
N ILE C 36 25.85 -24.31 33.05
CA ILE C 36 24.45 -24.49 33.48
C ILE C 36 23.72 -25.57 32.65
N ALA C 37 23.86 -25.51 31.33
CA ALA C 37 23.24 -26.54 30.44
C ALA C 37 23.76 -27.94 30.75
N GLU C 38 25.06 -28.04 30.86
CA GLU C 38 25.67 -29.30 31.16
C GLU C 38 25.21 -29.81 32.52
N GLU C 39 25.19 -28.95 33.53
CA GLU C 39 24.80 -29.41 34.86
C GLU C 39 23.34 -29.81 34.87
N ALA C 40 22.54 -29.14 34.04
CA ALA C 40 21.09 -29.39 33.93
C ALA C 40 20.76 -30.72 33.23
N GLY C 41 21.73 -31.28 32.52
CA GLY C 41 21.58 -32.56 31.84
C GLY C 41 21.47 -32.51 30.30
N ALA C 42 21.78 -31.36 29.71
CA ALA C 42 21.88 -31.23 28.23
C ALA C 42 22.85 -32.28 27.69
N VAL C 43 22.53 -32.87 26.54
CA VAL C 43 23.42 -33.83 25.90
C VAL C 43 24.44 -33.14 25.02
N ALA C 44 24.20 -31.85 24.73
CA ALA C 44 25.15 -31.07 23.99
C ALA C 44 24.76 -29.61 24.08
N VAL C 45 25.68 -28.74 23.67
CA VAL C 45 25.40 -27.31 23.60
C VAL C 45 25.71 -26.78 22.23
N MET C 46 24.95 -25.76 21.83
CA MET C 46 25.19 -25.04 20.61
C MET C 46 25.79 -23.68 20.96
N ALA C 47 27.09 -23.50 20.70
CA ALA C 47 27.73 -22.20 20.85
C ALA C 47 27.20 -21.20 19.81
N LEU C 48 26.69 -20.08 20.31
CA LEU C 48 26.11 -19.00 19.52
C LEU C 48 26.78 -17.66 19.80
N GLU C 49 26.74 -16.81 18.79
CA GLU C 49 26.95 -15.38 18.99
C GLU C 49 25.59 -14.69 19.07
N ARG C 50 24.77 -14.82 18.03
CA ARG C 50 23.44 -14.15 17.98
C ARG C 50 23.51 -12.73 17.38
N GLY C 60 20.71 -7.02 8.99
CA GLY C 60 22.08 -7.39 9.41
C GLY C 60 22.41 -8.82 8.98
N VAL C 61 23.68 -9.05 8.66
CA VAL C 61 24.11 -10.34 8.16
C VAL C 61 24.54 -11.19 9.34
N ALA C 62 23.95 -12.37 9.48
CA ALA C 62 24.30 -13.29 10.55
C ALA C 62 25.29 -14.32 10.03
N ARG C 63 26.48 -14.35 10.62
CA ARG C 63 27.57 -15.22 10.15
C ARG C 63 28.02 -16.21 11.23
N MET C 64 29.05 -17.01 10.92
CA MET C 64 29.68 -17.86 11.90
C MET C 64 30.03 -17.02 13.12
N ALA C 65 29.97 -17.65 14.29
CA ALA C 65 30.33 -16.97 15.52
C ALA C 65 31.84 -16.69 15.57
N ASP C 66 32.23 -15.62 16.24
CA ASP C 66 33.62 -15.40 16.67
C ASP C 66 34.19 -16.66 17.26
N PRO C 67 35.26 -17.22 16.66
CA PRO C 67 35.84 -18.46 17.16
C PRO C 67 36.21 -18.40 18.63
N THR C 68 36.46 -17.20 19.15
CA THR C 68 36.75 -17.03 20.57
C THR C 68 35.56 -17.54 21.41
N ILE C 69 34.33 -17.15 21.05
CA ILE C 69 33.12 -17.65 21.75
C ILE C 69 33.06 -19.19 21.72
N VAL C 70 33.29 -19.75 20.54
CA VAL C 70 33.18 -21.19 20.35
C VAL C 70 34.25 -21.90 21.21
N GLU C 71 35.47 -21.39 21.17
CA GLU C 71 36.54 -21.94 22.00
C GLU C 71 36.23 -21.82 23.48
N GLU C 72 35.63 -20.70 23.86
CA GLU C 72 35.23 -20.52 25.25
C GLU C 72 34.28 -21.65 25.66
N VAL C 73 33.30 -21.93 24.81
CA VAL C 73 32.31 -22.94 25.13
C VAL C 73 32.96 -24.30 25.14
N MET C 74 33.85 -24.55 24.19
CA MET C 74 34.52 -25.85 24.12
C MET C 74 35.37 -26.11 25.37
N ASN C 75 35.94 -25.05 25.92
CA ASN C 75 36.78 -25.21 27.11
C ASN C 75 35.95 -25.35 28.36
N ALA C 76 34.66 -25.03 28.27
CA ALA C 76 33.84 -24.87 29.47
C ALA C 76 33.12 -26.13 29.91
N VAL C 77 32.98 -27.11 29.02
CA VAL C 77 32.15 -28.27 29.31
C VAL C 77 32.81 -29.51 28.76
N SER C 78 32.32 -30.67 29.16
CA SER C 78 32.80 -31.94 28.64
C SER C 78 31.82 -32.58 27.66
N ILE C 79 30.63 -32.03 27.48
CA ILE C 79 29.66 -32.60 26.54
C ILE C 79 29.92 -32.06 25.13
N PRO C 80 29.33 -32.70 24.12
CA PRO C 80 29.58 -32.21 22.78
C PRO C 80 29.19 -30.74 22.53
N VAL C 81 30.01 -30.09 21.74
CA VAL C 81 29.80 -28.70 21.39
C VAL C 81 29.54 -28.59 19.87
N MET C 82 28.45 -27.91 19.53
CA MET C 82 28.09 -27.60 18.15
C MET C 82 28.24 -26.11 17.92
N ALA C 83 28.31 -25.76 16.63
CA ALA C 83 28.33 -24.37 16.19
C ALA C 83 27.74 -24.27 14.79
N LYS C 84 27.32 -23.07 14.41
CA LYS C 84 26.66 -22.83 13.14
C LYS C 84 27.54 -22.25 12.05
N ALA C 85 27.33 -22.72 10.82
CA ALA C 85 27.88 -22.16 9.60
C ALA C 85 26.76 -21.74 8.66
N ARG C 86 26.99 -20.67 7.89
CA ARG C 86 26.03 -20.25 6.88
C ARG C 86 25.91 -21.35 5.86
N ILE C 87 24.68 -21.51 5.33
CA ILE C 87 24.43 -22.47 4.29
C ILE C 87 25.40 -22.21 3.14
N GLY C 88 26.07 -23.26 2.70
CA GLY C 88 27.01 -23.17 1.55
C GLY C 88 28.33 -22.51 1.88
N HIS C 89 28.56 -22.12 3.14
CA HIS C 89 29.81 -21.42 3.46
C HIS C 89 30.91 -22.42 3.78
N ILE C 90 31.63 -22.81 2.70
CA ILE C 90 32.62 -23.87 2.74
C ILE C 90 33.68 -23.58 3.81
N VAL C 91 34.14 -22.34 3.84
CA VAL C 91 35.28 -22.02 4.67
C VAL C 91 34.85 -21.85 6.13
N GLU C 92 33.65 -21.29 6.39
CA GLU C 92 33.16 -21.26 7.78
C GLU C 92 33.10 -22.68 8.31
N ALA C 93 32.57 -23.60 7.51
CA ALA C 93 32.47 -24.99 7.94
C ALA C 93 33.87 -25.59 8.16
N ARG C 94 34.80 -25.36 7.23
CA ARG C 94 36.15 -25.92 7.35
C ARG C 94 36.90 -25.34 8.56
N VAL C 95 36.60 -24.08 8.90
CA VAL C 95 37.18 -23.44 10.04
C VAL C 95 36.68 -24.09 11.31
N LEU C 96 35.36 -24.26 11.39
CA LEU C 96 34.75 -24.87 12.57
C LEU C 96 35.28 -26.28 12.77
N GLU C 97 35.38 -27.03 11.67
CA GLU C 97 35.95 -28.36 11.67
C GLU C 97 37.40 -28.35 12.18
N ALA C 98 38.22 -27.40 11.71
CA ALA C 98 39.62 -27.29 12.15
C ALA C 98 39.72 -26.94 13.64
N MET C 99 38.77 -26.17 14.13
CA MET C 99 38.69 -25.81 15.52
C MET C 99 38.30 -26.96 16.46
N GLY C 100 37.83 -28.08 15.91
CA GLY C 100 37.50 -29.24 16.72
C GLY C 100 36.08 -29.23 17.28
N VAL C 101 35.14 -28.46 16.70
CA VAL C 101 33.76 -28.58 17.18
C VAL C 101 33.33 -30.01 16.91
N ASP C 102 32.38 -30.50 17.69
CA ASP C 102 31.86 -31.87 17.50
C ASP C 102 30.84 -32.00 16.35
N TYR C 103 30.07 -30.96 16.09
CA TYR C 103 29.04 -30.94 15.05
C TYR C 103 28.94 -29.54 14.50
N ILE C 104 28.63 -29.46 13.22
CA ILE C 104 28.32 -28.18 12.61
C ILE C 104 26.85 -28.23 12.19
N ASP C 105 26.12 -27.16 12.51
CA ASP C 105 24.77 -26.95 12.02
C ASP C 105 24.83 -26.00 10.82
N GLU C 106 24.56 -26.54 9.64
CA GLU C 106 24.44 -25.70 8.43
C GLU C 106 23.08 -25.08 8.53
N SER C 107 23.04 -23.87 9.02
CA SER C 107 21.85 -23.33 9.60
C SER C 107 21.25 -22.22 8.76
N GLU C 108 19.97 -22.41 8.42
CA GLU C 108 19.16 -21.39 7.79
C GLU C 108 18.84 -20.18 8.68
N VAL C 109 19.19 -20.22 9.95
CA VAL C 109 18.98 -19.08 10.86
C VAL C 109 20.06 -18.02 10.61
N LEU C 110 21.25 -18.46 10.21
CA LEU C 110 22.28 -17.57 9.70
C LEU C 110 21.91 -17.12 8.28
N THR C 111 22.51 -16.03 7.82
CA THR C 111 22.24 -15.52 6.46
C THR C 111 22.90 -16.46 5.44
N PRO C 112 22.11 -17.11 4.56
CA PRO C 112 22.75 -18.03 3.61
C PRO C 112 23.89 -17.40 2.77
N ALA C 113 24.97 -18.15 2.66
CA ALA C 113 26.11 -17.67 1.85
C ALA C 113 25.94 -18.15 0.42
N ASP C 114 25.11 -19.19 0.22
CA ASP C 114 24.88 -19.77 -1.10
C ASP C 114 23.40 -20.11 -1.17
N GLU C 115 22.67 -19.43 -2.03
CA GLU C 115 21.23 -19.61 -2.08
C GLU C 115 20.85 -20.68 -3.12
N GLU C 116 21.84 -21.35 -3.71
CA GLU C 116 21.53 -22.41 -4.68
C GLU C 116 22.08 -23.77 -4.28
N PHE C 117 23.17 -23.80 -3.52
CA PHE C 117 23.84 -25.08 -3.23
C PHE C 117 24.15 -25.18 -1.76
N HIS C 118 23.79 -26.29 -1.12
CA HIS C 118 24.22 -26.54 0.28
C HIS C 118 25.61 -27.08 0.26
N LEU C 119 26.22 -27.16 1.45
CA LEU C 119 27.54 -27.78 1.59
C LEU C 119 27.55 -29.24 1.18
N ASN C 120 28.65 -29.63 0.55
CA ASN C 120 28.87 -31.02 0.24
C ASN C 120 29.47 -31.67 1.51
N LYS C 121 28.59 -31.94 2.46
CA LYS C 121 28.95 -32.40 3.81
C LYS C 121 29.63 -33.79 3.80
N ASN C 122 29.39 -34.54 2.73
CA ASN C 122 30.10 -35.81 2.48
C ASN C 122 31.63 -35.64 2.46
N GLU C 123 32.12 -34.43 2.18
CA GLU C 123 33.56 -34.23 2.05
C GLU C 123 34.25 -33.80 3.33
N TYR C 124 33.49 -33.69 4.42
CA TYR C 124 34.01 -33.27 5.70
C TYR C 124 34.15 -34.46 6.64
N THR C 125 34.97 -34.29 7.66
CA THR C 125 35.11 -35.27 8.72
C THR C 125 34.09 -35.01 9.82
N VAL C 126 33.83 -33.75 10.11
CA VAL C 126 32.95 -33.40 11.19
C VAL C 126 31.53 -33.66 10.72
N PRO C 127 30.69 -34.19 11.64
CA PRO C 127 29.28 -34.39 11.33
C PRO C 127 28.44 -33.10 11.32
N PHE C 128 27.46 -33.08 10.41
CA PHE C 128 26.52 -31.98 10.25
C PHE C 128 25.09 -32.32 10.65
N VAL C 129 24.43 -31.31 11.22
CA VAL C 129 23.01 -31.28 11.36
C VAL C 129 22.45 -30.27 10.36
N CYS C 130 21.34 -30.65 9.72
CA CYS C 130 20.61 -29.76 8.81
C CYS C 130 19.12 -29.73 9.15
N GLY C 131 18.48 -28.62 8.85
CA GLY C 131 17.04 -28.45 8.92
C GLY C 131 16.30 -29.10 7.77
N CYS C 132 15.06 -29.47 8.04
CA CYS C 132 14.17 -30.01 7.03
C CYS C 132 12.70 -29.81 7.43
N ARG C 133 11.83 -29.73 6.42
CA ARG C 133 10.40 -29.55 6.63
C ARG C 133 9.54 -30.69 6.12
N ASP C 134 10.14 -31.63 5.37
CA ASP C 134 9.45 -32.71 4.73
C ASP C 134 10.47 -33.73 4.33
N LEU C 135 10.00 -34.87 3.83
CA LEU C 135 10.90 -35.97 3.59
C LEU C 135 11.79 -35.75 2.36
N GLY C 136 11.33 -34.99 1.38
CA GLY C 136 12.19 -34.59 0.27
C GLY C 136 13.43 -33.85 0.79
N GLU C 137 13.21 -32.81 1.56
CA GLU C 137 14.32 -32.02 2.13
C GLU C 137 15.22 -32.86 2.99
N ALA C 138 14.61 -33.63 3.87
CA ALA C 138 15.35 -34.55 4.76
C ALA C 138 16.31 -35.45 3.97
N THR C 139 15.80 -36.11 2.93
CA THR C 139 16.63 -37.05 2.19
C THR C 139 17.67 -36.37 1.30
N ARG C 140 17.37 -35.17 0.80
CA ARG C 140 18.38 -34.41 0.07
C ARG C 140 19.53 -34.00 0.97
N ARG C 141 19.21 -33.51 2.17
CA ARG C 141 20.25 -33.11 3.12
C ARG C 141 21.07 -34.31 3.52
N ILE C 142 20.39 -35.45 3.75
CA ILE C 142 21.11 -36.69 4.06
C ILE C 142 22.06 -37.12 2.93
N ALA C 143 21.56 -37.06 1.71
CA ALA C 143 22.37 -37.43 0.57
C ALA C 143 23.60 -36.53 0.38
N GLU C 144 23.48 -35.25 0.76
CA GLU C 144 24.61 -34.32 0.75
C GLU C 144 25.58 -34.60 1.87
N GLY C 145 25.21 -35.49 2.79
CA GLY C 145 26.12 -35.84 3.89
C GLY C 145 25.72 -35.43 5.29
N ALA C 146 24.50 -34.92 5.50
CA ALA C 146 24.02 -34.63 6.86
C ALA C 146 24.00 -35.90 7.68
N SER C 147 24.57 -35.85 8.89
CA SER C 147 24.54 -36.97 9.84
C SER C 147 23.43 -36.84 10.86
N MET C 148 22.71 -35.73 10.84
CA MET C 148 21.64 -35.50 11.79
C MET C 148 20.70 -34.48 11.18
N LEU C 149 19.44 -34.54 11.58
CA LEU C 149 18.45 -33.61 11.07
C LEU C 149 17.72 -32.98 12.20
N ARG C 150 17.06 -31.87 11.88
CA ARG C 150 16.13 -31.22 12.81
C ARG C 150 15.06 -30.52 12.01
N THR C 151 13.97 -30.14 12.67
CA THR C 151 12.94 -29.32 12.04
C THR C 151 13.50 -27.90 11.81
N LYS C 152 12.97 -27.18 10.82
CA LYS C 152 13.30 -25.78 10.71
C LYS C 152 12.51 -24.98 11.76
N GLY C 153 11.40 -25.54 12.24
CA GLY C 153 10.52 -24.79 13.12
C GLY C 153 10.36 -23.35 12.73
N GLU C 154 10.25 -22.51 13.76
CA GLU C 154 10.08 -21.08 13.66
C GLU C 154 10.89 -20.48 14.80
N PRO C 155 12.19 -20.23 14.59
CA PRO C 155 13.05 -19.71 15.63
C PRO C 155 12.61 -18.33 16.12
N GLY C 156 12.88 -18.05 17.38
CA GLY C 156 12.64 -16.73 17.92
C GLY C 156 11.21 -16.23 17.89
N THR C 157 10.23 -17.15 17.90
CA THR C 157 8.82 -16.79 18.11
C THR C 157 8.25 -17.45 19.37
N GLY C 158 8.87 -18.50 19.89
CA GLY C 158 8.26 -19.28 20.99
C GLY C 158 6.98 -20.04 20.58
N ASN C 159 6.72 -20.11 19.28
CA ASN C 159 5.53 -20.80 18.78
C ASN C 159 5.97 -22.14 18.20
N ILE C 160 5.42 -23.20 18.78
CA ILE C 160 5.77 -24.57 18.45
C ILE C 160 5.14 -25.08 17.12
N VAL C 161 4.19 -24.35 16.56
CA VAL C 161 3.38 -24.86 15.45
C VAL C 161 4.16 -25.31 14.24
N GLU C 162 5.26 -24.65 13.89
CA GLU C 162 6.03 -25.07 12.69
C GLU C 162 6.89 -26.31 12.95
N ALA C 163 7.51 -26.42 14.13
CA ALA C 163 8.21 -27.64 14.54
C ALA C 163 7.22 -28.82 14.47
N VAL C 164 6.02 -28.62 15.00
CA VAL C 164 4.97 -29.62 14.95
C VAL C 164 4.70 -29.99 13.51
N ARG C 165 4.52 -28.98 12.66
CA ARG C 165 4.22 -29.22 11.23
C ARG C 165 5.30 -30.04 10.57
N HIS C 166 6.57 -29.68 10.82
CA HIS C 166 7.68 -30.33 10.11
C HIS C 166 7.88 -31.73 10.61
N MET C 167 7.78 -31.91 11.95
CA MET C 167 7.99 -33.24 12.51
C MET C 167 6.86 -34.16 12.11
N ARG C 168 5.63 -33.68 12.13
CA ARG C 168 4.53 -34.48 11.64
C ARG C 168 4.66 -34.83 10.15
N LYS C 169 5.12 -33.89 9.34
CA LYS C 169 5.20 -34.09 7.89
C LYS C 169 6.22 -35.17 7.60
N VAL C 170 7.42 -35.02 8.13
CA VAL C 170 8.46 -36.02 7.92
C VAL C 170 8.00 -37.40 8.38
N ASN C 171 7.42 -37.46 9.57
CA ASN C 171 7.02 -38.75 10.12
C ASN C 171 5.89 -39.37 9.33
N ALA C 172 4.93 -38.55 8.93
CA ALA C 172 3.84 -39.09 8.12
C ALA C 172 4.36 -39.66 6.80
N GLN C 173 5.30 -38.96 6.20
CA GLN C 173 5.82 -39.36 4.90
C GLN C 173 6.67 -40.63 5.04
N VAL C 174 7.41 -40.75 6.12
CA VAL C 174 8.15 -41.99 6.40
C VAL C 174 7.17 -43.15 6.59
N ARG C 175 6.14 -42.96 7.43
CA ARG C 175 5.17 -44.05 7.62
C ARG C 175 4.54 -44.55 6.32
N LYS C 176 4.17 -43.62 5.45
CA LYS C 176 3.63 -43.94 4.16
C LYS C 176 4.65 -44.70 3.28
N VAL C 177 5.87 -44.17 3.18
CA VAL C 177 6.93 -44.88 2.46
C VAL C 177 7.16 -46.29 2.95
N VAL C 178 7.16 -46.48 4.28
CA VAL C 178 7.38 -47.83 4.85
C VAL C 178 6.27 -48.80 4.47
N ALA C 179 5.05 -48.30 4.43
CA ALA C 179 3.83 -49.11 4.18
C ALA C 179 3.52 -49.29 2.71
N MET C 180 4.03 -48.42 1.84
CA MET C 180 3.53 -48.43 0.46
C MET C 180 4.14 -49.54 -0.38
N SER C 181 3.45 -49.86 -1.47
CA SER C 181 3.96 -50.85 -2.38
C SER C 181 5.29 -50.39 -2.99
N GLU C 182 6.24 -51.31 -3.03
CA GLU C 182 7.59 -50.96 -3.45
C GLU C 182 7.61 -50.46 -4.87
N ASP C 183 6.73 -50.98 -5.70
CA ASP C 183 6.75 -50.54 -7.09
C ASP C 183 6.17 -49.12 -7.34
N GLU C 184 5.63 -48.50 -6.28
CA GLU C 184 5.14 -47.12 -6.33
C GLU C 184 6.13 -46.10 -5.81
N LEU C 185 7.32 -46.58 -5.46
CA LEU C 185 8.31 -45.74 -4.78
C LEU C 185 9.06 -44.75 -5.64
N MET C 186 9.27 -45.05 -6.92
CA MET C 186 9.92 -44.12 -7.83
C MET C 186 9.03 -42.92 -8.06
N THR C 187 7.74 -43.18 -8.28
CA THR C 187 6.79 -42.08 -8.42
C THR C 187 6.76 -41.24 -7.13
N GLU C 188 6.79 -41.90 -5.98
CA GLU C 188 6.92 -41.18 -4.73
C GLU C 188 8.25 -40.36 -4.68
N ALA C 189 9.37 -40.99 -5.01
CA ALA C 189 10.64 -40.31 -4.96
C ALA C 189 10.59 -39.06 -5.87
N LYS C 190 10.04 -39.25 -7.07
CA LYS C 190 9.89 -38.14 -8.02
C LYS C 190 9.04 -36.99 -7.43
N ASN C 191 7.90 -37.33 -6.84
CA ASN C 191 7.02 -36.35 -6.26
C ASN C 191 7.68 -35.60 -5.09
N LEU C 192 8.45 -36.32 -4.27
CA LEU C 192 9.12 -35.70 -3.13
C LEU C 192 10.43 -34.94 -3.49
N GLY C 193 11.01 -35.25 -4.65
CA GLY C 193 12.41 -34.93 -4.91
C GLY C 193 13.39 -35.62 -3.97
N ALA C 194 13.07 -36.87 -3.63
CA ALA C 194 13.88 -37.73 -2.77
C ALA C 194 14.83 -38.59 -3.62
N PRO C 195 16.14 -38.65 -3.25
CA PRO C 195 17.00 -39.65 -3.89
C PRO C 195 16.36 -41.05 -3.69
N TYR C 196 16.15 -41.76 -4.79
CA TYR C 196 15.46 -43.03 -4.76
C TYR C 196 16.07 -44.07 -3.77
N GLU C 197 17.36 -44.33 -3.84
CA GLU C 197 17.98 -45.37 -2.99
C GLU C 197 17.80 -45.08 -1.49
N LEU C 198 17.75 -43.81 -1.12
CA LEU C 198 17.47 -43.43 0.24
C LEU C 198 16.07 -43.76 0.64
N LEU C 199 15.10 -43.47 -0.22
CA LEU C 199 13.72 -43.87 0.07
C LEU C 199 13.60 -45.36 0.18
N LEU C 200 14.25 -46.07 -0.72
CA LEU C 200 14.25 -47.51 -0.66
C LEU C 200 14.82 -48.04 0.66
N GLN C 201 15.87 -47.41 1.17
CA GLN C 201 16.47 -47.83 2.44
C GLN C 201 15.58 -47.48 3.62
N ILE C 202 14.92 -46.35 3.55
CA ILE C 202 13.95 -46.00 4.58
C ILE C 202 12.87 -47.06 4.68
N LYS C 203 12.33 -47.45 3.54
CA LYS C 203 11.32 -48.50 3.52
C LYS C 203 11.86 -49.76 4.20
N LYS C 204 13.09 -50.15 3.87
CA LYS C 204 13.66 -51.38 4.42
C LYS C 204 13.92 -51.28 5.90
N ASP C 205 14.48 -50.16 6.33
CA ASP C 205 14.88 -49.99 7.72
C ASP C 205 13.66 -49.71 8.57
N GLY C 206 12.57 -49.25 7.93
CA GLY C 206 11.40 -48.79 8.67
C GLY C 206 11.55 -47.46 9.36
N LYS C 207 12.57 -46.67 9.00
CA LYS C 207 12.83 -45.41 9.68
C LYS C 207 13.92 -44.64 8.96
N LEU C 208 14.12 -43.36 9.33
CA LEU C 208 15.22 -42.55 8.77
C LEU C 208 16.56 -43.11 9.22
N PRO C 209 17.61 -42.96 8.41
CA PRO C 209 18.94 -43.44 8.83
C PRO C 209 19.67 -42.52 9.82
N VAL C 210 19.12 -41.36 10.14
CA VAL C 210 19.74 -40.45 11.07
C VAL C 210 18.66 -39.98 12.04
N VAL C 211 19.08 -39.43 13.17
CA VAL C 211 18.12 -38.85 14.13
C VAL C 211 17.60 -37.50 13.64
N ASN C 212 16.37 -37.17 14.06
CA ASN C 212 15.69 -35.96 13.70
C ASN C 212 15.12 -35.32 14.95
N PHE C 213 15.72 -34.18 15.32
CA PHE C 213 15.36 -33.42 16.52
C PHE C 213 14.38 -32.32 16.21
N ALA C 214 13.56 -31.97 17.20
CA ALA C 214 12.70 -30.80 17.13
C ALA C 214 13.57 -29.59 17.37
N ALA C 215 13.33 -28.55 16.59
CA ALA C 215 13.99 -27.27 16.79
C ALA C 215 13.13 -26.11 16.30
N GLY C 216 13.14 -25.03 17.07
CA GLY C 216 12.54 -23.76 16.71
C GLY C 216 11.14 -23.68 17.31
N GLY C 217 11.04 -23.02 18.45
CA GLY C 217 9.75 -22.65 19.03
C GLY C 217 9.41 -23.41 20.30
N VAL C 218 10.31 -24.25 20.78
CA VAL C 218 10.05 -25.00 21.98
C VAL C 218 10.24 -24.03 23.14
N ALA C 219 9.14 -23.72 23.83
CA ALA C 219 9.19 -22.70 24.88
C ALA C 219 8.93 -23.29 26.26
N THR C 220 8.09 -24.32 26.35
CA THR C 220 7.65 -24.85 27.64
C THR C 220 8.01 -26.34 27.77
N PRO C 221 8.02 -26.86 29.00
CA PRO C 221 8.18 -28.28 29.23
C PRO C 221 7.17 -29.12 28.46
N ALA C 222 5.93 -28.67 28.42
CA ALA C 222 4.91 -29.38 27.62
C ALA C 222 5.27 -29.41 26.13
N ASP C 223 5.87 -28.34 25.63
CA ASP C 223 6.29 -28.28 24.21
C ASP C 223 7.37 -29.31 23.94
N ALA C 224 8.34 -29.43 24.83
CA ALA C 224 9.41 -30.39 24.64
C ALA C 224 8.84 -31.83 24.58
N ALA C 225 7.96 -32.15 25.52
CA ALA C 225 7.41 -33.50 25.63
C ALA C 225 6.52 -33.78 24.43
N LEU C 226 5.83 -32.76 23.97
CA LEU C 226 4.99 -32.90 22.78
C LEU C 226 5.83 -33.31 21.55
N MET C 227 6.97 -32.67 21.36
CA MET C 227 7.77 -33.00 20.18
C MET C 227 8.21 -34.45 20.22
N MET C 228 8.55 -34.95 21.41
CA MET C 228 8.92 -36.33 21.60
C MET C 228 7.73 -37.25 21.37
N GLN C 229 6.55 -36.84 21.82
CA GLN C 229 5.34 -37.58 21.54
C GLN C 229 5.05 -37.71 20.03
N LEU C 230 5.35 -36.70 19.26
CA LEU C 230 5.15 -36.70 17.81
C LEU C 230 6.25 -37.42 17.02
N GLY C 231 7.23 -37.98 17.73
CA GLY C 231 8.29 -38.80 17.15
C GLY C 231 9.66 -38.17 16.99
N ALA C 232 9.90 -37.00 17.59
CA ALA C 232 11.25 -36.42 17.53
C ALA C 232 12.23 -37.33 18.28
N ASP C 233 13.51 -37.29 17.90
CA ASP C 233 14.55 -38.00 18.62
C ASP C 233 15.15 -37.16 19.74
N GLY C 234 14.76 -35.89 19.83
CA GLY C 234 15.31 -35.01 20.80
C GLY C 234 14.91 -33.60 20.48
N VAL C 235 15.45 -32.66 21.23
CA VAL C 235 14.96 -31.30 21.19
C VAL C 235 16.15 -30.32 21.29
N PHE C 236 16.12 -29.31 20.43
CA PHE C 236 16.99 -28.15 20.53
C PHE C 236 16.14 -27.07 21.20
N VAL C 237 16.70 -26.38 22.17
CA VAL C 237 16.06 -25.20 22.74
C VAL C 237 17.00 -24.01 22.76
N GLY C 238 16.40 -22.83 22.72
CA GLY C 238 17.14 -21.60 22.54
C GLY C 238 17.41 -20.78 23.80
N SER C 239 17.74 -19.53 23.60
CA SER C 239 18.28 -18.68 24.67
C SER C 239 17.26 -18.28 25.74
N GLY C 240 15.99 -18.56 25.49
CA GLY C 240 14.94 -18.31 26.48
C GLY C 240 15.19 -18.98 27.82
N ILE C 241 15.89 -20.09 27.83
CA ILE C 241 16.30 -20.72 29.08
C ILE C 241 16.97 -19.71 30.02
N PHE C 242 17.85 -18.89 29.46
CA PHE C 242 18.63 -17.94 30.26
C PHE C 242 17.94 -16.60 30.42
N LYS C 243 16.75 -16.45 29.85
CA LYS C 243 15.93 -15.26 30.06
C LYS C 243 15.03 -15.41 31.29
N SER C 244 15.02 -16.60 31.89
CA SER C 244 14.26 -16.88 33.11
C SER C 244 14.96 -16.45 34.39
N ASP C 245 14.18 -16.36 35.47
CA ASP C 245 14.66 -16.03 36.83
C ASP C 245 15.72 -17.02 37.33
N ASN C 246 15.49 -18.29 37.00
CA ASN C 246 16.28 -19.40 37.51
C ASN C 246 16.54 -20.37 36.34
N PRO C 247 17.56 -20.05 35.52
CA PRO C 247 17.92 -20.84 34.34
C PRO C 247 18.30 -22.29 34.64
N ALA C 248 19.03 -22.55 35.71
CA ALA C 248 19.39 -23.92 36.05
C ALA C 248 18.11 -24.75 36.29
N LYS C 249 17.10 -24.11 36.89
CA LYS C 249 15.84 -24.78 37.16
C LYS C 249 15.02 -25.01 35.90
N PHE C 250 14.92 -23.99 35.06
CA PHE C 250 14.20 -24.08 33.79
C PHE C 250 14.87 -25.08 32.84
N ALA C 251 16.18 -25.00 32.69
CA ALA C 251 16.94 -25.93 31.87
C ALA C 251 16.71 -27.39 32.30
N LYS C 252 16.73 -27.62 33.63
CA LYS C 252 16.46 -28.95 34.19
C LYS C 252 15.02 -29.40 33.92
N ALA C 253 14.09 -28.47 33.93
CA ALA C 253 12.68 -28.78 33.63
C ALA C 253 12.53 -29.27 32.20
N ILE C 254 13.24 -28.63 31.27
CA ILE C 254 13.13 -28.99 29.87
C ILE C 254 13.75 -30.39 29.68
N VAL C 255 14.92 -30.62 30.28
CA VAL C 255 15.56 -31.94 30.24
C VAL C 255 14.66 -33.05 30.81
N GLU C 256 14.05 -32.81 31.96
CA GLU C 256 13.18 -33.83 32.58
C GLU C 256 11.92 -34.08 31.77
N ALA C 257 11.31 -33.04 31.23
CA ALA C 257 10.11 -33.20 30.40
C ALA C 257 10.42 -33.93 29.10
N THR C 258 11.60 -33.71 28.54
CA THR C 258 12.00 -34.37 27.30
C THR C 258 12.27 -35.86 27.51
N THR C 259 12.91 -36.21 28.63
CA THR C 259 13.16 -37.60 28.97
C THR C 259 11.88 -38.31 29.32
N HIS C 260 11.13 -37.70 30.24
CA HIS C 260 9.91 -38.29 30.77
C HIS C 260 8.66 -37.71 30.09
N PHE C 261 8.60 -37.88 28.78
CA PHE C 261 7.65 -37.11 27.95
C PHE C 261 6.22 -37.62 28.02
N THR C 262 6.01 -38.71 28.77
CA THR C 262 4.69 -39.20 29.12
C THR C 262 4.32 -39.05 30.62
N ASP C 263 5.17 -38.43 31.43
CA ASP C 263 4.87 -38.25 32.84
C ASP C 263 4.17 -36.92 33.04
N TYR C 264 2.84 -36.94 32.88
CA TYR C 264 2.02 -35.73 32.86
C TYR C 264 1.92 -35.09 34.23
N LYS C 265 1.91 -35.90 35.31
CA LYS C 265 1.99 -35.32 36.67
C LYS C 265 3.29 -34.54 36.88
N LEU C 266 4.42 -35.15 36.48
CA LEU C 266 5.68 -34.42 36.52
C LEU C 266 5.63 -33.16 35.67
N ILE C 267 5.19 -33.28 34.41
CA ILE C 267 5.22 -32.11 33.51
C ILE C 267 4.34 -30.98 34.06
N ALA C 268 3.23 -31.32 34.70
CA ALA C 268 2.39 -30.31 35.40
C ALA C 268 3.18 -29.50 36.44
N GLU C 269 3.95 -30.21 37.27
CA GLU C 269 4.80 -29.58 38.26
C GLU C 269 5.85 -28.73 37.61
N LEU C 270 6.51 -29.27 36.59
CA LEU C 270 7.56 -28.51 35.93
C LEU C 270 6.99 -27.27 35.21
N SER C 271 5.72 -27.32 34.81
CA SER C 271 5.12 -26.18 34.10
C SER C 271 4.80 -24.99 35.02
N LYS C 272 4.86 -25.22 36.32
CA LYS C 272 4.60 -24.16 37.31
C LYS C 272 5.70 -23.10 37.40
N GLU C 273 5.28 -21.85 37.54
CA GLU C 273 6.19 -20.68 37.66
C GLU C 273 7.10 -20.46 36.45
N LEU C 274 6.51 -20.34 35.28
CA LEU C 274 7.19 -19.66 34.19
C LEU C 274 6.99 -18.16 34.44
N ARG D 11 -20.88 -41.38 26.70
CA ARG D 11 -22.01 -41.63 27.65
C ARG D 11 -21.81 -40.79 28.89
N VAL D 12 -20.89 -41.20 29.75
CA VAL D 12 -20.52 -40.44 30.95
C VAL D 12 -20.04 -39.05 30.57
N LYS D 13 -19.05 -38.98 29.68
CA LYS D 13 -18.46 -37.69 29.28
C LYS D 13 -19.54 -36.70 28.82
N ARG D 14 -20.39 -37.15 27.90
CA ARG D 14 -21.48 -36.33 27.34
C ARG D 14 -22.57 -36.08 28.37
N GLY D 15 -22.87 -37.08 29.19
CA GLY D 15 -23.81 -36.93 30.30
C GLY D 15 -23.38 -35.86 31.30
N MET D 16 -22.08 -35.82 31.60
CA MET D 16 -21.49 -34.79 32.47
C MET D 16 -21.68 -33.42 31.83
N ALA D 17 -21.26 -33.33 30.57
CA ALA D 17 -21.38 -32.10 29.77
C ALA D 17 -22.79 -31.53 29.76
N GLU D 18 -23.78 -32.43 29.65
CA GLU D 18 -25.19 -32.02 29.51
C GLU D 18 -25.77 -31.36 30.77
N MET D 19 -25.21 -31.76 31.91
CA MET D 19 -25.65 -31.25 33.22
C MET D 19 -25.67 -29.72 33.29
N GLN D 20 -24.80 -29.07 32.53
CA GLN D 20 -24.68 -27.59 32.55
C GLN D 20 -25.76 -26.87 31.68
N LYS D 21 -26.54 -27.66 30.96
CA LYS D 21 -27.53 -27.17 30.03
C LYS D 21 -28.44 -26.16 30.73
N GLY D 22 -28.55 -24.98 30.12
CA GLY D 22 -29.36 -23.87 30.63
C GLY D 22 -28.50 -22.82 31.33
N GLY D 23 -27.22 -23.12 31.55
CA GLY D 23 -26.39 -22.25 32.38
C GLY D 23 -25.35 -21.37 31.74
N VAL D 24 -24.64 -20.68 32.63
CA VAL D 24 -23.61 -19.72 32.25
C VAL D 24 -22.29 -20.25 32.75
N ILE D 25 -21.32 -20.27 31.85
CA ILE D 25 -19.91 -20.56 32.22
C ILE D 25 -19.13 -19.27 32.13
N MET D 26 -18.38 -18.95 33.18
CA MET D 26 -17.66 -17.69 33.27
C MET D 26 -16.13 -17.88 33.30
N ASP D 27 -15.41 -17.04 32.54
CA ASP D 27 -13.97 -17.02 32.62
C ASP D 27 -13.54 -16.34 33.94
N VAL D 28 -12.58 -16.94 34.61
CA VAL D 28 -12.08 -16.40 35.87
C VAL D 28 -10.59 -16.57 35.91
N ILE D 29 -9.91 -15.62 36.55
CA ILE D 29 -8.43 -15.65 36.54
C ILE D 29 -7.84 -15.96 37.90
N ASN D 30 -8.69 -16.08 38.92
CA ASN D 30 -8.25 -16.34 40.30
C ASN D 30 -9.42 -16.83 41.20
N ALA D 31 -9.10 -17.18 42.45
CA ALA D 31 -10.09 -17.72 43.38
C ALA D 31 -11.23 -16.74 43.70
N GLU D 32 -10.93 -15.44 43.72
CA GLU D 32 -11.92 -14.44 44.12
C GLU D 32 -12.95 -14.30 43.00
N GLN D 33 -12.47 -14.26 41.76
CA GLN D 33 -13.37 -14.25 40.62
C GLN D 33 -14.19 -15.54 40.56
N ALA D 34 -13.49 -16.66 40.73
CA ALA D 34 -14.11 -17.98 40.77
C ALA D 34 -15.26 -18.04 41.78
N LYS D 35 -15.01 -17.55 43.00
CA LYS D 35 -16.07 -17.55 44.03
C LYS D 35 -17.26 -16.67 43.68
N ILE D 36 -16.99 -15.47 43.18
CA ILE D 36 -18.06 -14.57 42.73
C ILE D 36 -18.91 -15.24 41.67
N ALA D 37 -18.25 -15.94 40.74
CA ALA D 37 -18.97 -16.64 39.64
C ALA D 37 -19.92 -17.69 40.20
N GLU D 38 -19.40 -18.48 41.12
CA GLU D 38 -20.17 -19.60 41.66
C GLU D 38 -21.36 -19.10 42.46
N GLU D 39 -21.10 -18.08 43.23
CA GLU D 39 -22.12 -17.45 44.05
C GLU D 39 -23.21 -16.80 43.16
N ALA D 40 -22.80 -16.33 41.97
CA ALA D 40 -23.75 -15.71 41.04
C ALA D 40 -24.66 -16.74 40.37
N GLY D 41 -24.31 -18.01 40.51
CA GLY D 41 -25.09 -19.11 39.91
C GLY D 41 -24.50 -19.69 38.61
N ALA D 42 -23.26 -19.38 38.30
CA ALA D 42 -22.54 -20.00 37.19
C ALA D 42 -22.58 -21.53 37.35
N VAL D 43 -22.79 -22.24 36.24
CA VAL D 43 -22.79 -23.71 36.30
C VAL D 43 -21.38 -24.25 36.23
N ALA D 44 -20.44 -23.43 35.76
CA ALA D 44 -19.02 -23.84 35.73
C ALA D 44 -18.18 -22.61 35.56
N VAL D 45 -16.88 -22.74 35.81
CA VAL D 45 -15.94 -21.65 35.49
C VAL D 45 -14.86 -22.14 34.53
N MET D 46 -14.38 -21.21 33.69
CA MET D 46 -13.21 -21.44 32.84
C MET D 46 -11.98 -20.74 33.46
N ALA D 47 -11.04 -21.54 33.96
CA ALA D 47 -9.82 -20.96 34.56
C ALA D 47 -8.87 -20.47 33.46
N LEU D 48 -8.51 -19.19 33.53
CA LEU D 48 -7.69 -18.51 32.51
C LEU D 48 -6.46 -17.87 33.12
N GLU D 49 -5.39 -17.80 32.34
CA GLU D 49 -4.29 -16.88 32.61
C GLU D 49 -4.55 -15.60 31.80
N ARG D 50 -5.04 -15.72 30.58
CA ARG D 50 -5.30 -14.55 29.72
C ARG D 50 -4.03 -13.74 29.43
N GLY D 60 3.12 -12.58 20.34
CA GLY D 60 2.82 -13.20 21.67
C GLY D 60 2.01 -14.49 21.55
N VAL D 61 2.54 -15.56 22.12
CA VAL D 61 1.92 -16.88 22.00
C VAL D 61 1.05 -17.11 23.24
N ALA D 62 -0.21 -17.47 23.03
CA ALA D 62 -1.11 -17.83 24.13
C ALA D 62 -1.10 -19.35 24.33
N ARG D 63 -0.67 -19.81 25.50
CA ARG D 63 -0.56 -21.23 25.86
C ARG D 63 -1.48 -21.66 27.03
N MET D 64 -1.41 -22.94 27.39
CA MET D 64 -2.01 -23.42 28.60
C MET D 64 -1.67 -22.44 29.73
N ALA D 65 -2.62 -22.24 30.63
CA ALA D 65 -2.40 -21.44 31.85
C ALA D 65 -1.36 -22.11 32.75
N ASP D 66 -0.63 -21.30 33.50
CA ASP D 66 0.12 -21.79 34.64
C ASP D 66 -0.76 -22.72 35.48
N PRO D 67 -0.36 -24.01 35.66
CA PRO D 67 -1.14 -24.93 36.53
C PRO D 67 -1.43 -24.39 37.93
N THR D 68 -0.57 -23.53 38.46
CA THR D 68 -0.87 -22.89 39.74
C THR D 68 -2.24 -22.19 39.70
N ILE D 69 -2.51 -21.51 38.60
CA ILE D 69 -3.75 -20.75 38.50
C ILE D 69 -4.96 -21.70 38.45
N VAL D 70 -4.84 -22.73 37.63
CA VAL D 70 -5.91 -23.70 37.45
C VAL D 70 -6.20 -24.41 38.77
N GLU D 71 -5.14 -24.72 39.53
CA GLU D 71 -5.26 -25.34 40.85
C GLU D 71 -5.98 -24.45 41.85
N GLU D 72 -5.56 -23.18 41.89
CA GLU D 72 -6.19 -22.16 42.72
C GLU D 72 -7.69 -22.03 42.41
N VAL D 73 -8.06 -22.07 41.13
CA VAL D 73 -9.45 -22.03 40.80
C VAL D 73 -10.15 -23.29 41.24
N MET D 74 -9.53 -24.44 41.00
CA MET D 74 -10.16 -25.71 41.37
C MET D 74 -10.35 -25.82 42.89
N ASN D 75 -9.43 -25.23 43.64
CA ASN D 75 -9.53 -25.20 45.11
C ASN D 75 -10.57 -24.19 45.61
N ALA D 76 -11.03 -23.29 44.77
CA ALA D 76 -11.82 -22.16 45.25
C ALA D 76 -13.31 -22.42 45.22
N VAL D 77 -13.76 -23.39 44.43
CA VAL D 77 -15.17 -23.54 44.14
C VAL D 77 -15.56 -25.00 44.12
N SER D 78 -16.86 -25.28 44.22
CA SER D 78 -17.39 -26.65 44.11
C SER D 78 -18.01 -26.98 42.75
N ILE D 79 -18.15 -25.99 41.88
CA ILE D 79 -18.65 -26.24 40.53
C ILE D 79 -17.49 -26.70 39.61
N PRO D 80 -17.82 -27.32 38.47
CA PRO D 80 -16.79 -27.76 37.53
C PRO D 80 -15.86 -26.66 37.07
N VAL D 81 -14.62 -27.04 36.85
CA VAL D 81 -13.59 -26.13 36.41
C VAL D 81 -13.07 -26.65 35.06
N MET D 82 -13.04 -25.73 34.10
CA MET D 82 -12.55 -26.01 32.77
C MET D 82 -11.24 -25.26 32.61
N ALA D 83 -10.45 -25.72 31.65
CA ALA D 83 -9.19 -25.03 31.32
C ALA D 83 -8.88 -25.26 29.85
N LYS D 84 -8.06 -24.39 29.26
CA LYS D 84 -7.80 -24.41 27.83
C LYS D 84 -6.48 -25.05 27.47
N ALA D 85 -6.49 -25.77 26.36
CA ALA D 85 -5.31 -26.29 25.74
C ALA D 85 -5.27 -25.81 24.27
N ARG D 86 -4.08 -25.45 23.80
CA ARG D 86 -3.87 -25.16 22.41
C ARG D 86 -4.36 -26.30 21.51
N ILE D 87 -4.90 -25.93 20.35
CA ILE D 87 -5.35 -26.92 19.38
C ILE D 87 -4.21 -27.90 19.07
N GLY D 88 -4.50 -29.19 19.16
CA GLY D 88 -3.44 -30.20 18.87
C GLY D 88 -2.31 -30.35 19.90
N HIS D 89 -2.38 -29.68 21.04
CA HIS D 89 -1.29 -29.78 21.99
C HIS D 89 -1.55 -30.94 22.94
N ILE D 90 -1.09 -32.11 22.52
CA ILE D 90 -1.36 -33.36 23.19
C ILE D 90 -0.94 -33.31 24.63
N VAL D 91 0.26 -32.81 24.86
CA VAL D 91 0.79 -32.79 26.20
C VAL D 91 0.12 -31.75 27.12
N GLU D 92 -0.22 -30.57 26.61
CA GLU D 92 -0.97 -29.61 27.45
C GLU D 92 -2.27 -30.29 27.91
N ALA D 93 -2.93 -30.98 27.00
CA ALA D 93 -4.17 -31.65 27.29
C ALA D 93 -4.00 -32.74 28.32
N ARG D 94 -2.95 -33.54 28.14
CA ARG D 94 -2.68 -34.60 29.08
C ARG D 94 -2.30 -34.06 30.45
N VAL D 95 -1.63 -32.90 30.51
CA VAL D 95 -1.32 -32.25 31.77
C VAL D 95 -2.61 -31.84 32.49
N LEU D 96 -3.47 -31.08 31.82
CA LEU D 96 -4.77 -30.69 32.38
C LEU D 96 -5.60 -31.88 32.90
N GLU D 97 -5.64 -32.92 32.10
CA GLU D 97 -6.28 -34.18 32.46
C GLU D 97 -5.68 -34.76 33.73
N ALA D 98 -4.35 -34.80 33.82
CA ALA D 98 -3.67 -35.35 34.99
C ALA D 98 -3.96 -34.52 36.23
N MET D 99 -4.12 -33.20 36.03
CA MET D 99 -4.39 -32.27 37.11
C MET D 99 -5.77 -32.35 37.67
N GLY D 100 -6.68 -33.03 36.98
CA GLY D 100 -8.04 -33.21 37.46
C GLY D 100 -9.06 -32.15 37.06
N VAL D 101 -8.83 -31.45 35.95
CA VAL D 101 -9.84 -30.46 35.50
C VAL D 101 -11.05 -31.22 35.08
N ASP D 102 -12.21 -30.62 35.15
CA ASP D 102 -13.43 -31.30 34.75
C ASP D 102 -13.66 -31.31 33.24
N TYR D 103 -13.12 -30.33 32.53
CA TYR D 103 -13.29 -30.22 31.06
C TYR D 103 -12.06 -29.53 30.52
N ILE D 104 -11.66 -29.95 29.31
CA ILE D 104 -10.66 -29.18 28.55
C ILE D 104 -11.34 -28.52 27.35
N ASP D 105 -11.05 -27.23 27.18
CA ASP D 105 -11.42 -26.52 25.96
C ASP D 105 -10.25 -26.52 25.00
N GLU D 106 -10.36 -27.29 23.92
CA GLU D 106 -9.33 -27.28 22.90
C GLU D 106 -9.60 -26.05 22.09
N SER D 107 -8.88 -24.97 22.38
CA SER D 107 -9.35 -23.63 22.07
C SER D 107 -8.54 -22.85 21.02
N GLU D 108 -9.26 -22.41 19.98
CA GLU D 108 -8.70 -21.56 18.94
C GLU D 108 -8.34 -20.16 19.44
N VAL D 109 -8.72 -19.79 20.64
CA VAL D 109 -8.32 -18.51 21.19
C VAL D 109 -6.87 -18.53 21.68
N LEU D 110 -6.36 -19.71 22.05
CA LEU D 110 -4.91 -19.89 22.27
C LEU D 110 -4.26 -20.06 20.92
N THR D 111 -2.95 -19.94 20.87
CA THR D 111 -2.25 -20.08 19.63
C THR D 111 -2.17 -21.56 19.26
N PRO D 112 -2.72 -21.94 18.10
CA PRO D 112 -2.71 -23.35 17.75
C PRO D 112 -1.30 -23.96 17.75
N ALA D 113 -1.18 -25.16 18.31
CA ALA D 113 0.07 -25.89 18.27
C ALA D 113 0.23 -26.79 17.02
N ASP D 114 -0.89 -27.17 16.46
CA ASP D 114 -0.98 -28.02 15.27
C ASP D 114 -2.09 -27.36 14.44
N GLU D 115 -1.70 -26.86 13.27
CA GLU D 115 -2.59 -26.15 12.37
C GLU D 115 -3.15 -27.15 11.37
N GLU D 116 -2.82 -28.43 11.53
CA GLU D 116 -3.37 -29.44 10.64
C GLU D 116 -4.27 -30.51 11.31
N PHE D 117 -4.02 -30.80 12.59
CA PHE D 117 -4.69 -31.89 13.23
C PHE D 117 -5.15 -31.43 14.59
N HIS D 118 -6.41 -31.65 14.89
CA HIS D 118 -6.91 -31.52 16.26
C HIS D 118 -6.55 -32.71 17.10
N LEU D 119 -6.75 -32.55 18.39
CA LEU D 119 -6.49 -33.62 19.30
C LEU D 119 -7.44 -34.78 19.01
N ASN D 120 -6.94 -35.99 19.23
CA ASN D 120 -7.77 -37.19 19.24
C ASN D 120 -8.35 -37.36 20.64
N LYS D 121 -9.45 -36.64 20.84
CA LYS D 121 -10.12 -36.52 22.09
C LYS D 121 -10.73 -37.82 22.61
N ASN D 122 -10.98 -38.76 21.69
CA ASN D 122 -11.46 -40.11 22.01
C ASN D 122 -10.50 -40.88 22.90
N GLU D 123 -9.23 -40.51 22.88
CA GLU D 123 -8.22 -41.26 23.64
C GLU D 123 -8.03 -40.73 25.06
N TYR D 124 -8.82 -39.73 25.41
CA TYR D 124 -8.75 -39.10 26.75
C TYR D 124 -9.92 -39.51 27.60
N THR D 125 -9.74 -39.42 28.92
CA THR D 125 -10.82 -39.72 29.82
C THR D 125 -11.58 -38.45 30.16
N VAL D 126 -10.90 -37.31 30.28
CA VAL D 126 -11.58 -36.03 30.53
C VAL D 126 -12.40 -35.55 29.28
N PRO D 127 -13.60 -35.00 29.50
CA PRO D 127 -14.34 -34.47 28.34
C PRO D 127 -13.79 -33.16 27.77
N PHE D 128 -14.01 -32.97 26.47
CA PHE D 128 -13.58 -31.76 25.77
C PHE D 128 -14.77 -30.96 25.25
N VAL D 129 -14.59 -29.65 25.30
CA VAL D 129 -15.34 -28.71 24.49
C VAL D 129 -14.46 -28.24 23.34
N CYS D 130 -15.12 -28.07 22.19
CA CYS D 130 -14.49 -27.51 21.00
C CYS D 130 -15.40 -26.49 20.35
N GLY D 131 -14.82 -25.56 19.61
CA GLY D 131 -15.59 -24.56 18.88
C GLY D 131 -16.04 -25.12 17.54
N CYS D 132 -17.11 -24.51 16.98
CA CYS D 132 -17.53 -24.84 15.65
C CYS D 132 -18.35 -23.68 15.05
N ARG D 133 -18.39 -23.65 13.71
CA ARG D 133 -19.04 -22.59 12.93
C ARG D 133 -20.15 -23.08 12.05
N ASP D 134 -20.26 -24.39 11.92
CA ASP D 134 -21.16 -25.00 11.00
C ASP D 134 -21.24 -26.49 11.34
N LEU D 135 -22.20 -27.15 10.75
CA LEU D 135 -22.52 -28.52 11.15
C LEU D 135 -21.41 -29.49 10.75
N GLY D 136 -20.68 -29.13 9.69
CA GLY D 136 -19.49 -29.87 9.30
C GLY D 136 -18.41 -29.85 10.37
N GLU D 137 -18.04 -28.66 10.83
CA GLU D 137 -17.10 -28.57 11.92
C GLU D 137 -17.60 -29.22 13.18
N ALA D 138 -18.89 -29.07 13.47
CA ALA D 138 -19.46 -29.61 14.69
C ALA D 138 -19.27 -31.12 14.68
N THR D 139 -19.62 -31.74 13.55
CA THR D 139 -19.64 -33.20 13.52
C THR D 139 -18.23 -33.77 13.44
N ARG D 140 -17.29 -33.06 12.81
CA ARG D 140 -15.89 -33.46 12.83
C ARG D 140 -15.31 -33.39 14.24
N ARG D 141 -15.64 -32.34 14.99
CA ARG D 141 -15.14 -32.23 16.36
C ARG D 141 -15.73 -33.31 17.26
N ILE D 142 -17.01 -33.62 17.06
CA ILE D 142 -17.65 -34.72 17.78
C ILE D 142 -16.98 -36.04 17.41
N ALA D 143 -16.78 -36.31 16.13
CA ALA D 143 -16.18 -37.58 15.71
C ALA D 143 -14.75 -37.77 16.31
N GLU D 144 -14.04 -36.66 16.46
CA GLU D 144 -12.70 -36.66 17.14
C GLU D 144 -12.82 -36.89 18.63
N GLY D 145 -14.04 -36.82 19.18
CA GLY D 145 -14.27 -37.09 20.58
C GLY D 145 -14.77 -35.93 21.43
N ALA D 146 -15.12 -34.77 20.84
CA ALA D 146 -15.66 -33.65 21.61
C ALA D 146 -16.94 -34.12 22.31
N SER D 147 -17.05 -33.83 23.62
CA SER D 147 -18.24 -34.12 24.43
C SER D 147 -19.17 -32.91 24.53
N MET D 148 -18.71 -31.78 24.03
CA MET D 148 -19.42 -30.52 24.15
C MET D 148 -18.96 -29.59 23.05
N LEU D 149 -19.87 -28.74 22.59
CA LEU D 149 -19.53 -27.78 21.56
C LEU D 149 -19.87 -26.35 21.97
N ARG D 150 -19.24 -25.42 21.30
CA ARG D 150 -19.62 -24.02 21.40
C ARG D 150 -19.39 -23.33 20.08
N THR D 151 -19.94 -22.13 19.95
CA THR D 151 -19.65 -21.28 18.82
C THR D 151 -18.24 -20.74 18.93
N LYS D 152 -17.64 -20.41 17.81
CA LYS D 152 -16.37 -19.79 17.84
C LYS D 152 -16.56 -18.31 18.15
N GLY D 153 -17.68 -17.74 17.73
CA GLY D 153 -17.97 -16.37 18.06
C GLY D 153 -16.85 -15.49 17.57
N GLU D 154 -16.64 -14.40 18.30
CA GLU D 154 -15.62 -13.43 18.03
C GLU D 154 -15.15 -12.92 19.39
N PRO D 155 -14.12 -13.56 19.95
CA PRO D 155 -13.84 -13.30 21.37
C PRO D 155 -13.19 -11.92 21.61
N GLY D 156 -13.39 -11.38 22.80
CA GLY D 156 -12.90 -10.02 23.13
C GLY D 156 -13.22 -8.86 22.19
N THR D 157 -14.34 -8.91 21.47
CA THR D 157 -14.82 -7.73 20.71
C THR D 157 -16.10 -7.16 21.34
N GLY D 158 -16.77 -7.98 22.13
CA GLY D 158 -18.11 -7.69 22.61
C GLY D 158 -19.17 -7.64 21.52
N ASN D 159 -18.83 -8.12 20.31
CA ASN D 159 -19.78 -8.17 19.24
C ASN D 159 -20.33 -9.59 19.11
N ILE D 160 -21.62 -9.70 19.32
CA ILE D 160 -22.37 -10.95 19.34
C ILE D 160 -22.54 -11.52 17.93
N VAL D 161 -22.15 -10.78 16.88
CA VAL D 161 -22.62 -11.12 15.50
C VAL D 161 -22.14 -12.51 15.01
N GLU D 162 -20.94 -12.91 15.38
CA GLU D 162 -20.40 -14.19 14.90
C GLU D 162 -20.97 -15.39 15.64
N ALA D 163 -21.19 -15.24 16.94
CA ALA D 163 -21.85 -16.26 17.74
C ALA D 163 -23.23 -16.49 17.15
N VAL D 164 -23.93 -15.41 16.80
CA VAL D 164 -25.22 -15.50 16.15
C VAL D 164 -25.09 -16.31 14.85
N ARG D 165 -24.10 -15.95 14.04
CA ARG D 165 -23.93 -16.57 12.74
C ARG D 165 -23.72 -18.07 12.92
N HIS D 166 -22.90 -18.44 13.91
CA HIS D 166 -22.50 -19.85 14.09
C HIS D 166 -23.64 -20.68 14.66
N MET D 167 -24.34 -20.12 15.65
CA MET D 167 -25.43 -20.81 16.25
C MET D 167 -26.56 -20.99 15.25
N ARG D 168 -26.89 -19.93 14.54
CA ARG D 168 -27.89 -20.00 13.48
C ARG D 168 -27.52 -21.03 12.37
N LYS D 169 -26.24 -21.04 11.97
CA LYS D 169 -25.76 -21.91 10.86
C LYS D 169 -25.90 -23.36 11.29
N VAL D 170 -25.31 -23.73 12.42
CA VAL D 170 -25.45 -25.12 12.94
C VAL D 170 -26.92 -25.54 13.11
N ASN D 171 -27.70 -24.67 13.76
CA ASN D 171 -29.10 -25.01 13.97
C ASN D 171 -29.89 -25.09 12.69
N ALA D 172 -29.62 -24.19 11.75
CA ALA D 172 -30.30 -24.30 10.42
C ALA D 172 -29.95 -25.57 9.72
N GLN D 173 -28.67 -25.95 9.75
CA GLN D 173 -28.24 -27.16 9.01
C GLN D 173 -28.80 -28.43 9.69
N VAL D 174 -28.96 -28.39 11.01
CA VAL D 174 -29.56 -29.50 11.76
C VAL D 174 -31.02 -29.61 11.39
N ARG D 175 -31.72 -28.48 11.34
CA ARG D 175 -33.12 -28.56 10.95
C ARG D 175 -33.27 -29.21 9.57
N LYS D 176 -32.41 -28.82 8.64
CA LYS D 176 -32.47 -29.33 7.29
C LYS D 176 -32.20 -30.85 7.26
N VAL D 177 -31.13 -31.27 7.94
CA VAL D 177 -30.77 -32.67 8.04
C VAL D 177 -31.92 -33.52 8.60
N VAL D 178 -32.55 -33.05 9.66
CA VAL D 178 -33.66 -33.79 10.28
C VAL D 178 -34.85 -33.96 9.31
N ALA D 179 -35.10 -32.92 8.52
CA ALA D 179 -36.25 -32.89 7.63
C ALA D 179 -35.99 -33.55 6.28
N MET D 180 -34.73 -33.65 5.85
CA MET D 180 -34.47 -34.03 4.49
C MET D 180 -34.67 -35.50 4.20
N SER D 181 -34.83 -35.81 2.92
CA SER D 181 -34.96 -37.16 2.51
C SER D 181 -33.69 -37.92 2.90
N GLU D 182 -33.86 -39.11 3.48
CA GLU D 182 -32.70 -39.86 3.98
C GLU D 182 -31.72 -40.20 2.86
N ASP D 183 -32.24 -40.50 1.66
CA ASP D 183 -31.37 -40.85 0.56
C ASP D 183 -30.50 -39.69 -0.04
N GLU D 184 -30.78 -38.46 0.39
CA GLU D 184 -30.00 -37.27 0.09
C GLU D 184 -28.94 -36.93 1.11
N LEU D 185 -28.84 -37.73 2.18
CA LEU D 185 -27.92 -37.41 3.25
C LEU D 185 -26.45 -37.61 2.94
N MET D 186 -26.13 -38.57 2.10
CA MET D 186 -24.72 -38.77 1.77
C MET D 186 -24.20 -37.56 0.97
N THR D 187 -24.95 -37.13 -0.03
CA THR D 187 -24.55 -35.90 -0.74
C THR D 187 -24.41 -34.75 0.27
N GLU D 188 -25.34 -34.66 1.21
CA GLU D 188 -25.27 -33.59 2.21
C GLU D 188 -23.96 -33.74 3.05
N ALA D 189 -23.69 -34.95 3.47
CA ALA D 189 -22.53 -35.23 4.34
C ALA D 189 -21.26 -34.84 3.57
N LYS D 190 -21.20 -35.20 2.29
CA LYS D 190 -20.06 -34.83 1.44
C LYS D 190 -19.91 -33.32 1.32
N ASN D 191 -21.04 -32.61 1.14
CA ASN D 191 -21.00 -31.18 1.00
C ASN D 191 -20.56 -30.49 2.28
N LEU D 192 -21.00 -30.99 3.43
CA LEU D 192 -20.61 -30.48 4.72
C LEU D 192 -19.21 -30.87 5.18
N GLY D 193 -18.66 -31.95 4.64
CA GLY D 193 -17.51 -32.59 5.26
C GLY D 193 -17.81 -33.23 6.62
N ALA D 194 -19.02 -33.77 6.75
CA ALA D 194 -19.55 -34.35 7.98
C ALA D 194 -19.43 -35.89 7.88
N PRO D 195 -18.96 -36.53 8.97
CA PRO D 195 -19.04 -37.97 9.03
C PRO D 195 -20.49 -38.44 8.91
N TYR D 196 -20.71 -39.30 7.92
CA TYR D 196 -22.05 -39.78 7.59
C TYR D 196 -22.86 -40.36 8.75
N GLU D 197 -22.24 -41.26 9.53
CA GLU D 197 -22.99 -41.92 10.60
C GLU D 197 -23.50 -40.95 11.67
N LEU D 198 -22.72 -39.91 11.96
CA LEU D 198 -23.20 -38.84 12.86
C LEU D 198 -24.37 -38.08 12.29
N LEU D 199 -24.33 -37.80 10.98
CA LEU D 199 -25.40 -37.08 10.36
C LEU D 199 -26.67 -37.87 10.43
N LEU D 200 -26.57 -39.17 10.14
CA LEU D 200 -27.70 -40.09 10.21
C LEU D 200 -28.24 -40.12 11.63
N GLN D 201 -27.36 -40.16 12.62
CA GLN D 201 -27.85 -40.19 14.00
C GLN D 201 -28.55 -38.88 14.40
N ILE D 202 -28.02 -37.75 13.95
CA ILE D 202 -28.68 -36.48 14.14
C ILE D 202 -30.08 -36.55 13.53
N LYS D 203 -30.21 -37.03 12.30
CA LYS D 203 -31.52 -37.13 11.68
C LYS D 203 -32.47 -37.96 12.54
N LYS D 204 -31.98 -39.10 13.00
CA LYS D 204 -32.77 -39.96 13.89
C LYS D 204 -33.13 -39.36 15.26
N ASP D 205 -32.20 -38.67 15.89
CA ASP D 205 -32.43 -38.11 17.22
C ASP D 205 -33.18 -36.83 17.13
N GLY D 206 -33.15 -36.18 15.96
CA GLY D 206 -33.73 -34.85 15.85
C GLY D 206 -32.89 -33.70 16.39
N LYS D 207 -31.64 -33.95 16.75
CA LYS D 207 -30.78 -32.98 17.38
C LYS D 207 -29.31 -33.44 17.43
N LEU D 208 -28.42 -32.51 17.78
CA LEU D 208 -27.02 -32.90 18.03
C LEU D 208 -26.93 -33.79 19.26
N PRO D 209 -25.94 -34.67 19.30
CA PRO D 209 -25.73 -35.55 20.43
C PRO D 209 -25.02 -34.93 21.62
N VAL D 210 -24.57 -33.69 21.53
CA VAL D 210 -23.91 -33.00 22.61
C VAL D 210 -24.51 -31.60 22.67
N VAL D 211 -24.31 -30.93 23.80
CA VAL D 211 -24.77 -29.58 23.98
C VAL D 211 -23.83 -28.66 23.22
N ASN D 212 -24.41 -27.54 22.81
CA ASN D 212 -23.76 -26.49 22.02
C ASN D 212 -24.08 -25.11 22.62
N PHE D 213 -23.06 -24.49 23.20
CA PHE D 213 -23.19 -23.25 23.93
C PHE D 213 -22.75 -22.10 23.08
N ALA D 214 -23.35 -20.93 23.32
CA ALA D 214 -22.85 -19.68 22.72
C ALA D 214 -21.53 -19.26 23.40
N ALA D 215 -20.58 -18.79 22.60
CA ALA D 215 -19.29 -18.27 23.11
C ALA D 215 -18.68 -17.26 22.16
N GLY D 216 -18.16 -16.17 22.72
CA GLY D 216 -17.41 -15.14 22.02
C GLY D 216 -18.31 -13.97 21.68
N GLY D 217 -18.20 -12.89 22.44
CA GLY D 217 -18.97 -11.68 22.19
C GLY D 217 -20.27 -11.49 22.96
N VAL D 218 -20.60 -12.41 23.87
CA VAL D 218 -21.78 -12.19 24.69
C VAL D 218 -21.43 -11.11 25.69
N ALA D 219 -21.98 -9.93 25.50
CA ALA D 219 -21.62 -8.79 26.34
C ALA D 219 -22.72 -8.33 27.30
N THR D 220 -24.00 -8.48 26.93
CA THR D 220 -25.05 -7.97 27.74
C THR D 220 -26.07 -9.05 28.12
N PRO D 221 -26.92 -8.73 29.11
CA PRO D 221 -27.99 -9.67 29.42
C PRO D 221 -28.87 -10.03 28.19
N ALA D 222 -29.25 -9.03 27.41
CA ALA D 222 -30.02 -9.29 26.19
C ALA D 222 -29.31 -10.21 25.19
N ASP D 223 -27.98 -10.11 25.08
CA ASP D 223 -27.16 -10.99 24.20
C ASP D 223 -27.28 -12.41 24.68
N ALA D 224 -27.20 -12.61 26.00
CA ALA D 224 -27.26 -13.98 26.59
C ALA D 224 -28.60 -14.70 26.29
N ALA D 225 -29.69 -13.97 26.54
CA ALA D 225 -31.02 -14.41 26.25
C ALA D 225 -31.20 -14.64 24.75
N LEU D 226 -30.66 -13.75 23.93
CA LEU D 226 -30.75 -13.94 22.50
C LEU D 226 -30.12 -15.27 22.04
N MET D 227 -28.97 -15.63 22.59
CA MET D 227 -28.34 -16.87 22.21
C MET D 227 -29.18 -18.08 22.57
N MET D 228 -29.86 -18.02 23.71
CA MET D 228 -30.78 -19.05 24.15
C MET D 228 -31.98 -19.15 23.21
N GLN D 229 -32.49 -17.99 22.84
CA GLN D 229 -33.60 -17.87 21.88
C GLN D 229 -33.26 -18.45 20.49
N LEU D 230 -32.00 -18.32 20.07
CA LEU D 230 -31.56 -18.92 18.79
C LEU D 230 -31.23 -20.40 18.93
N GLY D 231 -31.37 -20.94 20.13
CA GLY D 231 -31.25 -22.37 20.28
C GLY D 231 -30.00 -22.88 20.97
N ALA D 232 -29.20 -21.99 21.54
CA ALA D 232 -28.04 -22.40 22.34
C ALA D 232 -28.47 -23.18 23.57
N ASP D 233 -27.61 -24.11 24.01
CA ASP D 233 -27.80 -24.87 25.24
C ASP D 233 -27.29 -24.14 26.47
N GLY D 234 -26.64 -23.00 26.28
CA GLY D 234 -26.08 -22.25 27.40
C GLY D 234 -25.11 -21.23 26.86
N VAL D 235 -24.43 -20.51 27.75
CA VAL D 235 -23.58 -19.40 27.37
C VAL D 235 -22.24 -19.42 28.14
N PHE D 236 -21.13 -19.22 27.41
CA PHE D 236 -19.81 -18.83 27.99
C PHE D 236 -19.71 -17.32 27.94
N VAL D 237 -19.27 -16.70 29.05
CA VAL D 237 -18.98 -15.27 29.11
C VAL D 237 -17.61 -15.02 29.64
N GLY D 238 -17.06 -13.88 29.21
CA GLY D 238 -15.67 -13.56 29.44
C GLY D 238 -15.44 -12.62 30.59
N SER D 239 -14.23 -12.08 30.62
CA SER D 239 -13.73 -11.31 31.76
C SER D 239 -14.40 -9.96 31.91
N GLY D 240 -15.13 -9.51 30.88
CA GLY D 240 -15.94 -8.30 30.98
C GLY D 240 -16.77 -8.25 32.24
N ILE D 241 -17.24 -9.41 32.70
CA ILE D 241 -17.96 -9.44 33.98
C ILE D 241 -17.20 -8.71 35.08
N PHE D 242 -15.89 -8.93 35.14
CA PHE D 242 -15.07 -8.40 36.22
C PHE D 242 -14.45 -7.02 35.97
N LYS D 243 -14.89 -6.35 34.91
CA LYS D 243 -14.42 -5.00 34.63
C LYS D 243 -15.48 -3.97 35.03
N SER D 244 -16.70 -4.44 35.27
CA SER D 244 -17.77 -3.58 35.74
C SER D 244 -17.61 -3.13 37.19
N ASP D 245 -18.37 -2.11 37.55
CA ASP D 245 -18.46 -1.58 38.93
C ASP D 245 -18.82 -2.64 39.96
N ASN D 246 -19.68 -3.57 39.56
CA ASN D 246 -20.25 -4.54 40.47
C ASN D 246 -20.36 -5.91 39.82
N PRO D 247 -19.23 -6.65 39.75
CA PRO D 247 -19.12 -8.00 39.16
C PRO D 247 -20.17 -9.01 39.65
N ALA D 248 -20.38 -9.11 40.96
CA ALA D 248 -21.40 -10.00 41.48
C ALA D 248 -22.76 -9.75 40.81
N LYS D 249 -23.09 -8.48 40.67
CA LYS D 249 -24.37 -8.05 40.21
C LYS D 249 -24.49 -8.29 38.70
N PHE D 250 -23.44 -7.97 37.97
CA PHE D 250 -23.43 -8.20 36.54
C PHE D 250 -23.48 -9.70 36.23
N ALA D 251 -22.69 -10.49 36.95
CA ALA D 251 -22.70 -11.93 36.81
C ALA D 251 -24.08 -12.53 37.07
N LYS D 252 -24.74 -12.11 38.15
CA LYS D 252 -26.09 -12.58 38.42
C LYS D 252 -27.08 -12.19 37.33
N ALA D 253 -26.97 -10.97 36.81
CA ALA D 253 -27.83 -10.54 35.69
C ALA D 253 -27.67 -11.44 34.46
N ILE D 254 -26.44 -11.83 34.15
CA ILE D 254 -26.22 -12.71 33.00
C ILE D 254 -26.86 -14.07 33.28
N VAL D 255 -26.71 -14.56 34.50
CA VAL D 255 -27.24 -15.85 34.89
C VAL D 255 -28.76 -15.85 34.78
N GLU D 256 -29.38 -14.79 35.28
CA GLU D 256 -30.84 -14.68 35.29
CA GLU D 256 -30.85 -14.70 35.30
C GLU D 256 -31.43 -14.53 33.91
N ALA D 257 -30.75 -13.73 33.07
CA ALA D 257 -31.18 -13.51 31.69
C ALA D 257 -31.07 -14.78 30.86
N THR D 258 -30.03 -15.57 31.13
CA THR D 258 -29.85 -16.83 30.46
C THR D 258 -30.94 -17.82 30.85
N THR D 259 -31.27 -17.92 32.14
CA THR D 259 -32.33 -18.82 32.57
C THR D 259 -33.70 -18.35 32.02
N HIS D 260 -34.04 -17.10 32.29
CA HIS D 260 -35.33 -16.52 32.00
C HIS D 260 -35.27 -15.71 30.74
N PHE D 261 -34.91 -16.40 29.66
CA PHE D 261 -34.51 -15.73 28.41
C PHE D 261 -35.67 -15.20 27.60
N THR D 262 -36.90 -15.43 28.06
CA THR D 262 -38.06 -14.80 27.50
C THR D 262 -38.74 -13.80 28.46
N ASP D 263 -38.12 -13.48 29.59
CA ASP D 263 -38.70 -12.48 30.54
C ASP D 263 -38.14 -11.08 30.23
N TYR D 264 -38.81 -10.43 29.28
CA TYR D 264 -38.33 -9.17 28.73
C TYR D 264 -38.38 -8.04 29.75
N LYS D 265 -39.39 -8.05 30.62
CA LYS D 265 -39.44 -7.10 31.72
C LYS D 265 -38.25 -7.28 32.65
N LEU D 266 -37.94 -8.54 33.00
CA LEU D 266 -36.79 -8.80 33.82
C LEU D 266 -35.51 -8.31 33.10
N ILE D 267 -35.36 -8.69 31.83
CA ILE D 267 -34.14 -8.39 31.11
C ILE D 267 -33.92 -6.87 30.99
N ALA D 268 -34.99 -6.12 30.76
CA ALA D 268 -34.95 -4.65 30.81
C ALA D 268 -34.31 -4.14 32.13
N GLU D 269 -34.81 -4.64 33.25
CA GLU D 269 -34.26 -4.24 34.54
C GLU D 269 -32.80 -4.64 34.68
N LEU D 270 -32.48 -5.85 34.26
CA LEU D 270 -31.11 -6.33 34.33
C LEU D 270 -30.15 -5.56 33.41
N SER D 271 -30.69 -4.96 32.36
CA SER D 271 -29.86 -4.23 31.41
C SER D 271 -29.45 -2.83 31.91
N LYS D 272 -30.05 -2.37 32.99
CA LYS D 272 -29.78 -1.02 33.51
C LYS D 272 -28.43 -0.95 34.21
N GLU D 273 -27.73 0.16 33.98
CA GLU D 273 -26.48 0.52 34.68
C GLU D 273 -25.30 -0.36 34.31
N LEU D 274 -25.05 -0.46 33.01
CA LEU D 274 -23.87 -1.15 32.50
C LEU D 274 -22.94 -0.18 31.74
N GLY D 275 -21.80 -0.71 31.28
CA GLY D 275 -20.81 0.08 30.54
C GLY D 275 -19.98 0.95 31.45
N THR E 9 -52.58 -5.82 14.52
CA THR E 9 -52.97 -5.63 13.09
C THR E 9 -52.07 -4.62 12.39
N GLU E 10 -51.81 -4.88 11.11
CA GLU E 10 -51.06 -3.97 10.25
C GLU E 10 -51.65 -2.56 10.19
N ARG E 11 -52.99 -2.48 10.12
CA ARG E 11 -53.72 -1.21 10.02
C ARG E 11 -53.49 -0.26 11.19
N VAL E 12 -53.57 -0.79 12.42
CA VAL E 12 -53.23 -0.02 13.62
C VAL E 12 -51.75 0.42 13.65
N LYS E 13 -50.85 -0.55 13.46
CA LYS E 13 -49.40 -0.25 13.42
C LYS E 13 -49.10 0.89 12.41
N ARG E 14 -49.56 0.69 11.18
CA ARG E 14 -49.26 1.60 10.10
C ARG E 14 -49.98 2.94 10.27
N GLY E 15 -51.19 2.88 10.85
CA GLY E 15 -51.97 4.08 11.17
C GLY E 15 -51.24 4.93 12.19
N MET E 16 -50.63 4.26 13.17
CA MET E 16 -49.77 4.93 14.14
C MET E 16 -48.65 5.69 13.40
N ALA E 17 -47.91 4.97 12.55
CA ALA E 17 -46.76 5.57 11.84
C ALA E 17 -47.19 6.77 11.00
N GLU E 18 -48.36 6.64 10.38
CA GLU E 18 -48.86 7.63 9.45
C GLU E 18 -49.22 8.95 10.13
N MET E 19 -49.53 8.88 11.43
CA MET E 19 -49.82 10.10 12.20
C MET E 19 -48.55 10.98 12.41
N GLN E 20 -47.37 10.44 12.10
CA GLN E 20 -46.15 11.23 12.15
C GLN E 20 -45.90 12.03 10.86
N LYS E 21 -46.64 11.70 9.81
CA LYS E 21 -46.39 12.26 8.45
C LYS E 21 -46.29 13.81 8.42
N GLY E 22 -45.35 14.35 7.63
CA GLY E 22 -45.02 15.78 7.54
C GLY E 22 -44.02 16.27 8.62
N GLY E 23 -43.84 15.47 9.65
CA GLY E 23 -43.07 15.86 10.82
C GLY E 23 -41.58 15.58 10.86
N VAL E 24 -40.97 16.06 11.96
CA VAL E 24 -39.58 15.89 12.23
C VAL E 24 -39.43 15.00 13.47
N ILE E 25 -38.59 13.98 13.34
CA ILE E 25 -38.24 13.14 14.49
C ILE E 25 -36.79 13.48 14.89
N MET E 26 -36.55 13.68 16.18
CA MET E 26 -35.25 14.13 16.64
C MET E 26 -34.57 13.15 17.57
N ASP E 27 -33.28 12.91 17.30
CA ASP E 27 -32.42 12.13 18.20
C ASP E 27 -32.14 12.92 19.47
N VAL E 28 -32.36 12.28 20.63
CA VAL E 28 -32.15 12.92 21.91
C VAL E 28 -31.52 11.92 22.88
N ILE E 29 -30.63 12.40 23.75
CA ILE E 29 -29.92 11.51 24.68
C ILE E 29 -30.43 11.64 26.12
N ASN E 30 -31.36 12.56 26.36
CA ASN E 30 -31.82 12.86 27.71
C ASN E 30 -33.11 13.66 27.74
N ALA E 31 -33.62 13.84 28.96
CA ALA E 31 -34.86 14.48 29.20
C ALA E 31 -34.84 15.93 28.70
N GLU E 32 -33.73 16.61 28.89
CA GLU E 32 -33.60 18.01 28.50
C GLU E 32 -33.75 18.16 26.97
N GLN E 33 -32.95 17.38 26.25
CA GLN E 33 -32.99 17.42 24.80
C GLN E 33 -34.38 17.03 24.31
N ALA E 34 -34.95 16.00 24.93
CA ALA E 34 -36.28 15.54 24.65
C ALA E 34 -37.27 16.67 24.75
N LYS E 35 -37.24 17.41 25.88
CA LYS E 35 -38.20 18.48 26.07
C LYS E 35 -38.00 19.56 25.01
N ILE E 36 -36.74 19.86 24.70
CA ILE E 36 -36.44 20.86 23.66
C ILE E 36 -37.02 20.43 22.31
N ALA E 37 -36.77 19.19 21.93
CA ALA E 37 -37.36 18.62 20.71
C ALA E 37 -38.90 18.85 20.69
N GLU E 38 -39.54 18.41 21.77
CA GLU E 38 -41.01 18.51 21.84
C GLU E 38 -41.48 19.96 21.69
N GLU E 39 -40.81 20.87 22.36
CA GLU E 39 -41.24 22.27 22.35
C GLU E 39 -41.00 22.91 21.01
N ALA E 40 -39.96 22.46 20.31
CA ALA E 40 -39.67 22.93 18.94
C ALA E 40 -40.68 22.43 17.90
N GLY E 41 -41.52 21.47 18.29
CA GLY E 41 -42.53 20.93 17.38
C GLY E 41 -42.17 19.58 16.73
N ALA E 42 -41.15 18.89 17.24
CA ALA E 42 -40.87 17.49 16.80
C ALA E 42 -42.13 16.66 17.00
N VAL E 43 -42.48 15.81 16.02
CA VAL E 43 -43.60 14.88 16.16
C VAL E 43 -43.26 13.63 16.96
N ALA E 44 -41.97 13.33 17.10
CA ALA E 44 -41.52 12.21 17.91
C ALA E 44 -40.04 12.43 18.21
N VAL E 45 -39.51 11.72 19.21
CA VAL E 45 -38.08 11.74 19.54
C VAL E 45 -37.56 10.30 19.45
N MET E 46 -36.29 10.20 19.04
CA MET E 46 -35.56 8.96 19.05
C MET E 46 -34.55 8.96 20.23
N ALA E 47 -34.80 8.11 21.22
CA ALA E 47 -33.95 8.01 22.40
C ALA E 47 -32.66 7.27 22.01
N LEU E 48 -31.52 7.86 22.37
CA LEU E 48 -30.20 7.34 22.02
C LEU E 48 -29.31 7.36 23.22
N GLU E 49 -28.36 6.43 23.24
CA GLU E 49 -27.19 6.56 24.09
C GLU E 49 -26.06 7.13 23.25
N ARG E 50 -26.04 6.76 21.96
CA ARG E 50 -25.07 7.25 20.97
C ARG E 50 -24.74 8.73 21.12
N GLY E 60 -15.43 -0.60 18.83
CA GLY E 60 -16.67 -0.03 19.47
C GLY E 60 -18.00 -0.58 18.93
N VAL E 61 -18.72 -1.33 19.77
CA VAL E 61 -19.98 -1.98 19.36
C VAL E 61 -21.11 -1.10 19.85
N ALA E 62 -22.00 -0.72 18.95
CA ALA E 62 -23.13 0.11 19.30
C ALA E 62 -24.38 -0.77 19.50
N ARG E 63 -24.96 -0.72 20.70
CA ARG E 63 -26.06 -1.61 21.13
C ARG E 63 -27.29 -0.81 21.46
N MET E 64 -28.37 -1.50 21.83
CA MET E 64 -29.53 -0.86 22.45
C MET E 64 -29.06 0.03 23.61
N ALA E 65 -29.74 1.17 23.73
CA ALA E 65 -29.48 2.14 24.79
C ALA E 65 -29.83 1.58 26.14
N ASP E 66 -29.08 2.01 27.15
CA ASP E 66 -29.47 1.76 28.56
C ASP E 66 -30.95 2.05 28.74
N PRO E 67 -31.72 1.07 29.20
CA PRO E 67 -33.16 1.35 29.41
C PRO E 67 -33.47 2.56 30.31
N THR E 68 -32.55 2.89 31.21
CA THR E 68 -32.70 4.08 32.05
C THR E 68 -32.86 5.33 31.20
N ILE E 69 -32.05 5.47 30.16
CA ILE E 69 -32.13 6.61 29.27
C ILE E 69 -33.44 6.56 28.51
N VAL E 70 -33.84 5.38 28.05
CA VAL E 70 -35.09 5.29 27.31
C VAL E 70 -36.27 5.69 28.20
N GLU E 71 -36.27 5.17 29.42
CA GLU E 71 -37.31 5.53 30.41
C GLU E 71 -37.30 7.03 30.76
N GLU E 72 -36.12 7.60 30.97
CA GLU E 72 -35.96 9.04 31.15
C GLU E 72 -36.67 9.84 30.04
N VAL E 73 -36.37 9.47 28.80
CA VAL E 73 -36.97 10.17 27.69
C VAL E 73 -38.49 9.96 27.66
N MET E 74 -38.94 8.73 27.86
CA MET E 74 -40.37 8.46 27.92
C MET E 74 -41.12 9.32 28.94
N ASN E 75 -40.49 9.54 30.11
CA ASN E 75 -41.09 10.34 31.16
C ASN E 75 -40.98 11.81 30.94
N ALA E 76 -40.13 12.23 30.00
CA ALA E 76 -39.86 13.64 29.75
C ALA E 76 -40.88 14.31 28.82
N VAL E 77 -41.52 13.53 27.95
CA VAL E 77 -42.34 14.15 26.90
C VAL E 77 -43.68 13.45 26.73
N SER E 78 -44.57 14.07 25.97
CA SER E 78 -45.84 13.47 25.67
C SER E 78 -45.95 12.99 24.23
N ILE E 79 -44.95 13.27 23.41
CA ILE E 79 -44.96 12.78 22.02
C ILE E 79 -44.39 11.35 21.94
N PRO E 80 -44.66 10.63 20.84
CA PRO E 80 -44.15 9.27 20.74
C PRO E 80 -42.63 9.16 20.98
N VAL E 81 -42.22 8.07 21.60
CA VAL E 81 -40.80 7.82 21.81
C VAL E 81 -40.36 6.56 21.06
N MET E 82 -39.27 6.71 20.31
CA MET E 82 -38.70 5.62 19.53
C MET E 82 -37.38 5.24 20.13
N ALA E 83 -36.94 4.01 19.87
CA ALA E 83 -35.60 3.58 20.29
C ALA E 83 -35.07 2.57 19.30
N LYS E 84 -33.75 2.41 19.27
CA LYS E 84 -33.09 1.48 18.33
C LYS E 84 -32.69 0.14 18.92
N ALA E 85 -32.83 -0.90 18.08
CA ALA E 85 -32.40 -2.27 18.35
C ALA E 85 -31.45 -2.67 17.25
N ARG E 86 -30.44 -3.47 17.58
CA ARG E 86 -29.49 -3.90 16.58
C ARG E 86 -30.25 -4.82 15.60
N ILE E 87 -29.82 -4.84 14.34
CA ILE E 87 -30.46 -5.68 13.33
C ILE E 87 -30.43 -7.12 13.82
N GLY E 88 -31.60 -7.77 13.80
CA GLY E 88 -31.75 -9.16 14.16
C GLY E 88 -31.67 -9.43 15.64
N HIS E 89 -31.60 -8.40 16.49
CA HIS E 89 -31.49 -8.65 17.94
C HIS E 89 -32.86 -8.78 18.61
N ILE E 90 -33.30 -10.02 18.62
CA ILE E 90 -34.65 -10.37 18.98
C ILE E 90 -34.94 -9.86 20.38
N VAL E 91 -33.99 -10.05 21.28
CA VAL E 91 -34.20 -9.73 22.66
C VAL E 91 -34.15 -8.22 22.92
N GLU E 92 -33.19 -7.49 22.35
CA GLU E 92 -33.25 -6.03 22.47
C GLU E 92 -34.62 -5.49 22.04
N ALA E 93 -35.15 -6.00 20.92
CA ALA E 93 -36.40 -5.52 20.38
C ALA E 93 -37.53 -5.84 21.35
N ARG E 94 -37.49 -7.07 21.86
CA ARG E 94 -38.49 -7.54 22.79
C ARG E 94 -38.43 -6.79 24.12
N VAL E 95 -37.23 -6.43 24.53
CA VAL E 95 -37.04 -5.60 25.68
C VAL E 95 -37.64 -4.21 25.48
N LEU E 96 -37.31 -3.57 24.36
CA LEU E 96 -37.90 -2.27 24.06
C LEU E 96 -39.41 -2.32 23.98
N GLU E 97 -39.93 -3.38 23.40
CA GLU E 97 -41.36 -3.54 23.33
C GLU E 97 -42.00 -3.60 24.73
N ALA E 98 -41.45 -4.44 25.60
CA ALA E 98 -41.96 -4.63 26.95
C ALA E 98 -41.87 -3.34 27.75
N MET E 99 -40.86 -2.51 27.46
CA MET E 99 -40.74 -1.19 28.07
C MET E 99 -41.81 -0.16 27.64
N GLY E 100 -42.54 -0.46 26.57
CA GLY E 100 -43.61 0.41 26.12
C GLY E 100 -43.10 1.56 25.27
N VAL E 101 -41.99 1.37 24.54
CA VAL E 101 -41.63 2.35 23.51
C VAL E 101 -42.71 2.38 22.43
N ASP E 102 -42.91 3.52 21.80
CA ASP E 102 -43.90 3.63 20.75
C ASP E 102 -43.48 3.02 19.40
N TYR E 103 -42.19 3.08 19.07
CA TYR E 103 -41.64 2.50 17.82
C TYR E 103 -40.26 2.00 18.09
N ILE E 104 -39.91 0.94 17.37
CA ILE E 104 -38.54 0.45 17.33
C ILE E 104 -37.94 0.65 15.92
N ASP E 105 -36.75 1.23 15.90
CA ASP E 105 -35.96 1.35 14.72
C ASP E 105 -34.93 0.20 14.76
N GLU E 106 -35.13 -0.75 13.86
CA GLU E 106 -34.21 -1.81 13.63
C GLU E 106 -33.12 -1.20 12.76
N SER E 107 -32.06 -0.73 13.43
CA SER E 107 -31.13 0.23 12.85
C SER E 107 -29.75 -0.29 12.50
N GLU E 108 -29.38 -0.12 11.23
CA GLU E 108 -28.03 -0.33 10.69
C GLU E 108 -26.99 0.64 11.26
N VAL E 109 -27.44 1.64 12.01
CA VAL E 109 -26.51 2.51 12.66
C VAL E 109 -25.97 1.85 13.90
N LEU E 110 -26.73 0.97 14.56
CA LEU E 110 -26.15 0.15 15.59
C LEU E 110 -25.34 -1.00 14.92
N THR E 111 -24.46 -1.63 15.69
CA THR E 111 -23.65 -2.75 15.17
C THR E 111 -24.59 -3.97 14.91
N PRO E 112 -24.76 -4.41 13.65
CA PRO E 112 -25.68 -5.53 13.41
C PRO E 112 -25.41 -6.76 14.30
N ALA E 113 -26.49 -7.33 14.85
CA ALA E 113 -26.33 -8.52 15.70
C ALA E 113 -26.46 -9.79 14.86
N ASP E 114 -27.15 -9.68 13.73
CA ASP E 114 -27.33 -10.76 12.78
C ASP E 114 -27.06 -10.16 11.41
N GLU E 115 -26.02 -10.62 10.74
CA GLU E 115 -25.72 -10.11 9.41
C GLU E 115 -26.42 -10.85 8.27
N GLU E 116 -27.28 -11.79 8.61
CA GLU E 116 -27.95 -12.58 7.58
C GLU E 116 -29.46 -12.46 7.64
N PHE E 117 -30.02 -12.29 8.85
CA PHE E 117 -31.45 -12.22 9.01
C PHE E 117 -31.86 -11.00 9.79
N HIS E 118 -32.84 -10.27 9.25
CA HIS E 118 -33.50 -9.19 10.00
C HIS E 118 -34.56 -9.79 10.95
N LEU E 119 -35.10 -8.94 11.81
CA LEU E 119 -36.13 -9.35 12.74
C LEU E 119 -37.44 -9.70 12.01
N ASN E 120 -38.13 -10.69 12.54
CA ASN E 120 -39.45 -11.06 12.03
C ASN E 120 -40.41 -10.12 12.72
N LYS E 121 -40.52 -8.92 12.18
CA LYS E 121 -41.28 -7.83 12.82
C LYS E 121 -42.79 -8.08 12.83
N ASN E 122 -43.24 -9.01 11.99
CA ASN E 122 -44.64 -9.49 11.99
C ASN E 122 -45.10 -10.06 13.35
N GLU E 123 -44.15 -10.61 14.11
CA GLU E 123 -44.45 -11.25 15.39
C GLU E 123 -44.48 -10.33 16.62
N TYR E 124 -44.33 -9.04 16.41
CA TYR E 124 -44.27 -8.06 17.47
C TYR E 124 -45.52 -7.28 17.44
N THR E 125 -45.83 -6.66 18.59
CA THR E 125 -46.91 -5.71 18.70
C THR E 125 -46.46 -4.29 18.42
N VAL E 126 -45.29 -3.90 18.91
CA VAL E 126 -44.80 -2.56 18.66
C VAL E 126 -44.51 -2.44 17.15
N PRO E 127 -44.79 -1.28 16.55
CA PRO E 127 -44.38 -1.04 15.16
C PRO E 127 -42.89 -0.77 15.00
N PHE E 128 -42.37 -1.06 13.81
CA PHE E 128 -40.95 -0.91 13.50
C PHE E 128 -40.73 0.05 12.36
N VAL E 129 -39.64 0.79 12.45
CA VAL E 129 -39.14 1.50 11.30
C VAL E 129 -37.88 0.77 10.82
N CYS E 130 -37.72 0.62 9.51
CA CYS E 130 -36.47 0.07 8.92
C CYS E 130 -35.95 0.98 7.88
N GLY E 131 -34.65 0.87 7.62
CA GLY E 131 -34.03 1.58 6.51
C GLY E 131 -34.15 0.87 5.17
N CYS E 132 -34.13 1.64 4.09
CA CYS E 132 -34.07 1.06 2.73
C CYS E 132 -33.37 2.03 1.79
N ARG E 133 -32.81 1.48 0.71
CA ARG E 133 -32.16 2.24 -0.29
C ARG E 133 -32.76 2.15 -1.68
N ASP E 134 -33.68 1.20 -1.86
CA ASP E 134 -34.34 0.89 -3.12
C ASP E 134 -35.65 0.14 -2.85
N LEU E 135 -36.46 -0.06 -3.89
CA LEU E 135 -37.79 -0.67 -3.72
C LEU E 135 -37.72 -2.15 -3.29
N GLY E 136 -36.68 -2.86 -3.72
CA GLY E 136 -36.45 -4.23 -3.29
C GLY E 136 -36.25 -4.29 -1.77
N GLU E 137 -35.34 -3.46 -1.26
CA GLU E 137 -35.11 -3.39 0.18
C GLU E 137 -36.34 -2.94 0.91
N ALA E 138 -37.02 -1.91 0.38
CA ALA E 138 -38.24 -1.43 1.03
C ALA E 138 -39.29 -2.53 1.18
N THR E 139 -39.53 -3.27 0.11
CA THR E 139 -40.60 -4.25 0.13
C THR E 139 -40.23 -5.45 0.99
N ARG E 140 -38.97 -5.82 1.02
CA ARG E 140 -38.53 -6.93 1.87
C ARG E 140 -38.74 -6.59 3.36
N ARG E 141 -38.40 -5.35 3.73
CA ARG E 141 -38.55 -4.90 5.07
C ARG E 141 -40.03 -4.85 5.44
N ILE E 142 -40.88 -4.35 4.53
CA ILE E 142 -42.29 -4.30 4.79
C ILE E 142 -42.86 -5.73 4.97
N ALA E 143 -42.46 -6.63 4.10
CA ALA E 143 -42.94 -8.02 4.18
C ALA E 143 -42.50 -8.71 5.47
N GLU E 144 -41.33 -8.36 5.98
CA GLU E 144 -40.90 -8.87 7.29
C GLU E 144 -41.69 -8.23 8.41
N GLY E 145 -42.45 -7.18 8.13
CA GLY E 145 -43.28 -6.53 9.15
C GLY E 145 -43.06 -5.08 9.45
N ALA E 146 -42.14 -4.39 8.75
CA ALA E 146 -41.92 -2.97 9.03
C ALA E 146 -43.20 -2.18 8.76
N SER E 147 -43.54 -1.27 9.67
CA SER E 147 -44.73 -0.42 9.56
C SER E 147 -44.34 0.99 9.05
N MET E 148 -43.03 1.23 8.94
CA MET E 148 -42.53 2.55 8.57
C MET E 148 -41.14 2.38 7.94
N LEU E 149 -40.85 3.18 6.93
CA LEU E 149 -39.54 3.17 6.30
C LEU E 149 -38.80 4.50 6.45
N ARG E 150 -37.49 4.44 6.27
CA ARG E 150 -36.66 5.62 6.11
C ARG E 150 -35.52 5.30 5.15
N THR E 151 -34.88 6.35 4.65
CA THR E 151 -33.71 6.16 3.83
C THR E 151 -32.64 5.68 4.79
N LYS E 152 -31.64 4.98 4.28
CA LYS E 152 -30.46 4.72 5.06
C LYS E 152 -29.60 5.99 5.07
N GLY E 153 -29.64 6.79 4.03
CA GLY E 153 -28.79 7.99 4.02
C GLY E 153 -27.32 7.64 4.33
N GLU E 154 -26.60 8.61 4.86
CA GLU E 154 -25.20 8.53 5.25
C GLU E 154 -25.09 9.25 6.60
N PRO E 155 -25.35 8.53 7.69
CA PRO E 155 -25.46 9.14 9.03
C PRO E 155 -24.15 9.65 9.60
N GLY E 156 -24.19 10.77 10.32
CA GLY E 156 -22.97 11.46 10.79
C GLY E 156 -21.96 12.03 9.77
N THR E 157 -22.41 12.32 8.56
CA THR E 157 -21.55 13.02 7.61
C THR E 157 -22.03 14.45 7.41
N GLY E 158 -23.32 14.71 7.64
CA GLY E 158 -23.93 16.00 7.24
C GLY E 158 -24.09 16.14 5.71
N ASN E 159 -23.82 15.07 4.97
CA ASN E 159 -23.97 15.05 3.52
C ASN E 159 -25.30 14.41 3.21
N ILE E 160 -26.16 15.21 2.58
CA ILE E 160 -27.51 14.79 2.20
C ILE E 160 -27.54 13.84 0.95
N VAL E 161 -26.42 13.66 0.29
CA VAL E 161 -26.36 13.01 -1.03
C VAL E 161 -26.98 11.59 -1.07
N GLU E 162 -26.79 10.83 -0.01
CA GLU E 162 -27.24 9.44 0.00
C GLU E 162 -28.71 9.32 0.33
N ALA E 163 -29.22 10.19 1.21
CA ALA E 163 -30.66 10.29 1.46
C ALA E 163 -31.42 10.66 0.17
N VAL E 164 -30.86 11.60 -0.56
CA VAL E 164 -31.40 11.99 -1.87
C VAL E 164 -31.38 10.76 -2.78
N ARG E 165 -30.24 10.07 -2.84
CA ARG E 165 -30.17 8.89 -3.72
C ARG E 165 -31.24 7.85 -3.39
N HIS E 166 -31.37 7.56 -2.10
CA HIS E 166 -32.31 6.55 -1.65
C HIS E 166 -33.79 6.90 -1.84
N MET E 167 -34.13 8.14 -1.50
CA MET E 167 -35.47 8.63 -1.66
C MET E 167 -35.80 8.69 -3.15
N ARG E 168 -34.87 9.17 -3.97
CA ARG E 168 -35.16 9.22 -5.39
C ARG E 168 -35.29 7.81 -5.97
N LYS E 169 -34.47 6.89 -5.49
CA LYS E 169 -34.50 5.53 -6.06
C LYS E 169 -35.82 4.85 -5.72
N VAL E 170 -36.20 4.81 -4.44
CA VAL E 170 -37.48 4.19 -4.09
C VAL E 170 -38.64 4.83 -4.89
N ASN E 171 -38.69 6.15 -4.92
CA ASN E 171 -39.77 6.85 -5.56
C ASN E 171 -39.78 6.62 -7.06
N ALA E 172 -38.60 6.61 -7.71
CA ALA E 172 -38.52 6.38 -9.14
C ALA E 172 -39.09 4.98 -9.44
N GLN E 173 -38.73 4.00 -8.61
CA GLN E 173 -39.08 2.61 -8.87
C GLN E 173 -40.56 2.38 -8.63
N VAL E 174 -41.10 3.10 -7.63
CA VAL E 174 -42.52 3.05 -7.37
C VAL E 174 -43.24 3.65 -8.56
N ARG E 175 -42.81 4.80 -9.06
CA ARG E 175 -43.52 5.35 -10.24
C ARG E 175 -43.54 4.38 -11.42
N LYS E 176 -42.40 3.72 -11.65
CA LYS E 176 -42.29 2.79 -12.76
C LYS E 176 -43.25 1.60 -12.57
N VAL E 177 -43.22 1.03 -11.38
CA VAL E 177 -44.12 -0.04 -11.03
C VAL E 177 -45.60 0.32 -11.20
N VAL E 178 -45.98 1.53 -10.78
CA VAL E 178 -47.35 1.97 -10.90
C VAL E 178 -47.78 2.10 -12.36
N ALA E 179 -46.90 2.60 -13.20
CA ALA E 179 -47.12 2.83 -14.64
C ALA E 179 -46.99 1.60 -15.53
N MET E 180 -46.27 0.59 -15.07
CA MET E 180 -45.89 -0.51 -16.00
C MET E 180 -47.00 -1.49 -16.28
N SER E 181 -46.85 -2.22 -17.38
CA SER E 181 -47.76 -3.27 -17.74
C SER E 181 -47.77 -4.34 -16.64
N GLU E 182 -48.97 -4.74 -16.20
CA GLU E 182 -49.07 -5.69 -15.10
C GLU E 182 -48.42 -7.02 -15.42
N ASP E 183 -48.46 -7.43 -16.68
CA ASP E 183 -47.83 -8.68 -17.04
C ASP E 183 -46.29 -8.66 -17.04
N GLU E 184 -45.69 -7.48 -16.86
CA GLU E 184 -44.24 -7.35 -16.71
C GLU E 184 -43.80 -7.29 -15.23
N LEU E 185 -44.75 -7.39 -14.29
CA LEU E 185 -44.42 -7.14 -12.89
C LEU E 185 -43.59 -8.25 -12.25
N MET E 186 -43.84 -9.50 -12.64
CA MET E 186 -43.04 -10.61 -12.07
C MET E 186 -41.56 -10.47 -12.45
N THR E 187 -41.28 -10.16 -13.70
CA THR E 187 -39.89 -9.93 -14.11
C THR E 187 -39.28 -8.77 -13.29
N GLU E 188 -40.07 -7.71 -13.07
CA GLU E 188 -39.65 -6.62 -12.22
C GLU E 188 -39.37 -7.08 -10.76
N ALA E 189 -40.26 -7.88 -10.21
CA ALA E 189 -40.15 -8.36 -8.86
C ALA E 189 -38.87 -9.18 -8.70
N LYS E 190 -38.61 -10.04 -9.65
CA LYS E 190 -37.43 -10.90 -9.59
C LYS E 190 -36.17 -10.01 -9.69
N ASN E 191 -36.19 -9.03 -10.58
CA ASN E 191 -35.04 -8.12 -10.72
C ASN E 191 -34.80 -7.34 -9.46
N LEU E 192 -35.86 -6.93 -8.77
CA LEU E 192 -35.75 -6.12 -7.56
C LEU E 192 -35.50 -6.96 -6.30
N GLY E 193 -35.81 -8.24 -6.37
CA GLY E 193 -35.88 -9.07 -5.18
C GLY E 193 -37.05 -8.62 -4.29
N ALA E 194 -38.15 -8.20 -4.93
CA ALA E 194 -39.36 -7.76 -4.22
C ALA E 194 -40.42 -8.86 -4.13
N PRO E 195 -41.05 -9.04 -2.95
CA PRO E 195 -42.22 -9.89 -2.84
C PRO E 195 -43.27 -9.47 -3.86
N TYR E 196 -43.64 -10.38 -4.74
CA TYR E 196 -44.52 -10.06 -5.84
C TYR E 196 -45.84 -9.43 -5.38
N GLU E 197 -46.45 -9.98 -4.32
CA GLU E 197 -47.80 -9.48 -3.89
C GLU E 197 -47.76 -8.03 -3.43
N LEU E 198 -46.65 -7.64 -2.84
CA LEU E 198 -46.42 -6.25 -2.45
C LEU E 198 -46.28 -5.36 -3.63
N LEU E 199 -45.52 -5.77 -4.63
CA LEU E 199 -45.42 -4.95 -5.83
C LEU E 199 -46.75 -4.77 -6.47
N LEU E 200 -47.50 -5.85 -6.63
CA LEU E 200 -48.85 -5.79 -7.18
C LEU E 200 -49.73 -4.78 -6.40
N GLN E 201 -49.69 -4.84 -5.09
CA GLN E 201 -50.51 -3.93 -4.27
C GLN E 201 -50.04 -2.48 -4.41
N ILE E 202 -48.73 -2.28 -4.49
CA ILE E 202 -48.22 -0.95 -4.79
C ILE E 202 -48.78 -0.45 -6.12
N LYS E 203 -48.77 -1.33 -7.12
CA LYS E 203 -49.26 -0.93 -8.41
C LYS E 203 -50.74 -0.53 -8.24
N LYS E 204 -51.48 -1.32 -7.49
CA LYS E 204 -52.89 -1.09 -7.28
C LYS E 204 -53.20 0.17 -6.50
N ASP E 205 -52.40 0.43 -5.47
CA ASP E 205 -52.67 1.51 -4.55
C ASP E 205 -52.13 2.81 -5.11
N GLY E 206 -51.17 2.73 -6.04
CA GLY E 206 -50.46 3.93 -6.54
C GLY E 206 -49.37 4.45 -5.63
N LYS E 207 -49.00 3.68 -4.62
CA LYS E 207 -48.07 4.16 -3.64
C LYS E 207 -47.59 3.02 -2.74
N LEU E 208 -46.56 3.32 -1.95
CA LEU E 208 -46.12 2.43 -0.86
C LEU E 208 -47.20 2.39 0.22
N PRO E 209 -47.34 1.23 0.89
CA PRO E 209 -48.35 1.13 1.96
C PRO E 209 -47.92 1.69 3.30
N VAL E 210 -46.70 2.17 3.42
CA VAL E 210 -46.19 2.74 4.67
C VAL E 210 -45.51 4.08 4.31
N VAL E 211 -45.39 4.98 5.29
CA VAL E 211 -44.63 6.21 5.11
C VAL E 211 -43.12 5.94 5.06
N ASN E 212 -42.42 6.84 4.40
CA ASN E 212 -40.99 6.72 4.14
C ASN E 212 -40.34 8.06 4.40
N PHE E 213 -39.53 8.11 5.43
CA PHE E 213 -38.98 9.37 5.93
C PHE E 213 -37.58 9.49 5.40
N ALA E 214 -37.04 10.71 5.35
CA ALA E 214 -35.64 10.90 5.07
C ALA E 214 -34.85 10.75 6.35
N ALA E 215 -33.68 10.15 6.27
CA ALA E 215 -32.82 9.99 7.44
C ALA E 215 -31.37 9.83 6.99
N GLY E 216 -30.48 10.50 7.72
CA GLY E 216 -29.04 10.38 7.55
C GLY E 216 -28.48 11.45 6.65
N GLY E 217 -27.94 12.49 7.27
CA GLY E 217 -27.28 13.56 6.53
C GLY E 217 -28.05 14.86 6.38
N VAL E 218 -29.22 14.99 6.99
CA VAL E 218 -29.94 16.27 6.98
C VAL E 218 -29.20 17.22 7.92
N ALA E 219 -28.65 18.30 7.39
CA ALA E 219 -27.84 19.21 8.21
C ALA E 219 -28.45 20.59 8.33
N THR E 220 -29.14 21.04 7.29
CA THR E 220 -29.65 22.39 7.23
C THR E 220 -31.17 22.43 6.97
N PRO E 221 -31.80 23.57 7.27
CA PRO E 221 -33.17 23.75 6.87
C PRO E 221 -33.41 23.42 5.40
N ALA E 222 -32.51 23.86 4.53
CA ALA E 222 -32.67 23.61 3.10
C ALA E 222 -32.69 22.12 2.78
N ASP E 223 -31.87 21.34 3.47
CA ASP E 223 -31.81 19.87 3.33
C ASP E 223 -33.15 19.24 3.70
N ALA E 224 -33.69 19.61 4.86
CA ALA E 224 -34.97 19.07 5.34
C ALA E 224 -36.09 19.32 4.32
N ALA E 225 -36.15 20.55 3.81
CA ALA E 225 -37.14 20.92 2.82
C ALA E 225 -36.94 20.16 1.51
N LEU E 226 -35.67 20.00 1.13
CA LEU E 226 -35.34 19.25 -0.08
C LEU E 226 -35.94 17.83 0.01
N MET E 227 -35.76 17.14 1.13
CA MET E 227 -36.23 15.78 1.17
C MET E 227 -37.75 15.72 1.03
N MET E 228 -38.43 16.72 1.56
CA MET E 228 -39.88 16.79 1.45
C MET E 228 -40.21 17.04 0.02
N GLN E 229 -39.39 17.86 -0.64
CA GLN E 229 -39.61 18.19 -2.05
C GLN E 229 -39.46 16.97 -2.94
N LEU E 230 -38.58 16.07 -2.53
CA LEU E 230 -38.37 14.84 -3.25
C LEU E 230 -39.38 13.73 -2.93
N GLY E 231 -40.36 14.02 -2.09
CA GLY E 231 -41.44 13.12 -1.79
C GLY E 231 -41.32 12.37 -0.47
N ALA E 232 -40.40 12.78 0.40
CA ALA E 232 -40.34 12.12 1.73
C ALA E 232 -41.62 12.39 2.49
N ASP E 233 -41.92 11.53 3.46
CA ASP E 233 -43.10 11.77 4.31
C ASP E 233 -42.75 12.51 5.58
N GLY E 234 -41.47 12.80 5.79
CA GLY E 234 -41.01 13.35 7.04
C GLY E 234 -39.50 13.17 7.09
N VAL E 235 -38.91 13.62 8.19
CA VAL E 235 -37.48 13.71 8.39
C VAL E 235 -37.07 13.29 9.78
N PHE E 236 -36.06 12.43 9.83
CA PHE E 236 -35.28 12.17 11.03
C PHE E 236 -34.04 13.07 10.99
N VAL E 237 -33.75 13.71 12.11
CA VAL E 237 -32.53 14.47 12.26
C VAL E 237 -31.80 14.06 13.53
N GLY E 238 -30.49 14.24 13.45
CA GLY E 238 -29.58 13.77 14.49
C GLY E 238 -29.13 14.80 15.51
N SER E 239 -28.06 14.45 16.21
CA SER E 239 -27.60 15.13 17.42
C SER E 239 -26.96 16.48 17.19
N GLY E 240 -26.62 16.76 15.93
CA GLY E 240 -26.18 18.08 15.49
C GLY E 240 -27.09 19.24 15.87
N ILE E 241 -28.39 19.00 16.03
CA ILE E 241 -29.25 20.04 16.57
C ILE E 241 -28.69 20.59 17.89
N PHE E 242 -28.22 19.68 18.74
CA PHE E 242 -27.77 19.99 20.09
C PHE E 242 -26.28 20.36 20.19
N LYS E 243 -25.55 20.20 19.09
CA LYS E 243 -24.17 20.68 18.98
C LYS E 243 -24.14 22.18 18.64
N SER E 244 -25.30 22.83 18.54
CA SER E 244 -25.38 24.20 18.05
C SER E 244 -25.44 25.17 19.22
N ASP E 245 -25.06 26.42 19.00
CA ASP E 245 -25.14 27.47 20.03
C ASP E 245 -26.56 27.63 20.61
N ASN E 246 -27.59 27.35 19.80
CA ASN E 246 -28.97 27.49 20.22
C ASN E 246 -29.83 26.34 19.73
N PRO E 247 -29.77 25.19 20.42
CA PRO E 247 -30.52 24.01 20.00
C PRO E 247 -32.00 24.28 19.79
N ALA E 248 -32.64 25.02 20.70
CA ALA E 248 -34.07 25.33 20.56
C ALA E 248 -34.39 26.00 19.21
N LYS E 249 -33.52 26.94 18.82
CA LYS E 249 -33.68 27.69 17.58
C LYS E 249 -33.52 26.81 16.35
N PHE E 250 -32.47 26.01 16.39
CA PHE E 250 -32.13 25.17 15.28
C PHE E 250 -33.19 24.07 15.06
N ALA E 251 -33.67 23.49 16.17
CA ALA E 251 -34.71 22.47 16.16
C ALA E 251 -35.98 23.00 15.53
N LYS E 252 -36.34 24.22 15.89
CA LYS E 252 -37.53 24.88 15.38
C LYS E 252 -37.34 25.21 13.91
N ALA E 253 -36.12 25.59 13.52
CA ALA E 253 -35.79 25.86 12.11
C ALA E 253 -36.02 24.65 11.23
N ILE E 254 -35.53 23.50 11.68
CA ILE E 254 -35.75 22.24 10.96
C ILE E 254 -37.23 21.84 10.91
N VAL E 255 -37.97 22.00 12.02
CA VAL E 255 -39.40 21.77 12.03
C VAL E 255 -40.15 22.66 11.01
N GLU E 256 -39.84 23.94 11.00
CA GLU E 256 -40.57 24.88 10.12
C GLU E 256 -40.26 24.64 8.64
N ALA E 257 -38.98 24.35 8.38
CA ALA E 257 -38.53 24.07 7.02
C ALA E 257 -39.16 22.78 6.49
N THR E 258 -39.31 21.79 7.37
CA THR E 258 -39.90 20.54 6.98
C THR E 258 -41.39 20.74 6.66
N THR E 259 -42.10 21.45 7.53
CA THR E 259 -43.52 21.70 7.34
C THR E 259 -43.76 22.60 6.12
N HIS E 260 -43.05 23.72 6.08
CA HIS E 260 -43.28 24.77 5.06
C HIS E 260 -42.19 24.69 4.01
N PHE E 261 -42.13 23.53 3.37
CA PHE E 261 -40.99 23.14 2.52
C PHE E 261 -40.96 23.78 1.14
N THR E 262 -41.98 24.57 0.79
CA THR E 262 -41.95 25.43 -0.41
C THR E 262 -41.89 26.91 -0.06
N ASP E 263 -41.77 27.24 1.23
CA ASP E 263 -41.71 28.65 1.61
C ASP E 263 -40.24 29.13 1.63
N TYR E 264 -39.76 29.54 0.45
CA TYR E 264 -38.32 29.78 0.25
C TYR E 264 -37.82 31.02 0.95
N LYS E 265 -38.64 32.05 1.03
CA LYS E 265 -38.27 33.20 1.82
C LYS E 265 -38.10 32.84 3.30
N LEU E 266 -39.02 32.05 3.85
CA LEU E 266 -38.87 31.53 5.21
C LEU E 266 -37.58 30.76 5.33
N ILE E 267 -37.35 29.83 4.42
CA ILE E 267 -36.21 28.95 4.55
C ILE E 267 -34.91 29.79 4.47
N ALA E 268 -34.94 30.86 3.68
CA ALA E 268 -33.81 31.81 3.64
C ALA E 268 -33.48 32.38 5.02
N GLU E 269 -34.51 32.87 5.71
CA GLU E 269 -34.34 33.44 7.00
C GLU E 269 -33.85 32.39 7.98
N LEU E 270 -34.41 31.19 7.88
CA LEU E 270 -34.04 30.10 8.78
C LEU E 270 -32.60 29.65 8.58
N SER E 271 -32.10 29.86 7.40
CA SER E 271 -30.75 29.47 7.05
C SER E 271 -29.66 30.40 7.62
N LYS E 272 -30.03 31.60 8.01
CA LYS E 272 -29.08 32.54 8.62
C LYS E 272 -28.51 32.09 9.98
N GLU E 273 -27.22 32.38 10.15
CA GLU E 273 -26.42 31.90 11.28
C GLU E 273 -26.64 30.38 11.47
N GLY F 15 -30.09 36.37 -22.68
CA GLY F 15 -29.77 37.77 -23.11
C GLY F 15 -29.02 38.57 -22.06
N MET F 16 -29.39 38.37 -20.80
CA MET F 16 -28.74 39.03 -19.67
C MET F 16 -27.33 38.50 -19.42
N ALA F 17 -27.15 37.18 -19.62
CA ALA F 17 -25.83 36.53 -19.50
C ALA F 17 -24.81 37.05 -20.53
N GLU F 18 -25.28 37.20 -21.77
CA GLU F 18 -24.43 37.63 -22.89
C GLU F 18 -23.92 39.05 -22.68
N MET F 19 -24.70 39.82 -21.93
CA MET F 19 -24.32 41.16 -21.44
C MET F 19 -22.96 41.14 -20.71
N GLN F 20 -22.69 40.09 -19.96
CA GLN F 20 -21.37 39.96 -19.30
C GLN F 20 -20.17 39.65 -20.23
N LYS F 21 -20.42 39.25 -21.48
CA LYS F 21 -19.34 38.78 -22.35
C LYS F 21 -18.16 39.74 -22.45
N GLY F 22 -16.95 39.15 -22.42
CA GLY F 22 -15.68 39.87 -22.40
C GLY F 22 -15.22 40.26 -20.98
N GLY F 23 -16.06 39.98 -19.98
CA GLY F 23 -15.74 40.42 -18.65
C GLY F 23 -15.08 39.45 -17.68
N VAL F 24 -14.82 39.99 -16.50
CA VAL F 24 -14.28 39.23 -15.39
C VAL F 24 -15.30 39.16 -14.26
N ILE F 25 -15.49 37.95 -13.75
CA ILE F 25 -16.29 37.73 -12.57
C ILE F 25 -15.36 37.33 -11.42
N MET F 26 -15.57 37.96 -10.29
CA MET F 26 -14.68 37.79 -9.13
C MET F 26 -15.39 37.19 -7.93
N ASP F 27 -14.76 36.16 -7.36
CA ASP F 27 -15.20 35.57 -6.08
C ASP F 27 -14.92 36.57 -5.00
N VAL F 28 -15.94 36.80 -4.17
CA VAL F 28 -15.88 37.78 -3.08
C VAL F 28 -16.55 37.20 -1.86
N ILE F 29 -16.00 37.46 -0.69
CA ILE F 29 -16.56 36.91 0.54
C ILE F 29 -17.28 37.98 1.40
N ASN F 30 -17.15 39.25 1.08
CA ASN F 30 -17.78 40.27 1.91
C ASN F 30 -17.98 41.53 1.07
N ALA F 31 -18.60 42.54 1.69
CA ALA F 31 -18.86 43.82 1.05
C ALA F 31 -17.62 44.50 0.55
N GLU F 32 -16.53 44.39 1.29
CA GLU F 32 -15.32 45.14 0.99
C GLU F 32 -14.73 44.61 -0.30
N GLN F 33 -14.62 43.28 -0.39
CA GLN F 33 -14.08 42.62 -1.56
C GLN F 33 -14.98 42.95 -2.74
N ALA F 34 -16.28 42.92 -2.50
CA ALA F 34 -17.24 43.14 -3.56
C ALA F 34 -17.06 44.53 -4.20
N LYS F 35 -16.91 45.54 -3.37
CA LYS F 35 -16.71 46.92 -3.86
C LYS F 35 -15.44 47.09 -4.65
N ILE F 36 -14.36 46.50 -4.16
CA ILE F 36 -13.10 46.48 -4.87
C ILE F 36 -13.27 45.88 -6.27
N ALA F 37 -13.90 44.71 -6.34
CA ALA F 37 -14.17 44.03 -7.60
C ALA F 37 -14.94 44.95 -8.56
N GLU F 38 -16.00 45.55 -8.04
CA GLU F 38 -16.81 46.45 -8.86
C GLU F 38 -15.97 47.62 -9.37
N GLU F 39 -15.20 48.20 -8.46
CA GLU F 39 -14.37 49.36 -8.75
C GLU F 39 -13.29 49.00 -9.76
N ALA F 40 -12.80 47.77 -9.72
CA ALA F 40 -11.78 47.29 -10.66
C ALA F 40 -12.30 47.09 -12.07
N GLY F 41 -13.63 47.04 -12.23
CA GLY F 41 -14.26 46.79 -13.51
C GLY F 41 -14.78 45.39 -13.70
N ALA F 42 -14.97 44.62 -12.63
CA ALA F 42 -15.67 43.32 -12.69
C ALA F 42 -17.06 43.47 -13.30
N VAL F 43 -17.51 42.50 -14.11
CA VAL F 43 -18.88 42.53 -14.67
C VAL F 43 -19.89 41.93 -13.70
N ALA F 44 -19.40 41.08 -12.80
CA ALA F 44 -20.21 40.52 -11.74
C ALA F 44 -19.30 40.02 -10.64
N VAL F 45 -19.90 39.76 -9.49
CA VAL F 45 -19.23 39.10 -8.37
C VAL F 45 -19.95 37.81 -8.03
N MET F 46 -19.18 36.81 -7.58
CA MET F 46 -19.68 35.56 -7.08
C MET F 46 -19.49 35.58 -5.56
N ALA F 47 -20.59 35.69 -4.82
CA ALA F 47 -20.57 35.68 -3.36
C ALA F 47 -20.30 34.28 -2.83
N LEU F 48 -19.32 34.20 -1.95
CA LEU F 48 -18.82 32.93 -1.42
C LEU F 48 -18.74 32.94 0.07
N GLU F 49 -18.73 31.75 0.64
CA GLU F 49 -18.33 31.54 2.02
C GLU F 49 -17.06 30.70 2.04
N GLY F 60 -15.28 17.40 4.94
CA GLY F 60 -16.19 18.54 5.15
C GLY F 60 -17.16 18.73 3.99
N VAL F 61 -18.42 19.06 4.29
CA VAL F 61 -19.43 19.24 3.26
C VAL F 61 -19.54 20.73 2.96
N ALA F 62 -19.45 21.09 1.68
CA ALA F 62 -19.58 22.45 1.24
C ALA F 62 -20.99 22.68 0.64
N ARG F 63 -21.71 23.62 1.25
CA ARG F 63 -23.10 23.90 0.98
C ARG F 63 -23.26 25.35 0.49
N MET F 64 -24.51 25.75 0.27
CA MET F 64 -24.86 27.11 -0.04
C MET F 64 -24.32 28.04 1.10
N ALA F 65 -23.86 29.24 0.71
CA ALA F 65 -23.34 30.21 1.69
C ALA F 65 -24.47 30.66 2.57
N ASP F 66 -24.11 31.02 3.80
CA ASP F 66 -25.01 31.74 4.66
C ASP F 66 -25.67 32.87 3.87
N PRO F 67 -27.01 32.89 3.78
CA PRO F 67 -27.71 33.97 3.08
C PRO F 67 -27.27 35.38 3.52
N THR F 68 -26.81 35.52 4.76
CA THR F 68 -26.33 36.80 5.29
C THR F 68 -25.17 37.35 4.45
N ILE F 69 -24.29 36.45 4.03
CA ILE F 69 -23.13 36.81 3.23
C ILE F 69 -23.59 37.25 1.84
N VAL F 70 -24.49 36.48 1.26
CA VAL F 70 -25.04 36.79 -0.06
C VAL F 70 -25.76 38.17 -0.07
N GLU F 71 -26.49 38.45 1.01
CA GLU F 71 -27.22 39.73 1.10
C GLU F 71 -26.23 40.87 1.30
N GLU F 72 -25.23 40.66 2.16
CA GLU F 72 -24.15 41.65 2.32
C GLU F 72 -23.58 42.06 0.96
N VAL F 73 -23.27 41.09 0.10
CA VAL F 73 -22.70 41.37 -1.20
C VAL F 73 -23.70 42.05 -2.14
N MET F 74 -24.94 41.59 -2.13
CA MET F 74 -26.00 42.20 -2.93
C MET F 74 -26.23 43.70 -2.60
N ASN F 75 -26.05 44.05 -1.32
CA ASN F 75 -26.27 45.41 -0.84
C ASN F 75 -25.04 46.28 -1.06
N ALA F 76 -23.92 45.65 -1.37
CA ALA F 76 -22.64 46.33 -1.46
C ALA F 76 -22.31 46.85 -2.84
N VAL F 77 -22.99 46.37 -3.88
CA VAL F 77 -22.64 46.75 -5.26
C VAL F 77 -23.85 46.89 -6.15
N SER F 78 -23.65 47.40 -7.35
CA SER F 78 -24.73 47.51 -8.31
C SER F 78 -24.56 46.57 -9.48
N ILE F 79 -23.45 45.84 -9.54
CA ILE F 79 -23.27 44.88 -10.61
C ILE F 79 -23.99 43.58 -10.19
N PRO F 80 -24.23 42.69 -11.14
CA PRO F 80 -24.84 41.41 -10.84
C PRO F 80 -24.08 40.58 -9.81
N VAL F 81 -24.85 39.87 -9.01
CA VAL F 81 -24.31 39.03 -7.94
C VAL F 81 -24.79 37.64 -8.20
N MET F 82 -23.83 36.73 -8.20
CA MET F 82 -24.08 35.34 -8.32
C MET F 82 -23.79 34.62 -6.98
N ALA F 83 -24.38 33.45 -6.84
CA ALA F 83 -24.12 32.57 -5.72
C ALA F 83 -24.23 31.11 -6.14
N LYS F 84 -23.62 30.24 -5.32
CA LYS F 84 -23.52 28.82 -5.58
C LYS F 84 -24.55 27.96 -4.86
N ALA F 85 -25.05 26.97 -5.61
CA ALA F 85 -25.93 25.93 -5.05
C ALA F 85 -25.32 24.57 -5.35
N ARG F 86 -25.49 23.63 -4.42
CA ARG F 86 -25.06 22.26 -4.65
C ARG F 86 -25.78 21.65 -5.83
N ILE F 87 -25.10 20.80 -6.61
CA ILE F 87 -25.73 20.13 -7.75
C ILE F 87 -26.97 19.38 -7.24
N GLY F 88 -28.10 19.60 -7.90
CA GLY F 88 -29.32 18.93 -7.55
C GLY F 88 -30.02 19.47 -6.31
N HIS F 89 -29.47 20.48 -5.64
CA HIS F 89 -30.13 20.95 -4.40
C HIS F 89 -31.22 21.97 -4.75
N ILE F 90 -32.43 21.44 -4.94
CA ILE F 90 -33.57 22.20 -5.40
C ILE F 90 -33.85 23.38 -4.48
N VAL F 91 -33.83 23.11 -3.18
CA VAL F 91 -34.21 24.09 -2.23
C VAL F 91 -33.13 25.15 -2.07
N GLU F 92 -31.86 24.79 -2.07
CA GLU F 92 -30.82 25.82 -2.04
C GLU F 92 -31.02 26.76 -3.21
N ALA F 93 -31.27 26.19 -4.39
CA ALA F 93 -31.44 27.02 -5.60
C ALA F 93 -32.72 27.88 -5.51
N ARG F 94 -33.85 27.29 -5.08
CA ARG F 94 -35.05 28.09 -4.86
C ARG F 94 -34.88 29.19 -3.81
N VAL F 95 -34.08 28.94 -2.78
CA VAL F 95 -33.79 29.96 -1.73
C VAL F 95 -33.00 31.11 -2.30
N LEU F 96 -31.96 30.81 -3.08
CA LEU F 96 -31.20 31.86 -3.73
C LEU F 96 -32.05 32.67 -4.70
N GLU F 97 -32.90 31.98 -5.44
CA GLU F 97 -33.80 32.65 -6.33
C GLU F 97 -34.70 33.64 -5.57
N ALA F 98 -35.32 33.17 -4.49
CA ALA F 98 -36.20 33.96 -3.64
C ALA F 98 -35.44 35.16 -3.05
N MET F 99 -34.15 34.98 -2.84
CA MET F 99 -33.31 36.03 -2.30
C MET F 99 -32.99 37.17 -3.29
N GLY F 100 -33.23 36.92 -4.58
CA GLY F 100 -32.97 37.92 -5.64
C GLY F 100 -31.54 37.93 -6.20
N VAL F 101 -30.79 36.83 -6.02
CA VAL F 101 -29.49 36.75 -6.69
C VAL F 101 -29.75 36.86 -8.20
N ASP F 102 -28.74 37.29 -8.94
CA ASP F 102 -28.91 37.48 -10.36
C ASP F 102 -28.66 36.22 -11.13
N TYR F 103 -27.79 35.35 -10.60
CA TYR F 103 -27.42 34.08 -11.22
C TYR F 103 -27.08 33.09 -10.13
N ILE F 104 -27.40 31.83 -10.43
CA ILE F 104 -27.00 30.75 -9.57
C ILE F 104 -26.02 29.87 -10.34
N ASP F 105 -24.92 29.56 -9.70
CA ASP F 105 -23.97 28.61 -10.22
C ASP F 105 -24.26 27.29 -9.52
N GLU F 106 -24.75 26.33 -10.31
CA GLU F 106 -24.93 24.96 -9.84
C GLU F 106 -23.57 24.30 -9.89
N SER F 107 -22.89 24.32 -8.75
CA SER F 107 -21.43 24.14 -8.74
C SER F 107 -20.91 22.82 -8.18
N GLU F 108 -20.08 22.19 -9.00
CA GLU F 108 -19.38 20.97 -8.63
C GLU F 108 -18.29 21.26 -7.59
N VAL F 109 -17.98 22.51 -7.31
CA VAL F 109 -17.07 22.83 -6.22
C VAL F 109 -17.74 22.67 -4.85
N LEU F 110 -19.04 22.89 -4.75
CA LEU F 110 -19.77 22.50 -3.55
C LEU F 110 -19.98 20.99 -3.58
N THR F 111 -20.38 20.42 -2.45
CA THR F 111 -20.51 18.95 -2.33
C THR F 111 -21.83 18.56 -3.02
N PRO F 112 -21.78 17.75 -4.08
CA PRO F 112 -23.07 17.45 -4.73
C PRO F 112 -24.15 16.94 -3.79
N ALA F 113 -25.36 17.46 -3.95
CA ALA F 113 -26.53 17.00 -3.15
C ALA F 113 -27.22 15.84 -3.85
N ASP F 114 -27.03 15.73 -5.17
CA ASP F 114 -27.60 14.67 -5.99
C ASP F 114 -26.51 14.24 -6.96
N GLU F 115 -26.09 12.99 -6.87
CA GLU F 115 -25.02 12.51 -7.71
C GLU F 115 -25.51 11.93 -9.01
N GLU F 116 -26.83 11.96 -9.24
CA GLU F 116 -27.39 11.36 -10.44
C GLU F 116 -28.14 12.34 -11.34
N PHE F 117 -28.68 13.40 -10.75
CA PHE F 117 -29.54 14.32 -11.50
C PHE F 117 -29.13 15.75 -11.18
N HIS F 118 -28.90 16.56 -12.19
CA HIS F 118 -28.77 18.00 -12.02
C HIS F 118 -30.16 18.66 -11.86
N LEU F 119 -30.16 19.91 -11.44
CA LEU F 119 -31.37 20.66 -11.33
C LEU F 119 -32.06 20.80 -12.69
N ASN F 120 -33.39 20.78 -12.66
CA ASN F 120 -34.17 21.17 -13.85
C ASN F 120 -34.28 22.70 -13.87
N LYS F 121 -33.21 23.31 -14.34
CA LYS F 121 -33.08 24.76 -14.39
C LYS F 121 -34.14 25.43 -15.30
N ASN F 122 -34.70 24.66 -16.24
CA ASN F 122 -35.87 25.12 -17.06
C ASN F 122 -37.05 25.60 -16.20
N GLU F 123 -37.17 25.06 -14.99
CA GLU F 123 -38.27 25.42 -14.11
C GLU F 123 -38.09 26.63 -13.20
N TYR F 124 -36.95 27.27 -13.31
CA TYR F 124 -36.60 28.41 -12.48
C TYR F 124 -36.70 29.65 -13.31
N THR F 125 -36.87 30.76 -12.62
CA THR F 125 -36.85 32.06 -13.26
C THR F 125 -35.44 32.66 -13.33
N VAL F 126 -34.68 32.54 -12.27
CA VAL F 126 -33.29 32.99 -12.24
C VAL F 126 -32.40 32.15 -13.20
N PRO F 127 -31.51 32.81 -13.95
CA PRO F 127 -30.55 32.10 -14.81
C PRO F 127 -29.43 31.35 -14.05
N PHE F 128 -28.97 30.25 -14.60
CA PHE F 128 -27.97 29.42 -13.99
C PHE F 128 -26.73 29.39 -14.86
N VAL F 129 -25.59 29.29 -14.21
CA VAL F 129 -24.35 28.87 -14.85
C VAL F 129 -24.01 27.42 -14.42
N CYS F 130 -23.52 26.63 -15.39
CA CYS F 130 -23.04 25.29 -15.10
C CYS F 130 -21.68 25.09 -15.70
N GLY F 131 -20.91 24.20 -15.07
CA GLY F 131 -19.62 23.75 -15.56
C GLY F 131 -19.77 22.73 -16.69
N CYS F 132 -18.75 22.65 -17.55
CA CYS F 132 -18.65 21.61 -18.57
C CYS F 132 -17.21 21.41 -19.01
N ARG F 133 -16.92 20.21 -19.49
CA ARG F 133 -15.62 19.80 -19.95
C ARG F 133 -15.58 19.45 -21.42
N ASP F 134 -16.74 19.28 -22.03
CA ASP F 134 -16.82 18.86 -23.43
C ASP F 134 -18.17 19.28 -23.94
N LEU F 135 -18.39 19.13 -25.25
CA LEU F 135 -19.62 19.62 -25.85
C LEU F 135 -20.85 18.77 -25.47
N GLY F 136 -20.70 17.47 -25.25
CA GLY F 136 -21.77 16.66 -24.66
C GLY F 136 -22.27 17.22 -23.34
N GLU F 137 -21.34 17.46 -22.41
CA GLU F 137 -21.72 18.05 -21.12
C GLU F 137 -22.35 19.41 -21.32
N ALA F 138 -21.76 20.24 -22.17
CA ALA F 138 -22.28 21.58 -22.43
C ALA F 138 -23.73 21.53 -22.87
N THR F 139 -24.03 20.69 -23.86
CA THR F 139 -25.38 20.71 -24.42
C THR F 139 -26.42 20.04 -23.47
N ARG F 140 -25.98 19.07 -22.66
CA ARG F 140 -26.85 18.50 -21.65
C ARG F 140 -27.20 19.55 -20.61
N ARG F 141 -26.24 20.33 -20.13
CA ARG F 141 -26.50 21.40 -19.15
C ARG F 141 -27.45 22.46 -19.75
N ILE F 142 -27.20 22.83 -21.01
CA ILE F 142 -28.06 23.77 -21.70
C ILE F 142 -29.52 23.24 -21.81
N ALA F 143 -29.65 21.98 -22.21
CA ALA F 143 -30.95 21.36 -22.40
C ALA F 143 -31.70 21.28 -21.05
N GLU F 144 -30.95 21.09 -19.96
CA GLU F 144 -31.58 21.15 -18.61
C GLU F 144 -31.95 22.59 -18.25
N GLY F 145 -31.48 23.55 -19.01
CA GLY F 145 -31.88 24.93 -18.76
C GLY F 145 -30.78 25.91 -18.39
N ALA F 146 -29.49 25.51 -18.42
CA ALA F 146 -28.38 26.46 -18.16
C ALA F 146 -28.42 27.67 -19.14
N SER F 147 -28.28 28.88 -18.62
CA SER F 147 -28.25 30.09 -19.44
C SER F 147 -26.82 30.50 -19.72
N MET F 148 -25.87 29.83 -19.09
CA MET F 148 -24.49 30.23 -19.16
C MET F 148 -23.60 29.05 -18.80
N LEU F 149 -22.44 28.96 -19.43
CA LEU F 149 -21.52 27.90 -19.13
C LEU F 149 -20.16 28.44 -18.69
N ARG F 150 -19.40 27.52 -18.10
CA ARG F 150 -18.01 27.73 -17.80
C ARG F 150 -17.27 26.40 -17.82
N THR F 151 -15.94 26.49 -17.91
CA THR F 151 -15.13 25.35 -17.75
C THR F 151 -15.21 24.89 -16.30
N LYS F 152 -14.98 23.61 -16.10
CA LYS F 152 -14.84 23.10 -14.75
C LYS F 152 -13.45 23.46 -14.24
N GLY F 153 -12.46 23.55 -15.12
CA GLY F 153 -11.12 23.93 -14.73
C GLY F 153 -10.63 22.97 -13.67
N GLU F 154 -9.79 23.50 -12.78
CA GLU F 154 -9.20 22.83 -11.63
C GLU F 154 -9.06 23.93 -10.56
N PRO F 155 -10.10 24.13 -9.76
CA PRO F 155 -10.16 25.20 -8.76
C PRO F 155 -9.15 25.14 -7.61
N GLY F 156 -8.75 26.31 -7.14
CA GLY F 156 -7.77 26.40 -6.06
C GLY F 156 -6.40 25.75 -6.28
N THR F 157 -5.97 25.51 -7.52
CA THR F 157 -4.60 25.03 -7.79
C THR F 157 -3.72 26.10 -8.40
N GLY F 158 -4.33 27.14 -8.95
CA GLY F 158 -3.62 28.11 -9.79
C GLY F 158 -3.05 27.56 -11.11
N ASN F 159 -3.43 26.35 -11.46
CA ASN F 159 -2.98 25.68 -12.67
C ASN F 159 -4.06 25.80 -13.73
N ILE F 160 -3.71 26.43 -14.84
CA ILE F 160 -4.63 26.77 -15.92
C ILE F 160 -4.93 25.57 -16.85
N VAL F 161 -4.20 24.46 -16.67
CA VAL F 161 -4.16 23.38 -17.68
C VAL F 161 -5.55 22.76 -17.97
N GLU F 162 -6.36 22.58 -16.93
CA GLU F 162 -7.68 21.94 -17.14
C GLU F 162 -8.69 22.90 -17.78
N ALA F 163 -8.66 24.18 -17.41
CA ALA F 163 -9.50 25.18 -18.07
C ALA F 163 -9.13 25.22 -19.54
N VAL F 164 -7.85 25.22 -19.83
CA VAL F 164 -7.35 25.14 -21.21
C VAL F 164 -7.93 23.91 -21.91
N ARG F 165 -7.83 22.76 -21.26
CA ARG F 165 -8.31 21.49 -21.80
C ARG F 165 -9.80 21.59 -22.13
N HIS F 166 -10.59 22.14 -21.20
CA HIS F 166 -12.04 22.16 -21.36
C HIS F 166 -12.48 23.15 -22.41
N MET F 167 -11.89 24.34 -22.38
CA MET F 167 -12.21 25.36 -23.36
C MET F 167 -11.78 24.88 -24.77
N ARG F 168 -10.62 24.28 -24.87
CA ARG F 168 -10.20 23.76 -26.19
C ARG F 168 -11.09 22.66 -26.68
N LYS F 169 -11.48 21.75 -25.78
CA LYS F 169 -12.31 20.64 -26.17
C LYS F 169 -13.68 21.09 -26.67
N VAL F 170 -14.37 21.88 -25.89
CA VAL F 170 -15.67 22.41 -26.30
C VAL F 170 -15.54 23.14 -27.64
N ASN F 171 -14.52 24.00 -27.77
CA ASN F 171 -14.42 24.79 -28.98
C ASN F 171 -14.04 23.97 -30.22
N ALA F 172 -13.20 22.98 -30.01
CA ALA F 172 -12.80 22.10 -31.08
C ALA F 172 -14.01 21.31 -31.54
N GLN F 173 -14.80 20.86 -30.58
CA GLN F 173 -15.98 20.05 -30.92
C GLN F 173 -17.05 20.87 -31.63
N VAL F 174 -17.17 22.15 -31.27
CA VAL F 174 -18.08 23.05 -31.92
C VAL F 174 -17.64 23.32 -33.36
N ARG F 175 -16.37 23.61 -33.58
CA ARG F 175 -15.89 23.83 -34.94
C ARG F 175 -16.15 22.62 -35.84
N LYS F 176 -15.91 21.44 -35.32
CA LYS F 176 -16.19 20.23 -36.09
C LYS F 176 -17.69 20.09 -36.41
N VAL F 177 -18.54 20.34 -35.41
CA VAL F 177 -19.97 20.25 -35.61
C VAL F 177 -20.41 21.26 -36.66
N VAL F 178 -19.86 22.46 -36.60
CA VAL F 178 -20.25 23.51 -37.54
C VAL F 178 -19.87 23.16 -38.96
N ALA F 179 -18.75 22.48 -39.12
CA ALA F 179 -18.19 22.10 -40.43
C ALA F 179 -18.69 20.79 -41.02
N MET F 180 -19.26 19.91 -40.20
CA MET F 180 -19.41 18.55 -40.67
C MET F 180 -20.68 18.43 -41.47
N SER F 181 -20.77 17.33 -42.22
CA SER F 181 -21.92 17.08 -43.07
C SER F 181 -23.12 16.89 -42.16
N GLU F 182 -24.24 17.55 -42.48
CA GLU F 182 -25.46 17.47 -41.60
C GLU F 182 -25.95 16.05 -41.41
N ASP F 183 -25.83 15.22 -42.44
CA ASP F 183 -26.24 13.85 -42.31
C ASP F 183 -25.41 12.97 -41.36
N GLU F 184 -24.26 13.47 -40.88
CA GLU F 184 -23.41 12.76 -39.90
C GLU F 184 -23.62 13.25 -38.44
N LEU F 185 -24.48 14.25 -38.29
CA LEU F 185 -24.73 14.84 -36.95
C LEU F 185 -25.41 13.92 -35.92
N MET F 186 -26.34 13.06 -36.35
CA MET F 186 -26.93 12.12 -35.38
C MET F 186 -25.91 11.13 -34.77
N THR F 187 -25.02 10.56 -35.62
CA THR F 187 -23.90 9.76 -35.08
C THR F 187 -23.04 10.60 -34.12
N GLU F 188 -22.76 11.83 -34.51
CA GLU F 188 -22.03 12.71 -33.62
C GLU F 188 -22.76 12.95 -32.30
N ALA F 189 -24.06 13.24 -32.36
CA ALA F 189 -24.86 13.47 -31.15
C ALA F 189 -24.86 12.23 -30.26
N LYS F 190 -24.99 11.07 -30.86
CA LYS F 190 -24.98 9.86 -30.10
C LYS F 190 -23.63 9.62 -29.44
N ASN F 191 -22.56 9.87 -30.18
CA ASN F 191 -21.22 9.76 -29.66
C ASN F 191 -20.96 10.73 -28.51
N LEU F 192 -21.44 11.96 -28.65
CA LEU F 192 -21.23 13.00 -27.63
C LEU F 192 -22.17 12.88 -26.44
N GLY F 193 -23.28 12.17 -26.62
CA GLY F 193 -24.38 12.27 -25.66
C GLY F 193 -25.01 13.66 -25.67
N ALA F 194 -25.09 14.25 -26.85
CA ALA F 194 -25.66 15.59 -27.03
C ALA F 194 -27.10 15.50 -27.53
N PRO F 195 -28.00 16.33 -26.97
CA PRO F 195 -29.32 16.52 -27.56
C PRO F 195 -29.22 16.95 -29.00
N TYR F 196 -29.77 16.13 -29.88
CA TYR F 196 -29.62 16.35 -31.32
C TYR F 196 -30.03 17.76 -31.79
N GLU F 197 -31.13 18.27 -31.28
CA GLU F 197 -31.69 19.55 -31.77
C GLU F 197 -30.81 20.73 -31.35
N LEU F 198 -30.09 20.61 -30.25
CA LEU F 198 -29.09 21.63 -29.88
C LEU F 198 -27.90 21.59 -30.79
N LEU F 199 -27.43 20.38 -31.11
CA LEU F 199 -26.32 20.24 -32.00
C LEU F 199 -26.63 20.80 -33.37
N LEU F 200 -27.85 20.52 -33.84
CA LEU F 200 -28.30 21.04 -35.12
C LEU F 200 -28.35 22.58 -35.10
N GLN F 201 -28.84 23.12 -33.99
CA GLN F 201 -28.88 24.57 -33.86
C GLN F 201 -27.48 25.17 -33.74
N ILE F 202 -26.58 24.47 -33.06
CA ILE F 202 -25.18 24.90 -33.02
C ILE F 202 -24.60 24.96 -34.44
N LYS F 203 -24.89 23.95 -35.25
CA LYS F 203 -24.38 23.95 -36.60
C LYS F 203 -24.96 25.16 -37.35
N LYS F 204 -26.23 25.45 -37.13
CA LYS F 204 -26.89 26.51 -37.88
C LYS F 204 -26.43 27.88 -37.47
N ASP F 205 -26.17 28.07 -36.16
CA ASP F 205 -25.80 29.36 -35.61
C ASP F 205 -24.32 29.58 -35.72
N GLY F 206 -23.54 28.50 -35.86
CA GLY F 206 -22.10 28.63 -35.93
C GLY F 206 -21.41 28.74 -34.59
N LYS F 207 -22.15 28.50 -33.50
CA LYS F 207 -21.65 28.70 -32.16
C LYS F 207 -22.65 28.15 -31.14
N LEU F 208 -22.20 28.10 -29.90
CA LEU F 208 -23.08 27.79 -28.79
C LEU F 208 -24.13 28.85 -28.60
N PRO F 209 -25.27 28.46 -28.04
CA PRO F 209 -26.30 29.44 -27.80
C PRO F 209 -26.13 30.27 -26.54
N VAL F 210 -25.13 29.95 -25.71
CA VAL F 210 -24.92 30.66 -24.44
C VAL F 210 -23.42 30.96 -24.36
N VAL F 211 -23.06 31.94 -23.55
CA VAL F 211 -21.66 32.25 -23.33
C VAL F 211 -21.03 31.17 -22.46
N ASN F 212 -19.73 31.02 -22.66
CA ASN F 212 -18.88 30.02 -22.00
C ASN F 212 -17.62 30.69 -21.51
N PHE F 213 -17.49 30.78 -20.19
CA PHE F 213 -16.44 31.50 -19.53
C PHE F 213 -15.38 30.50 -19.08
N ALA F 214 -14.15 30.98 -18.93
CA ALA F 214 -13.11 30.15 -18.31
C ALA F 214 -13.29 30.24 -16.80
N ALA F 215 -13.00 29.14 -16.11
CA ALA F 215 -13.01 29.10 -14.64
C ALA F 215 -12.19 27.96 -14.11
N GLY F 216 -11.43 28.25 -13.08
CA GLY F 216 -10.72 27.26 -12.31
C GLY F 216 -9.28 27.35 -12.75
N GLY F 217 -8.48 28.09 -12.00
CA GLY F 217 -7.03 28.08 -12.20
C GLY F 217 -6.41 29.27 -12.90
N VAL F 218 -7.22 30.29 -13.18
CA VAL F 218 -6.68 31.51 -13.77
C VAL F 218 -5.93 32.23 -12.63
N ALA F 219 -4.60 32.33 -12.75
CA ALA F 219 -3.81 32.91 -11.73
C ALA F 219 -3.18 34.25 -12.10
N THR F 220 -2.89 34.47 -13.39
CA THR F 220 -2.11 35.62 -13.83
C THR F 220 -2.80 36.38 -14.95
N PRO F 221 -2.42 37.64 -15.17
CA PRO F 221 -2.98 38.36 -16.34
C PRO F 221 -2.84 37.57 -17.67
N ALA F 222 -1.69 36.92 -17.86
CA ALA F 222 -1.43 36.16 -19.07
C ALA F 222 -2.40 34.99 -19.21
N ASP F 223 -2.75 34.37 -18.09
CA ASP F 223 -3.69 33.21 -18.06
C ASP F 223 -5.06 33.67 -18.48
N ALA F 224 -5.45 34.81 -17.94
CA ALA F 224 -6.78 35.38 -18.25
C ALA F 224 -6.87 35.65 -19.75
N ALA F 225 -5.86 36.32 -20.29
CA ALA F 225 -5.82 36.62 -21.71
C ALA F 225 -5.71 35.35 -22.57
N LEU F 226 -4.92 34.39 -22.13
CA LEU F 226 -4.86 33.08 -22.81
C LEU F 226 -6.28 32.46 -23.02
N MET F 227 -7.09 32.45 -21.98
CA MET F 227 -8.40 31.78 -22.10
C MET F 227 -9.27 32.49 -23.13
N MET F 228 -9.18 33.83 -23.18
CA MET F 228 -9.84 34.62 -24.21
C MET F 228 -9.33 34.30 -25.62
N GLN F 229 -8.02 34.20 -25.77
CA GLN F 229 -7.41 33.78 -27.04
C GLN F 229 -7.89 32.40 -27.46
N LEU F 230 -8.16 31.52 -26.52
CA LEU F 230 -8.67 30.16 -26.81
C LEU F 230 -10.17 30.10 -27.09
N GLY F 231 -10.84 31.23 -26.99
CA GLY F 231 -12.27 31.32 -27.40
C GLY F 231 -13.25 31.51 -26.24
N ALA F 232 -12.75 31.73 -25.03
CA ALA F 232 -13.65 31.92 -23.87
C ALA F 232 -14.40 33.25 -24.04
N ASP F 233 -15.60 33.34 -23.46
CA ASP F 233 -16.39 34.55 -23.52
C ASP F 233 -16.09 35.47 -22.38
N GLY F 234 -15.28 35.01 -21.43
CA GLY F 234 -15.00 35.78 -20.25
C GLY F 234 -14.33 34.86 -19.27
N VAL F 235 -14.07 35.38 -18.07
CA VAL F 235 -13.23 34.71 -17.10
C VAL F 235 -13.81 34.87 -15.68
N PHE F 236 -13.89 33.74 -14.93
CA PHE F 236 -14.12 33.78 -13.48
C PHE F 236 -12.74 33.64 -12.81
N VAL F 237 -12.46 34.50 -11.84
CA VAL F 237 -11.29 34.35 -11.01
C VAL F 237 -11.65 34.27 -9.56
N GLY F 238 -10.73 33.64 -8.81
CA GLY F 238 -10.92 33.32 -7.41
C GLY F 238 -10.35 34.31 -6.39
N SER F 239 -10.33 33.87 -5.14
CA SER F 239 -10.01 34.72 -4.00
C SER F 239 -8.54 35.17 -3.94
N GLY F 240 -7.70 34.56 -4.75
CA GLY F 240 -6.28 34.94 -4.89
C GLY F 240 -6.02 36.41 -5.18
N ILE F 241 -6.97 37.06 -5.87
CA ILE F 241 -6.96 38.51 -6.01
C ILE F 241 -6.72 39.18 -4.65
N PHE F 242 -7.44 38.73 -3.64
CA PHE F 242 -7.41 39.37 -2.32
C PHE F 242 -6.27 38.91 -1.44
N LYS F 243 -5.58 37.85 -1.87
CA LYS F 243 -4.34 37.44 -1.22
C LYS F 243 -3.16 38.36 -1.58
N SER F 244 -3.24 39.09 -2.68
CA SER F 244 -2.16 39.99 -3.06
C SER F 244 -2.05 41.21 -2.13
N ASP F 245 -0.87 41.84 -2.13
CA ASP F 245 -0.58 43.02 -1.31
C ASP F 245 -1.38 44.24 -1.77
N ASN F 246 -1.70 44.26 -3.07
CA ASN F 246 -2.57 45.29 -3.64
C ASN F 246 -3.72 44.67 -4.48
N PRO F 247 -4.77 44.16 -3.80
CA PRO F 247 -5.96 43.61 -4.46
C PRO F 247 -6.55 44.46 -5.57
N ALA F 248 -6.82 45.73 -5.28
CA ALA F 248 -7.44 46.61 -6.27
C ALA F 248 -6.60 46.65 -7.57
N LYS F 249 -5.27 46.61 -7.41
CA LYS F 249 -4.39 46.79 -8.53
C LYS F 249 -4.39 45.50 -9.31
N PHE F 250 -4.32 44.40 -8.59
CA PHE F 250 -4.36 43.08 -9.21
C PHE F 250 -5.70 42.82 -9.92
N ALA F 251 -6.81 43.16 -9.25
CA ALA F 251 -8.15 43.04 -9.83
C ALA F 251 -8.22 43.81 -11.15
N LYS F 252 -7.71 45.03 -11.15
CA LYS F 252 -7.68 45.85 -12.36
C LYS F 252 -6.83 45.21 -13.45
N ALA F 253 -5.69 44.62 -13.07
CA ALA F 253 -4.79 43.98 -14.04
C ALA F 253 -5.48 42.79 -14.73
N ILE F 254 -6.22 41.99 -13.95
CA ILE F 254 -6.97 40.89 -14.53
C ILE F 254 -8.06 41.41 -15.49
N VAL F 255 -8.75 42.45 -15.11
CA VAL F 255 -9.80 43.01 -15.95
C VAL F 255 -9.23 43.51 -17.29
N GLU F 256 -8.16 44.30 -17.19
CA GLU F 256 -7.57 44.94 -18.36
C GLU F 256 -6.97 43.88 -19.33
N ALA F 257 -6.30 42.87 -18.79
CA ALA F 257 -5.75 41.73 -19.59
C ALA F 257 -6.86 40.89 -20.27
N THR F 258 -7.97 40.69 -19.59
CA THR F 258 -9.11 39.95 -20.13
C THR F 258 -9.75 40.72 -21.29
N THR F 259 -9.95 42.01 -21.13
CA THR F 259 -10.47 42.85 -22.21
C THR F 259 -9.49 42.99 -23.36
N HIS F 260 -8.27 43.36 -23.03
CA HIS F 260 -7.28 43.73 -24.02
C HIS F 260 -6.34 42.55 -24.15
N PHE F 261 -6.93 41.41 -24.53
CA PHE F 261 -6.23 40.12 -24.45
C PHE F 261 -5.21 39.85 -25.52
N THR F 262 -5.12 40.76 -26.51
CA THR F 262 -4.07 40.72 -27.53
C THR F 262 -3.05 41.86 -27.40
N ASP F 263 -3.13 42.66 -26.34
CA ASP F 263 -2.13 43.73 -26.12
C ASP F 263 -1.00 43.25 -25.23
N TYR F 264 0.04 42.73 -25.87
CA TYR F 264 1.10 41.99 -25.18
C TYR F 264 2.01 42.95 -24.44
N LYS F 265 2.15 44.19 -24.92
CA LYS F 265 2.90 45.18 -24.16
C LYS F 265 2.19 45.55 -22.87
N LEU F 266 0.90 45.81 -22.91
CA LEU F 266 0.16 45.98 -21.70
C LEU F 266 0.28 44.78 -20.78
N ILE F 267 0.08 43.58 -21.35
CA ILE F 267 0.03 42.40 -20.50
C ILE F 267 1.39 42.20 -19.81
N ALA F 268 2.47 42.47 -20.52
CA ALA F 268 3.81 42.43 -19.91
C ALA F 268 3.94 43.32 -18.68
N GLU F 269 3.55 44.58 -18.85
CA GLU F 269 3.58 45.52 -17.76
C GLU F 269 2.69 45.07 -16.62
N LEU F 270 1.49 44.58 -16.95
CA LEU F 270 0.61 44.05 -15.90
C LEU F 270 1.16 42.77 -15.23
N SER F 271 1.95 41.97 -15.95
CA SER F 271 2.52 40.77 -15.31
C SER F 271 3.60 41.08 -14.25
N LYS F 272 4.10 42.31 -14.21
CA LYS F 272 5.15 42.68 -13.24
C LYS F 272 4.66 42.73 -11.79
N GLU F 273 5.52 42.26 -10.88
CA GLU F 273 5.20 42.25 -9.46
C GLU F 273 3.86 41.56 -9.13
N LEU F 274 3.83 40.25 -9.25
CA LEU F 274 2.70 39.48 -8.73
C LEU F 274 3.18 38.48 -7.65
#